data_7JHY
#
_entry.id   7JHY
#
_cell.length_a   1.00
_cell.length_b   1.00
_cell.length_c   1.00
_cell.angle_alpha   90.00
_cell.angle_beta   90.00
_cell.angle_gamma   90.00
#
_symmetry.space_group_name_H-M   'P 1'
#
loop_
_entity.id
_entity.type
_entity.pdbx_description
1 polymer 'Csf2 (Cas7)'
2 polymer 'RNA (31-MER)'
3 polymer 'Csf4 (Cas11)'
#
loop_
_entity_poly.entity_id
_entity_poly.type
_entity_poly.pdbx_seq_one_letter_code
_entity_poly.pdbx_strand_id
1 'polypeptide(L)'
;MSWSHPQFEKGAMTLSTIRWDVDIIAQSSIVHRDDYTSVGSDTFTLFRREKIIGPDGQILQIPLISGSSFRGVLRRVGEA
LTAEVLGYEDVALPVPAAHLLTNGGRLAKSAHPLTDEEERNLKELLPQIAVFGGAASGRVMSGLLSVSKVLPEIAELAHL
LPRPPHSTPLLPAVLSVADESFTHLPDHRPSTGGAPRTDHADGSPLGRFAIETLPAGTRLQTWARLDNATEHQAAFFDNV
LSTFAAHGHLGGRSAAGHGQVTATVTATALRGSLPRPTVDWVNQLADDRDAAIAALTRLT
;
e,d,c,f,b,a
2 'polyribonucleotide' AUUUUUUUUUAUUAUUUUUAUUUUUUAUUUU z
3 'polypeptide(L)'
;MTTPTPTQVWRATVPELPPLVDEAGDTGSATARAADTAERLLLLLHYSIDWESSWVADPKHRKTYWDELLPGRVRRAAYR
ADTLDRWWSEVAGQLGAPAPRHRDRRLELATLLREPALPVITVLRDSLPALLLRVRIIAEAVAAQRGNNSAATSSADPNE
PA
;
h,g,j,k,i
#
loop_
_chem_comp.id
_chem_comp.type
_chem_comp.name
_chem_comp.formula
A RNA linking ADENOSINE-5'-MONOPHOSPHATE 'C10 H14 N5 O7 P'
U RNA linking URIDINE-5'-MONOPHOSPHATE 'C9 H13 N2 O9 P'
#
# COMPACT_ATOMS: atom_id res chain seq x y z
N ILE A 18 -13.90 22.29 -49.73
CA ILE A 18 -12.86 21.65 -48.95
C ILE A 18 -13.42 21.18 -47.62
N ARG A 19 -13.21 19.90 -47.30
CA ARG A 19 -13.55 19.38 -45.98
C ARG A 19 -12.27 18.99 -45.26
N TRP A 20 -12.32 19.07 -43.93
CA TRP A 20 -11.21 18.73 -43.05
C TRP A 20 -11.65 17.60 -42.15
N ASP A 21 -10.92 16.49 -42.19
CA ASP A 21 -11.17 15.36 -41.30
C ASP A 21 -10.22 15.47 -40.11
N VAL A 22 -10.77 15.46 -38.91
CA VAL A 22 -9.98 15.59 -37.69
C VAL A 22 -10.20 14.37 -36.81
N ASP A 23 -9.09 13.83 -36.32
CA ASP A 23 -9.08 12.79 -35.30
C ASP A 23 -8.55 13.43 -34.02
N ILE A 24 -9.28 13.23 -32.93
CA ILE A 24 -9.04 13.93 -31.68
C ILE A 24 -8.85 12.87 -30.60
N ILE A 25 -7.68 12.79 -30.01
CA ILE A 25 -7.46 11.90 -28.88
C ILE A 25 -7.40 12.74 -27.61
N ALA A 26 -8.19 12.34 -26.61
CA ALA A 26 -8.24 13.09 -25.37
C ALA A 26 -6.97 12.86 -24.56
N GLN A 27 -6.66 13.82 -23.71
CA GLN A 27 -5.56 13.69 -22.77
C GLN A 27 -6.02 13.82 -21.32
N SER A 28 -7.32 14.05 -21.11
CA SER A 28 -7.90 14.14 -19.78
C SER A 28 -9.38 13.83 -19.91
N SER A 29 -10.12 13.98 -18.81
CA SER A 29 -11.56 13.78 -18.85
C SER A 29 -12.23 14.92 -19.63
N ILE A 30 -13.34 14.59 -20.28
CA ILE A 30 -14.09 15.54 -21.09
C ILE A 30 -15.50 15.60 -20.50
N VAL A 31 -15.74 16.58 -19.64
CA VAL A 31 -17.07 16.75 -19.05
C VAL A 31 -17.91 17.66 -19.96
N HIS A 32 -19.12 17.21 -20.27
CA HIS A 32 -20.00 17.96 -21.16
C HIS A 32 -21.42 17.84 -20.60
N ARG A 33 -21.89 18.90 -19.95
CA ARG A 33 -23.09 18.85 -19.14
C ARG A 33 -24.33 18.65 -19.99
N ASP A 34 -25.37 18.08 -19.39
CA ASP A 34 -26.63 17.88 -20.08
C ASP A 34 -27.42 19.19 -20.15
N ASP A 35 -28.57 19.11 -20.82
CA ASP A 35 -29.51 20.22 -20.87
C ASP A 35 -30.86 19.76 -20.37
N ASP A 42 -29.04 19.01 -3.05
CA ASP A 42 -28.15 18.70 -1.93
C ASP A 42 -27.32 17.47 -2.24
N THR A 43 -26.03 17.71 -2.53
CA THR A 43 -25.05 16.68 -2.88
C THR A 43 -25.55 15.82 -4.04
N PHE A 44 -26.13 16.48 -5.04
CA PHE A 44 -26.78 15.81 -6.16
C PHE A 44 -25.84 15.78 -7.36
N THR A 45 -25.94 14.71 -8.14
CA THR A 45 -25.13 14.56 -9.33
C THR A 45 -25.74 15.31 -10.51
N LEU A 46 -25.04 15.26 -11.63
CA LEU A 46 -25.41 16.01 -12.82
C LEU A 46 -24.68 15.39 -14.01
N PHE A 47 -25.45 14.97 -15.01
CA PHE A 47 -25.09 13.84 -15.86
C PHE A 47 -24.26 14.28 -17.07
N ARG A 48 -24.09 13.37 -18.01
CA ARG A 48 -23.43 13.59 -19.28
C ARG A 48 -24.48 13.60 -20.38
N ARG A 49 -24.32 14.52 -21.34
CA ARG A 49 -25.28 14.65 -22.43
C ARG A 49 -25.26 13.40 -23.30
N GLU A 50 -26.44 12.86 -23.59
CA GLU A 50 -26.58 11.62 -24.33
C GLU A 50 -27.62 11.79 -25.43
N LYS A 51 -27.28 11.34 -26.63
CA LYS A 51 -28.18 11.38 -27.78
C LYS A 51 -28.39 9.94 -28.23
N ILE A 52 -29.52 9.68 -28.88
CA ILE A 52 -29.93 8.31 -29.13
C ILE A 52 -29.57 7.92 -30.56
N ILE A 53 -29.50 6.60 -30.77
CA ILE A 53 -29.34 6.01 -32.10
C ILE A 53 -30.23 4.79 -32.19
N GLY A 54 -30.85 4.61 -33.36
CA GLY A 54 -31.42 3.34 -33.76
C GLY A 54 -30.54 2.52 -34.68
N PRO A 55 -29.43 1.91 -34.19
CA PRO A 55 -28.45 1.32 -35.10
C PRO A 55 -28.95 0.09 -35.85
N ASP A 56 -29.53 -0.88 -35.15
CA ASP A 56 -29.90 -2.17 -35.70
C ASP A 56 -31.29 -2.59 -35.25
N GLY A 57 -32.21 -1.64 -35.18
CA GLY A 57 -33.59 -1.91 -34.86
C GLY A 57 -34.02 -1.60 -33.44
N GLN A 58 -33.06 -1.38 -32.54
CA GLN A 58 -33.36 -1.07 -31.15
C GLN A 58 -32.81 0.31 -30.80
N ILE A 59 -33.41 0.93 -29.79
CA ILE A 59 -33.04 2.29 -29.39
C ILE A 59 -31.95 2.21 -28.35
N LEU A 60 -30.90 3.02 -28.51
CA LEU A 60 -29.81 3.08 -27.57
C LEU A 60 -29.44 4.52 -27.29
N GLN A 61 -28.90 4.77 -26.09
CA GLN A 61 -28.39 6.08 -25.71
C GLN A 61 -26.87 6.03 -25.75
N ILE A 62 -26.26 7.01 -26.42
CA ILE A 62 -24.80 7.07 -26.45
C ILE A 62 -24.37 8.49 -26.10
N PRO A 63 -23.23 8.67 -25.43
CA PRO A 63 -22.76 10.03 -25.15
C PRO A 63 -22.00 10.61 -26.34
N LEU A 64 -22.24 11.90 -26.58
CA LEU A 64 -21.53 12.63 -27.62
C LEU A 64 -21.69 14.11 -27.37
N ILE A 65 -20.60 14.86 -27.57
CA ILE A 65 -20.68 16.32 -27.57
C ILE A 65 -21.47 16.76 -28.78
N SER A 66 -22.41 17.68 -28.58
CA SER A 66 -23.21 18.20 -29.68
C SER A 66 -22.33 18.92 -30.69
N GLY A 67 -22.71 18.83 -31.96
CA GLY A 67 -21.90 19.40 -33.01
C GLY A 67 -21.85 20.92 -32.96
N SER A 68 -22.84 21.54 -32.34
CA SER A 68 -22.83 22.99 -32.19
C SER A 68 -21.78 23.46 -31.18
N SER A 69 -21.41 22.61 -30.21
CA SER A 69 -20.37 23.00 -29.26
C SER A 69 -19.02 23.15 -29.94
N PHE A 70 -18.71 22.24 -30.87
CA PHE A 70 -17.48 22.35 -31.65
C PHE A 70 -17.47 23.64 -32.48
N ARG A 71 -18.62 23.96 -33.08
CA ARG A 71 -18.75 25.19 -33.85
C ARG A 71 -18.57 26.42 -32.97
N GLY A 72 -19.13 26.39 -31.76
CA GLY A 72 -18.96 27.50 -30.85
C GLY A 72 -17.52 27.68 -30.37
N VAL A 73 -16.83 26.57 -30.11
CA VAL A 73 -15.42 26.63 -29.72
C VAL A 73 -14.60 27.22 -30.85
N LEU A 74 -14.85 26.77 -32.08
CA LEU A 74 -14.16 27.34 -33.23
C LEU A 74 -14.52 28.81 -33.44
N ARG A 75 -15.75 29.20 -33.10
CA ARG A 75 -16.14 30.60 -33.19
C ARG A 75 -15.37 31.48 -32.21
N ARG A 76 -15.22 31.01 -30.97
CA ARG A 76 -14.43 31.75 -29.99
C ARG A 76 -12.97 31.83 -30.41
N VAL A 77 -12.43 30.72 -30.94
CA VAL A 77 -11.04 30.71 -31.40
C VAL A 77 -10.84 31.68 -32.57
N GLY A 78 -11.79 31.70 -33.50
CA GLY A 78 -11.68 32.60 -34.64
C GLY A 78 -11.80 34.07 -34.25
N GLU A 79 -12.71 34.38 -33.33
CA GLU A 79 -12.83 35.77 -32.88
C GLU A 79 -11.61 36.20 -32.08
N ALA A 80 -11.01 35.27 -31.31
CA ALA A 80 -9.77 35.60 -30.61
C ALA A 80 -8.63 35.82 -31.59
N LEU A 81 -8.58 35.03 -32.66
CA LEU A 81 -7.49 35.13 -33.61
C LEU A 81 -7.62 36.35 -34.50
N THR A 82 -8.85 36.79 -34.80
CA THR A 82 -9.02 37.96 -35.66
C THR A 82 -8.76 39.27 -34.93
N ALA A 83 -8.65 39.24 -33.61
CA ALA A 83 -8.33 40.45 -32.84
C ALA A 83 -6.83 40.62 -32.60
N GLU A 84 -6.01 39.62 -32.96
CA GLU A 84 -4.57 39.77 -32.80
C GLU A 84 -3.97 40.66 -33.87
N VAL A 85 -4.66 40.84 -35.01
CA VAL A 85 -4.18 41.72 -36.06
C VAL A 85 -5.08 42.93 -36.27
N LEU A 86 -6.24 42.98 -35.64
CA LEU A 86 -7.15 44.11 -35.73
C LEU A 86 -7.36 44.69 -34.35
N GLY A 87 -7.37 46.02 -34.28
CA GLY A 87 -7.50 46.68 -32.98
C GLY A 87 -8.87 46.45 -32.35
N TYR A 88 -8.86 46.29 -31.03
CA TYR A 88 -10.08 46.02 -30.26
C TYR A 88 -10.40 47.15 -29.29
N GLU A 89 -9.80 48.32 -29.49
CA GLU A 89 -10.06 49.46 -28.61
C GLU A 89 -11.47 50.02 -28.78
N ASP A 90 -12.12 49.74 -29.91
CA ASP A 90 -13.47 50.23 -30.18
C ASP A 90 -14.40 49.09 -30.57
N VAL A 91 -15.65 49.21 -30.13
CA VAL A 91 -16.70 48.24 -30.42
C VAL A 91 -17.95 48.98 -30.86
N ALA A 92 -18.83 48.24 -31.54
CA ALA A 92 -20.14 48.73 -32.01
C ALA A 92 -20.06 49.99 -32.88
N LEU A 107 -18.31 35.83 -31.17
CA LEU A 107 -19.38 36.18 -30.24
C LEU A 107 -20.70 35.57 -30.68
N ALA A 108 -21.71 35.68 -29.83
CA ALA A 108 -23.03 35.13 -30.08
C ALA A 108 -23.98 36.29 -30.31
N LYS A 109 -24.35 36.51 -31.57
CA LYS A 109 -25.15 37.67 -31.96
C LYS A 109 -26.65 37.35 -31.88
N SER A 110 -27.44 38.40 -31.69
CA SER A 110 -28.89 38.31 -31.65
C SER A 110 -29.48 39.22 -32.73
N ALA A 111 -30.82 39.31 -32.76
CA ALA A 111 -31.53 40.03 -33.80
C ALA A 111 -32.35 41.16 -33.19
N HIS A 112 -32.18 42.37 -33.74
CA HIS A 112 -32.98 43.53 -33.36
C HIS A 112 -32.90 44.55 -34.49
N PRO A 113 -34.01 45.21 -34.85
CA PRO A 113 -33.97 46.20 -35.93
C PRO A 113 -33.72 47.62 -35.44
N LEU A 114 -32.86 48.33 -36.16
CA LEU A 114 -32.64 49.76 -35.92
C LEU A 114 -33.08 50.60 -37.12
N THR A 115 -32.51 50.37 -38.29
CA THR A 115 -32.94 51.05 -39.50
C THR A 115 -32.89 50.16 -40.73
N ASP A 116 -32.53 48.88 -40.58
CA ASP A 116 -32.50 47.89 -41.67
C ASP A 116 -31.57 48.31 -42.80
N GLU A 117 -30.29 48.51 -42.47
CA GLU A 117 -29.27 48.78 -43.49
C GLU A 117 -28.73 47.43 -43.99
N GLU A 118 -28.96 47.15 -45.27
CA GLU A 118 -28.85 45.79 -45.82
C GLU A 118 -27.95 45.77 -47.05
N GLU A 119 -26.76 46.35 -46.95
CA GLU A 119 -25.70 46.13 -47.92
C GLU A 119 -24.58 45.36 -47.22
N ARG A 120 -24.18 44.24 -47.81
CA ARG A 120 -23.33 43.29 -47.12
C ARG A 120 -22.06 42.97 -47.89
N ASN A 121 -21.36 44.00 -48.39
CA ASN A 121 -20.07 43.80 -49.01
C ASN A 121 -18.99 43.37 -48.02
N LEU A 122 -19.21 43.60 -46.72
CA LEU A 122 -18.20 43.36 -45.69
C LEU A 122 -17.80 41.90 -45.57
N LYS A 123 -18.61 40.97 -46.11
CA LYS A 123 -18.20 39.58 -46.20
C LYS A 123 -16.87 39.43 -46.94
N GLU A 124 -16.67 40.22 -47.99
CA GLU A 124 -15.36 40.22 -48.64
C GLU A 124 -14.32 40.95 -47.80
N LEU A 125 -14.73 41.98 -47.06
CA LEU A 125 -13.77 42.75 -46.30
C LEU A 125 -13.39 42.05 -45.00
N LEU A 126 -14.37 41.51 -44.29
CA LEU A 126 -14.14 40.94 -42.97
C LEU A 126 -14.29 39.43 -43.04
N PRO A 127 -13.21 38.66 -42.89
CA PRO A 127 -13.29 37.21 -43.13
C PRO A 127 -13.78 36.38 -41.95
N GLN A 128 -14.38 37.02 -40.94
CA GLN A 128 -14.88 36.27 -39.80
C GLN A 128 -16.39 36.03 -39.85
N ILE A 129 -17.19 37.09 -40.02
CA ILE A 129 -18.63 36.90 -40.08
C ILE A 129 -19.08 36.32 -41.41
N ALA A 130 -18.22 36.36 -42.44
CA ALA A 130 -18.57 35.74 -43.72
C ALA A 130 -18.57 34.23 -43.61
N VAL A 131 -17.69 33.66 -42.78
CA VAL A 131 -17.54 32.22 -42.71
C VAL A 131 -18.51 31.63 -41.69
N PHE A 132 -18.64 32.27 -40.53
CA PHE A 132 -19.36 31.66 -39.41
C PHE A 132 -20.76 32.20 -39.22
N GLY A 133 -21.17 33.21 -40.00
CA GLY A 133 -22.52 33.71 -39.93
C GLY A 133 -22.79 34.57 -38.72
N GLY A 134 -24.01 35.07 -38.66
CA GLY A 134 -24.43 35.91 -37.55
C GLY A 134 -25.68 36.68 -37.89
N ALA A 135 -26.08 37.53 -36.95
CA ALA A 135 -27.22 38.41 -37.12
C ALA A 135 -26.81 39.84 -36.75
N ALA A 136 -26.97 40.76 -37.71
CA ALA A 136 -26.56 42.14 -37.52
C ALA A 136 -27.72 43.06 -37.18
N SER A 137 -28.74 43.12 -38.03
CA SER A 137 -29.86 44.03 -37.86
C SER A 137 -31.17 43.35 -38.22
N GLY A 138 -31.36 42.11 -37.77
CA GLY A 138 -32.58 41.38 -38.05
C GLY A 138 -32.42 40.38 -39.18
N ARG A 139 -31.72 40.78 -40.22
CA ARG A 139 -31.41 39.87 -41.33
C ARG A 139 -30.20 39.03 -40.95
N VAL A 140 -30.43 37.75 -40.67
CA VAL A 140 -29.34 36.86 -40.30
C VAL A 140 -28.48 36.56 -41.53
N MET A 141 -27.25 36.13 -41.27
CA MET A 141 -26.28 35.90 -42.33
C MET A 141 -26.29 34.43 -42.74
N SER A 142 -25.53 34.12 -43.78
CA SER A 142 -25.37 32.76 -44.27
C SER A 142 -23.94 32.31 -44.03
N GLY A 143 -23.79 31.19 -43.31
CA GLY A 143 -22.47 30.68 -42.98
C GLY A 143 -22.03 29.59 -43.93
N LEU A 144 -20.82 29.75 -44.47
CA LEU A 144 -20.28 28.75 -45.37
C LEU A 144 -19.89 27.48 -44.63
N LEU A 145 -19.55 27.58 -43.35
CA LEU A 145 -19.08 26.44 -42.58
C LEU A 145 -20.21 25.52 -42.18
N SER A 146 -20.02 24.21 -42.39
CA SER A 146 -20.90 23.20 -41.83
C SER A 146 -20.03 22.16 -41.13
N VAL A 147 -20.33 21.88 -39.87
CA VAL A 147 -19.51 20.99 -39.07
C VAL A 147 -20.40 19.93 -38.43
N SER A 148 -19.87 18.72 -38.33
CA SER A 148 -20.62 17.57 -37.85
C SER A 148 -20.33 17.29 -36.38
N LYS A 149 -21.11 16.38 -35.82
CA LYS A 149 -20.98 16.02 -34.41
C LYS A 149 -19.75 15.16 -34.19
N VAL A 150 -19.43 14.93 -32.93
CA VAL A 150 -18.35 14.01 -32.57
C VAL A 150 -18.96 12.65 -32.29
N LEU A 151 -18.22 11.59 -32.56
CA LEU A 151 -18.68 10.22 -32.31
C LEU A 151 -17.55 9.44 -31.65
N PRO A 152 -17.50 9.40 -30.33
CA PRO A 152 -16.42 8.65 -29.66
C PRO A 152 -16.64 7.15 -29.57
N GLU A 153 -17.89 6.73 -29.39
CA GLU A 153 -18.20 5.38 -28.91
C GLU A 153 -18.18 4.39 -30.08
N ILE A 154 -18.66 3.17 -29.86
CA ILE A 154 -18.65 2.12 -30.88
C ILE A 154 -20.00 2.13 -31.58
N ALA A 155 -19.99 2.52 -32.85
CA ALA A 155 -21.18 2.61 -33.68
C ALA A 155 -20.77 2.34 -35.11
N GLU A 156 -21.62 2.73 -36.06
CA GLU A 156 -21.35 2.54 -37.48
C GLU A 156 -21.46 3.84 -38.27
N LEU A 157 -21.42 4.99 -37.59
CA LEU A 157 -21.78 6.25 -38.22
C LEU A 157 -20.60 7.11 -38.61
N ALA A 158 -19.45 6.97 -37.95
CA ALA A 158 -18.29 7.80 -38.27
C ALA A 158 -17.55 7.23 -39.47
N HIS A 159 -16.36 7.77 -39.73
CA HIS A 159 -15.50 7.20 -40.76
C HIS A 159 -14.64 6.10 -40.13
N LEU A 160 -13.58 5.68 -40.83
CA LEU A 160 -12.92 4.40 -40.56
C LEU A 160 -12.28 4.37 -39.18
N LEU A 161 -12.49 3.23 -38.48
CA LEU A 161 -12.09 3.03 -37.09
C LEU A 161 -10.60 2.70 -36.97
N PRO A 162 -9.96 3.12 -35.88
CA PRO A 162 -8.54 2.80 -35.70
C PRO A 162 -8.26 1.54 -34.89
N ARG A 163 -9.30 0.95 -34.28
CA ARG A 163 -9.05 -0.12 -33.31
C ARG A 163 -10.21 -1.10 -33.28
N PRO A 164 -9.99 -2.36 -32.92
CA PRO A 164 -11.13 -3.24 -32.63
C PRO A 164 -11.92 -2.72 -31.44
N PRO A 165 -13.24 -2.92 -31.43
CA PRO A 165 -14.13 -2.16 -30.55
C PRO A 165 -14.10 -2.67 -29.11
N HIS A 166 -14.84 -1.95 -28.26
CA HIS A 166 -15.10 -2.34 -26.89
C HIS A 166 -16.56 -2.06 -26.57
N SER A 167 -16.94 -2.24 -25.31
CA SER A 167 -18.34 -2.15 -24.93
C SER A 167 -18.83 -0.71 -24.93
N THR A 168 -20.14 -0.55 -25.06
CA THR A 168 -20.78 0.77 -25.11
C THR A 168 -20.99 1.51 -23.78
N PRO A 169 -21.41 0.88 -22.64
CA PRO A 169 -21.93 1.70 -21.54
C PRO A 169 -20.83 2.28 -20.66
N LEU A 170 -19.58 2.23 -21.11
CA LEU A 170 -18.43 2.58 -20.28
C LEU A 170 -18.13 4.07 -20.45
N LEU A 171 -18.78 4.88 -19.62
CA LEU A 171 -18.38 6.28 -19.38
C LEU A 171 -18.28 6.55 -17.88
N PRO A 172 -17.35 5.91 -17.18
CA PRO A 172 -17.31 6.02 -15.72
C PRO A 172 -16.93 7.42 -15.25
N ALA A 173 -17.37 7.72 -14.03
CA ALA A 173 -17.49 9.08 -13.54
C ALA A 173 -16.52 9.34 -12.39
N VAL A 174 -15.82 10.46 -12.47
CA VAL A 174 -15.03 10.94 -11.35
C VAL A 174 -15.97 11.53 -10.31
N LEU A 175 -15.46 11.76 -9.11
CA LEU A 175 -16.25 12.38 -8.05
C LEU A 175 -15.63 13.71 -7.67
N SER A 176 -16.48 14.71 -7.48
CA SER A 176 -16.04 16.10 -7.42
C SER A 176 -15.57 16.49 -6.03
N VAL A 177 -15.50 17.79 -5.80
CA VAL A 177 -14.46 18.39 -4.99
C VAL A 177 -14.89 18.69 -3.55
N ALA A 178 -16.21 18.70 -3.27
CA ALA A 178 -16.73 18.80 -1.90
C ALA A 178 -16.28 20.07 -1.19
N ASP A 179 -16.93 21.20 -1.52
CA ASP A 179 -16.53 22.59 -1.29
C ASP A 179 -15.74 22.85 0.00
N GLU A 180 -16.20 22.33 1.14
CA GLU A 180 -15.53 22.37 2.44
C GLU A 180 -15.09 23.79 2.86
N SER A 181 -16.08 24.64 3.12
CA SER A 181 -15.85 26.01 3.58
C SER A 181 -15.04 26.06 4.88
N PRO A 205 -20.22 22.36 6.41
CA PRO A 205 -20.71 21.21 5.66
C PRO A 205 -20.07 21.07 4.29
N LEU A 206 -19.24 20.04 4.11
CA LEU A 206 -18.58 19.78 2.84
C LEU A 206 -19.56 19.00 1.95
N GLY A 207 -20.23 19.73 1.07
CA GLY A 207 -21.20 19.11 0.18
C GLY A 207 -20.56 18.35 -0.95
N ARG A 208 -20.66 17.01 -0.93
CA ARG A 208 -19.98 16.17 -1.92
C ARG A 208 -20.69 16.30 -3.27
N PHE A 209 -19.95 16.74 -4.29
CA PHE A 209 -20.48 16.78 -5.64
C PHE A 209 -19.92 15.63 -6.45
N ALA A 210 -20.52 15.40 -7.62
CA ALA A 210 -20.07 14.35 -8.52
C ALA A 210 -20.52 14.67 -9.93
N ILE A 211 -19.61 14.54 -10.90
CA ILE A 211 -19.90 14.77 -12.30
C ILE A 211 -19.65 13.48 -13.06
N GLU A 212 -20.12 13.44 -14.31
CA GLU A 212 -19.97 12.27 -15.16
C GLU A 212 -19.20 12.67 -16.41
N THR A 213 -18.25 11.85 -16.81
CA THR A 213 -17.31 12.25 -17.85
C THR A 213 -16.83 11.05 -18.65
N LEU A 214 -16.33 11.35 -19.85
CA LEU A 214 -15.64 10.35 -20.64
C LEU A 214 -14.24 10.09 -20.06
N PRO A 215 -13.72 8.88 -20.19
CA PRO A 215 -12.34 8.62 -19.76
C PRO A 215 -11.33 9.29 -20.67
N ALA A 216 -10.08 9.31 -20.19
CA ALA A 216 -9.04 10.11 -20.81
C ALA A 216 -8.51 9.54 -22.11
N GLY A 217 -8.81 8.28 -22.43
CA GLY A 217 -8.24 7.63 -23.59
C GLY A 217 -9.13 7.49 -24.81
N THR A 218 -10.34 8.07 -24.80
CA THR A 218 -11.27 7.86 -25.89
C THR A 218 -10.87 8.67 -27.11
N ARG A 219 -10.90 8.02 -28.28
CA ARG A 219 -10.70 8.71 -29.54
C ARG A 219 -12.02 9.27 -30.05
N LEU A 220 -11.93 10.34 -30.85
CA LEU A 220 -13.09 11.02 -31.40
C LEU A 220 -12.80 11.34 -32.86
N GLN A 221 -13.85 11.30 -33.68
CA GLN A 221 -13.72 11.50 -35.12
C GLN A 221 -14.73 12.54 -35.57
N THR A 222 -14.26 13.55 -36.33
CA THR A 222 -15.12 14.67 -36.68
C THR A 222 -14.68 15.16 -38.06
N TRP A 223 -15.63 15.77 -38.79
CA TRP A 223 -15.28 16.43 -40.04
C TRP A 223 -15.98 17.78 -40.12
N ALA A 224 -15.27 18.77 -40.64
CA ALA A 224 -15.82 20.09 -40.92
C ALA A 224 -15.74 20.34 -42.42
N ARG A 225 -16.49 21.33 -42.91
CA ARG A 225 -16.58 21.48 -44.35
C ARG A 225 -16.86 22.93 -44.73
N LEU A 226 -16.06 23.45 -45.66
CA LEU A 226 -16.38 24.66 -46.41
C LEU A 226 -16.63 24.25 -47.86
N ASP A 227 -17.80 24.59 -48.38
CA ASP A 227 -18.18 24.13 -49.72
C ASP A 227 -17.53 24.98 -50.81
N ASN A 228 -17.61 26.29 -50.68
CA ASN A 228 -17.21 27.21 -51.74
C ASN A 228 -15.70 27.42 -51.71
N ALA A 229 -14.97 26.68 -52.53
CA ALA A 229 -13.52 26.84 -52.66
C ALA A 229 -13.26 28.07 -53.50
N THR A 230 -13.25 29.23 -52.83
CA THR A 230 -13.19 30.52 -53.52
C THR A 230 -11.92 31.32 -53.22
N GLU A 231 -11.63 31.58 -51.95
CA GLU A 231 -10.75 32.69 -51.61
C GLU A 231 -10.00 32.36 -50.32
N HIS A 232 -9.50 33.41 -49.66
CA HIS A 232 -8.60 33.29 -48.52
C HIS A 232 -9.24 32.62 -47.30
N GLN A 233 -10.57 32.49 -47.31
CA GLN A 233 -11.29 31.96 -46.15
C GLN A 233 -10.86 30.54 -45.82
N ALA A 234 -10.47 29.76 -46.84
CA ALA A 234 -9.94 28.42 -46.60
C ALA A 234 -8.64 28.48 -45.80
N ALA A 235 -7.76 29.43 -46.13
CA ALA A 235 -6.52 29.58 -45.38
C ALA A 235 -6.79 30.08 -43.97
N PHE A 236 -7.78 30.96 -43.83
CA PHE A 236 -8.15 31.45 -42.49
C PHE A 236 -8.66 30.31 -41.61
N PHE A 237 -9.50 29.45 -42.17
CA PHE A 237 -10.01 28.31 -41.41
C PHE A 237 -8.91 27.28 -41.16
N ASP A 238 -7.95 27.17 -42.07
CA ASP A 238 -6.79 26.30 -41.85
C ASP A 238 -5.97 26.82 -40.66
N ASN A 239 -5.82 28.14 -40.56
CA ASN A 239 -5.13 28.72 -39.41
C ASN A 239 -5.90 28.47 -38.11
N VAL A 240 -7.23 28.56 -38.17
CA VAL A 240 -8.05 28.29 -36.99
C VAL A 240 -7.89 26.84 -36.53
N LEU A 241 -7.92 25.90 -37.48
CA LEU A 241 -7.73 24.50 -37.12
C LEU A 241 -6.30 24.21 -36.68
N SER A 242 -5.33 24.97 -37.18
CA SER A 242 -3.96 24.85 -36.69
C SER A 242 -3.87 25.26 -35.22
N THR A 243 -4.53 26.36 -34.87
CA THR A 243 -4.57 26.80 -33.48
C THR A 243 -5.27 25.76 -32.59
N PHE A 244 -6.40 25.23 -33.06
CA PHE A 244 -7.13 24.22 -32.30
C PHE A 244 -6.37 22.92 -32.18
N ALA A 245 -5.58 22.54 -33.18
CA ALA A 245 -4.74 21.36 -33.05
C ALA A 245 -3.56 21.63 -32.12
N ALA A 246 -3.08 22.88 -32.08
CA ALA A 246 -1.97 23.21 -31.20
C ALA A 246 -2.36 23.16 -29.73
N HIS A 247 -3.33 23.98 -29.33
CA HIS A 247 -3.67 24.06 -27.91
C HIS A 247 -5.18 24.15 -27.70
N GLY A 248 -5.93 23.31 -28.41
CA GLY A 248 -7.37 23.35 -28.29
C GLY A 248 -7.88 22.66 -27.04
N HIS A 249 -9.17 22.86 -26.78
CA HIS A 249 -9.86 22.24 -25.66
C HIS A 249 -11.35 22.21 -25.97
N LEU A 250 -12.04 21.22 -25.41
CA LEU A 250 -13.49 21.18 -25.47
C LEU A 250 -13.97 20.41 -24.25
N GLY A 251 -15.02 20.92 -23.63
CA GLY A 251 -15.51 20.34 -22.39
C GLY A 251 -16.18 21.39 -21.54
N GLY A 252 -16.24 21.12 -20.23
CA GLY A 252 -16.98 21.98 -19.34
C GLY A 252 -16.28 22.40 -18.07
N ARG A 253 -15.10 21.86 -17.80
CA ARG A 253 -14.33 22.24 -16.62
C ARG A 253 -12.87 22.43 -16.99
N SER A 254 -12.61 23.23 -18.03
CA SER A 254 -11.25 23.46 -18.51
C SER A 254 -10.39 24.18 -17.49
N ALA A 255 -10.99 24.86 -16.51
CA ALA A 255 -10.22 25.47 -15.43
C ALA A 255 -9.72 24.45 -14.42
N ALA A 256 -10.17 23.20 -14.49
CA ALA A 256 -9.71 22.15 -13.60
C ALA A 256 -9.04 21.01 -14.37
N GLY A 257 -8.54 21.28 -15.58
CA GLY A 257 -7.84 20.29 -16.37
C GLY A 257 -8.73 19.37 -17.16
N HIS A 258 -10.05 19.53 -17.12
CA HIS A 258 -10.97 18.67 -17.84
C HIS A 258 -11.14 19.19 -19.25
N GLY A 259 -10.72 18.41 -20.24
CA GLY A 259 -10.98 18.75 -21.63
C GLY A 259 -9.76 18.98 -22.50
N GLN A 260 -8.58 18.61 -22.02
CA GLN A 260 -7.37 18.77 -22.81
C GLN A 260 -7.28 17.64 -23.82
N VAL A 261 -7.20 18.00 -25.11
CA VAL A 261 -7.15 17.04 -26.20
C VAL A 261 -6.03 17.42 -27.15
N THR A 262 -5.62 16.44 -27.97
CA THR A 262 -4.70 16.69 -29.07
C THR A 262 -5.32 16.13 -30.34
N ALA A 263 -5.31 16.93 -31.39
CA ALA A 263 -6.01 16.61 -32.63
C ALA A 263 -5.02 16.60 -33.80
N THR A 264 -5.49 16.07 -34.92
CA THR A 264 -4.74 16.17 -36.17
C THR A 264 -5.69 16.48 -37.31
N VAL A 265 -5.27 17.35 -38.22
CA VAL A 265 -6.08 17.75 -39.37
C VAL A 265 -5.56 17.04 -40.61
N THR A 266 -6.48 16.52 -41.44
CA THR A 266 -6.11 15.67 -42.55
C THR A 266 -7.17 15.84 -43.64
N ALA A 267 -6.82 15.40 -44.86
CA ALA A 267 -7.77 15.08 -45.93
C ALA A 267 -8.48 16.30 -46.49
N THR A 268 -7.71 17.28 -46.94
CA THR A 268 -8.25 18.33 -47.80
C THR A 268 -8.51 17.71 -49.16
N ALA A 269 -9.76 17.29 -49.39
CA ALA A 269 -10.07 16.39 -50.49
C ALA A 269 -10.44 17.09 -51.79
N LEU A 270 -10.51 18.42 -51.80
CA LEU A 270 -10.85 19.15 -53.00
C LEU A 270 -9.73 20.17 -53.25
N ARG A 271 -9.98 21.13 -54.14
CA ARG A 271 -8.98 22.07 -54.66
C ARG A 271 -8.32 22.85 -53.54
N GLY A 272 -7.03 22.59 -53.32
CA GLY A 272 -6.38 23.07 -52.12
C GLY A 272 -6.09 24.55 -52.15
N SER A 273 -5.90 25.11 -50.95
CA SER A 273 -5.56 26.52 -50.81
C SER A 273 -4.09 26.73 -51.16
N LEU A 274 -3.82 27.81 -51.89
CA LEU A 274 -2.45 28.10 -52.31
C LEU A 274 -1.60 28.49 -51.09
N PRO A 275 -0.33 28.10 -51.06
CA PRO A 275 0.52 28.45 -49.92
C PRO A 275 0.80 29.95 -49.84
N ARG A 276 1.23 30.37 -48.65
CA ARG A 276 1.43 31.75 -48.22
C ARG A 276 0.43 32.78 -48.78
N PRO A 277 -0.87 32.67 -48.45
CA PRO A 277 -1.79 33.77 -48.78
C PRO A 277 -2.00 34.73 -47.61
N THR A 278 -2.73 35.82 -47.86
CA THR A 278 -3.03 36.78 -46.82
C THR A 278 -4.13 36.26 -45.89
N VAL A 279 -3.90 36.38 -44.58
CA VAL A 279 -4.95 36.02 -43.63
C VAL A 279 -5.91 37.19 -43.43
N ASP A 280 -5.43 38.31 -42.88
CA ASP A 280 -6.29 39.46 -42.67
C ASP A 280 -5.65 40.81 -42.96
N TRP A 281 -4.37 40.88 -43.35
CA TRP A 281 -3.74 42.18 -43.59
C TRP A 281 -4.22 42.70 -44.95
N VAL A 282 -5.42 43.28 -44.93
CA VAL A 282 -6.05 43.85 -46.11
C VAL A 282 -6.24 45.35 -45.89
N ASN A 283 -5.30 45.96 -45.18
CA ASN A 283 -5.14 47.38 -44.83
C ASN A 283 -6.03 47.81 -43.65
N GLN A 284 -6.80 46.89 -43.03
CA GLN A 284 -7.60 47.12 -41.82
C GLN A 284 -8.38 48.43 -41.78
N LEU A 285 -9.41 48.57 -42.63
CA LEU A 285 -10.24 49.78 -42.59
C LEU A 285 -10.98 49.91 -41.27
N ALA A 286 -11.30 48.78 -40.62
CA ALA A 286 -11.92 48.71 -39.29
C ALA A 286 -13.26 49.45 -39.25
N ASP A 287 -14.20 48.96 -40.05
CA ASP A 287 -15.54 49.53 -40.11
C ASP A 287 -16.36 48.91 -38.96
N ASP A 288 -17.65 49.21 -38.90
CA ASP A 288 -18.52 48.67 -37.86
C ASP A 288 -18.69 47.17 -37.99
N ILE B 18 0.88 32.58 -20.96
CA ILE B 18 2.04 31.97 -20.33
C ILE B 18 1.64 30.69 -19.62
N ARG B 19 2.34 29.59 -19.93
CA ARG B 19 2.16 28.35 -19.19
C ARG B 19 3.42 28.05 -18.41
N TRP B 20 3.25 27.34 -17.29
CA TRP B 20 4.35 26.94 -16.42
C TRP B 20 4.35 25.42 -16.35
N ASP B 21 5.48 24.81 -16.71
CA ASP B 21 5.65 23.37 -16.60
C ASP B 21 6.38 23.09 -15.30
N VAL B 22 5.81 22.23 -14.46
CA VAL B 22 6.40 21.90 -13.18
C VAL B 22 6.64 20.40 -13.10
N ASP B 23 7.84 20.05 -12.65
CA ASP B 23 8.20 18.68 -12.31
C ASP B 23 8.34 18.62 -10.79
N ILE B 24 7.69 17.64 -10.20
CA ILE B 24 7.53 17.54 -8.75
C ILE B 24 8.06 16.18 -8.32
N ILE B 25 9.12 16.15 -7.55
CA ILE B 25 9.61 14.91 -6.98
C ILE B 25 9.23 14.85 -5.50
N ALA B 26 8.61 13.75 -5.10
CA ALA B 26 8.17 13.61 -3.72
C ALA B 26 9.37 13.37 -2.81
N GLN B 27 9.20 13.73 -1.54
CA GLN B 27 10.18 13.45 -0.52
C GLN B 27 9.61 12.60 0.59
N SER B 28 8.33 12.26 0.52
CA SER B 28 7.67 11.40 1.50
C SER B 28 6.46 10.78 0.82
N SER B 29 5.65 10.05 1.59
CA SER B 29 4.43 9.48 1.06
C SER B 29 3.41 10.57 0.78
N ILE B 30 2.59 10.35 -0.24
CA ILE B 30 1.55 11.30 -0.64
C ILE B 30 0.21 10.59 -0.52
N VAL B 31 -0.49 10.79 0.58
CA VAL B 31 -1.79 10.18 0.78
C VAL B 31 -2.86 11.12 0.24
N HIS B 32 -3.76 10.58 -0.58
CA HIS B 32 -4.81 11.39 -1.20
C HIS B 32 -6.09 10.54 -1.20
N ARG B 33 -6.98 10.85 -0.28
CA ARG B 33 -8.11 9.99 0.03
C ARG B 33 -9.11 9.94 -1.13
N ASP B 34 -9.85 8.84 -1.20
CA ASP B 34 -10.87 8.69 -2.23
C ASP B 34 -12.13 9.48 -1.87
N ASP B 35 -13.09 9.45 -2.79
CA ASP B 35 -14.40 10.04 -2.55
C ASP B 35 -15.47 8.98 -2.74
N ASP B 42 -14.68 -0.72 11.71
CA ASP B 42 -13.82 -1.31 12.73
C ASP B 42 -12.54 -1.83 12.12
N THR B 43 -11.44 -1.09 12.36
CA THR B 43 -10.10 -1.39 11.84
C THR B 43 -10.12 -1.55 10.32
N PHE B 44 -10.87 -0.67 9.66
CA PHE B 44 -11.10 -0.74 8.23
C PHE B 44 -10.16 0.19 7.49
N THR B 45 -9.75 -0.22 6.29
CA THR B 45 -8.86 0.57 5.46
C THR B 45 -9.65 1.62 4.68
N LEU B 46 -8.92 2.42 3.92
CA LEU B 46 -9.48 3.55 3.20
C LEU B 46 -8.49 3.97 2.13
N PHE B 47 -8.95 3.97 0.88
CA PHE B 47 -8.09 3.68 -0.28
C PHE B 47 -7.44 4.95 -0.82
N ARG B 48 -6.84 4.83 -2.00
CA ARG B 48 -6.24 5.92 -2.75
C ARG B 48 -7.13 6.22 -3.95
N ARG B 49 -7.29 7.51 -4.25
CA ARG B 49 -8.15 7.93 -5.36
C ARG B 49 -7.56 7.46 -6.69
N GLU B 50 -8.40 6.85 -7.51
CA GLU B 50 -7.95 6.26 -8.77
C GLU B 50 -8.89 6.68 -9.90
N LYS B 51 -8.32 7.12 -11.01
CA LYS B 51 -9.07 7.51 -12.19
C LYS B 51 -8.64 6.59 -13.33
N ILE B 52 -9.52 6.41 -14.31
CA ILE B 52 -9.31 5.37 -15.30
C ILE B 52 -8.72 5.96 -16.57
N ILE B 53 -8.09 5.10 -17.36
CA ILE B 53 -7.61 5.44 -18.69
C ILE B 53 -7.93 4.28 -19.62
N GLY B 54 -8.32 4.60 -20.85
CA GLY B 54 -8.30 3.67 -21.97
C GLY B 54 -7.10 3.83 -22.88
N PRO B 55 -5.87 3.43 -22.45
CA PRO B 55 -4.68 3.78 -23.22
C PRO B 55 -4.57 3.10 -24.58
N ASP B 56 -4.74 1.78 -24.63
CA ASP B 56 -4.50 0.99 -25.83
C ASP B 56 -5.63 -0.02 -26.05
N GLY B 57 -6.87 0.39 -25.79
CA GLY B 57 -8.02 -0.42 -26.06
C GLY B 57 -8.63 -1.11 -24.85
N GLN B 58 -7.92 -1.14 -23.72
CA GLN B 58 -8.41 -1.78 -22.51
C GLN B 58 -8.51 -0.74 -21.40
N ILE B 59 -9.37 -1.01 -20.43
CA ILE B 59 -9.63 -0.08 -19.34
C ILE B 59 -8.67 -0.39 -18.20
N LEU B 60 -8.05 0.65 -17.64
CA LEU B 60 -7.13 0.49 -16.52
C LEU B 60 -7.42 1.57 -15.48
N GLN B 61 -7.11 1.26 -14.23
CA GLN B 61 -7.22 2.21 -13.12
C GLN B 61 -5.82 2.66 -12.75
N ILE B 62 -5.62 3.97 -12.65
CA ILE B 62 -4.32 4.49 -12.23
C ILE B 62 -4.53 5.53 -11.13
N PRO B 63 -3.63 5.63 -10.17
CA PRO B 63 -3.77 6.67 -9.14
C PRO B 63 -3.25 8.01 -9.62
N LEU B 64 -3.97 9.06 -9.28
CA LEU B 64 -3.57 10.43 -9.56
C LEU B 64 -4.34 11.39 -8.68
N ILE B 65 -3.63 12.41 -8.18
CA ILE B 65 -4.31 13.50 -7.48
C ILE B 65 -5.13 14.28 -8.49
N SER B 66 -6.37 14.58 -8.14
CA SER B 66 -7.24 15.35 -9.02
C SER B 66 -6.67 16.74 -9.25
N GLY B 67 -6.89 17.26 -10.47
CA GLY B 67 -6.33 18.56 -10.82
C GLY B 67 -6.91 19.70 -10.03
N SER B 68 -8.12 19.53 -9.49
CA SER B 68 -8.70 20.56 -8.65
C SER B 68 -8.01 20.68 -7.31
N SER B 69 -7.40 19.61 -6.81
CA SER B 69 -6.68 19.68 -5.54
C SER B 69 -5.47 20.60 -5.65
N PHE B 70 -4.74 20.51 -6.77
CA PHE B 70 -3.61 21.41 -7.01
C PHE B 70 -4.08 22.86 -7.07
N ARG B 71 -5.22 23.10 -7.73
CA ARG B 71 -5.79 24.44 -7.81
C ARG B 71 -6.20 24.95 -6.43
N GLY B 72 -6.76 24.07 -5.60
CA GLY B 72 -7.14 24.47 -4.25
C GLY B 72 -5.94 24.79 -3.37
N VAL B 73 -4.88 23.99 -3.50
CA VAL B 73 -3.65 24.25 -2.75
C VAL B 73 -3.06 25.60 -3.16
N LEU B 74 -3.03 25.87 -4.47
CA LEU B 74 -2.56 27.16 -4.95
C LEU B 74 -3.47 28.29 -4.50
N ARG B 75 -4.77 28.03 -4.38
CA ARG B 75 -5.71 29.04 -3.88
C ARG B 75 -5.43 29.40 -2.43
N ARG B 76 -5.18 28.39 -1.59
CA ARG B 76 -4.84 28.65 -0.20
C ARG B 76 -3.51 29.39 -0.09
N VAL B 77 -2.53 29.01 -0.91
CA VAL B 77 -1.23 29.69 -0.91
C VAL B 77 -1.38 31.14 -1.34
N GLY B 78 -2.18 31.40 -2.38
CA GLY B 78 -2.37 32.76 -2.85
C GLY B 78 -3.11 33.64 -1.84
N GLU B 79 -4.13 33.08 -1.19
CA GLU B 79 -4.84 33.86 -0.18
C GLU B 79 -3.96 34.11 1.04
N ALA B 80 -3.10 33.16 1.40
CA ALA B 80 -2.15 33.40 2.49
C ALA B 80 -1.14 34.46 2.11
N LEU B 81 -0.70 34.47 0.85
CA LEU B 81 0.32 35.42 0.42
C LEU B 81 -0.25 36.82 0.24
N THR B 82 -1.52 36.94 -0.13
CA THR B 82 -2.10 38.26 -0.33
C THR B 82 -2.45 38.95 0.99
N ALA B 83 -2.44 38.23 2.11
CA ALA B 83 -2.68 38.82 3.41
C ALA B 83 -1.42 39.27 4.12
N GLU B 84 -0.24 38.96 3.57
CA GLU B 84 1.00 39.43 4.17
C GLU B 84 1.26 40.91 3.90
N VAL B 85 0.64 41.47 2.86
CA VAL B 85 0.77 42.89 2.55
C VAL B 85 -0.52 43.65 2.71
N LEU B 86 -1.65 42.97 2.93
CA LEU B 86 -2.93 43.61 3.14
C LEU B 86 -3.46 43.22 4.51
N GLY B 87 -4.02 44.20 5.22
CA GLY B 87 -4.50 43.96 6.57
C GLY B 87 -5.67 43.01 6.60
N TYR B 88 -5.70 42.14 7.61
CA TYR B 88 -6.75 41.13 7.76
C TYR B 88 -7.57 41.35 9.02
N GLU B 89 -7.50 42.56 9.60
CA GLU B 89 -8.27 42.86 10.82
C GLU B 89 -9.76 42.95 10.54
N ASP B 90 -10.17 43.15 9.29
CA ASP B 90 -11.57 43.28 8.93
C ASP B 90 -11.92 42.33 7.79
N VAL B 91 -13.14 41.79 7.85
CA VAL B 91 -13.67 40.88 6.84
C VAL B 91 -15.09 41.31 6.49
N ALA B 92 -15.54 40.86 5.32
CA ALA B 92 -16.89 41.10 4.79
C ALA B 92 -17.27 42.58 4.71
N LEU B 107 -9.96 31.26 -0.28
CA LEU B 107 -11.14 30.68 0.36
C LEU B 107 -12.05 30.05 -0.68
N ALA B 108 -13.08 29.35 -0.21
CA ALA B 108 -14.04 28.66 -1.05
C ALA B 108 -15.37 29.39 -0.96
N LYS B 109 -15.71 30.15 -1.99
CA LYS B 109 -16.89 31.00 -1.97
C LYS B 109 -18.12 30.26 -2.49
N SER B 110 -19.28 30.72 -2.05
CA SER B 110 -20.57 30.19 -2.46
C SER B 110 -21.41 31.30 -3.08
N ALA B 111 -22.65 30.98 -3.43
CA ALA B 111 -23.53 31.90 -4.14
C ALA B 111 -24.78 32.17 -3.33
N HIS B 112 -25.09 33.46 -3.15
CA HIS B 112 -26.32 33.90 -2.50
C HIS B 112 -26.59 35.33 -2.90
N PRO B 113 -27.84 35.70 -3.19
CA PRO B 113 -28.14 37.08 -3.59
C PRO B 113 -28.54 37.98 -2.42
N LEU B 114 -28.00 39.20 -2.43
CA LEU B 114 -28.41 40.23 -1.47
C LEU B 114 -29.08 41.41 -2.17
N THR B 115 -28.38 42.07 -3.09
CA THR B 115 -28.97 43.13 -3.89
C THR B 115 -28.47 43.15 -5.32
N ASP B 116 -27.62 42.19 -5.72
CA ASP B 116 -27.11 42.05 -7.09
C ASP B 116 -26.37 43.30 -7.56
N GLU B 117 -25.32 43.66 -6.83
CA GLU B 117 -24.42 44.75 -7.25
C GLU B 117 -23.34 44.16 -8.16
N GLU B 118 -23.35 44.59 -9.43
CA GLU B 118 -22.65 43.88 -10.50
C GLU B 118 -21.74 44.83 -11.28
N GLU B 119 -20.91 45.59 -10.57
CA GLU B 119 -19.79 46.28 -11.19
C GLU B 119 -18.51 45.65 -10.67
N ARG B 120 -17.64 45.24 -11.60
CA ARG B 120 -16.52 44.38 -11.23
C ARG B 120 -15.19 44.96 -11.68
N ASN B 121 -14.94 46.24 -11.38
CA ASN B 121 -13.63 46.84 -11.63
C ASN B 121 -12.55 46.28 -10.72
N LEU B 122 -12.93 45.67 -9.59
CA LEU B 122 -11.99 45.22 -8.57
C LEU B 122 -11.03 44.15 -9.07
N LYS B 123 -11.35 43.49 -10.19
CA LYS B 123 -10.39 42.59 -10.84
C LYS B 123 -9.08 43.30 -11.15
N GLU B 124 -9.14 44.56 -11.58
CA GLU B 124 -7.91 45.32 -11.74
C GLU B 124 -7.32 45.72 -10.39
N LEU B 125 -8.17 45.98 -9.40
CA LEU B 125 -7.66 46.45 -8.10
C LEU B 125 -7.12 45.31 -7.28
N LEU B 126 -7.85 44.19 -7.22
CA LEU B 126 -7.48 43.08 -6.35
C LEU B 126 -6.99 41.91 -7.19
N PRO B 127 -5.71 41.56 -7.13
CA PRO B 127 -5.16 40.56 -8.06
C PRO B 127 -5.34 39.12 -7.63
N GLN B 128 -6.22 38.85 -6.67
CA GLN B 128 -6.45 37.48 -6.22
C GLN B 128 -7.71 36.86 -6.80
N ILE B 129 -8.86 37.52 -6.66
CA ILE B 129 -10.09 36.97 -7.21
C ILE B 129 -10.17 37.14 -8.72
N ALA B 130 -9.34 38.00 -9.30
CA ALA B 130 -9.31 38.13 -10.76
C ALA B 130 -8.70 36.90 -11.41
N VAL B 131 -7.72 36.29 -10.75
CA VAL B 131 -7.00 35.18 -11.35
C VAL B 131 -7.71 33.86 -11.08
N PHE B 132 -8.17 33.65 -9.84
CA PHE B 132 -8.63 32.35 -9.41
C PHE B 132 -10.15 32.22 -9.39
N GLY B 133 -10.88 33.31 -9.66
CA GLY B 133 -12.32 33.24 -9.75
C GLY B 133 -13.00 33.14 -8.40
N GLY B 134 -14.33 33.11 -8.45
CA GLY B 134 -15.12 33.01 -7.24
C GLY B 134 -16.55 33.41 -7.51
N ALA B 135 -17.34 33.41 -6.43
CA ALA B 135 -18.72 33.83 -6.46
C ALA B 135 -18.96 34.86 -5.36
N ALA B 136 -19.43 36.05 -5.73
CA ALA B 136 -19.64 37.14 -4.78
C ALA B 136 -21.09 37.29 -4.38
N SER B 137 -21.98 37.50 -5.35
CA SER B 137 -23.38 37.75 -5.08
C SER B 137 -24.27 37.03 -6.08
N GLY B 138 -23.96 35.77 -6.36
CA GLY B 138 -24.74 34.99 -7.29
C GLY B 138 -24.12 34.91 -8.67
N ARG B 139 -23.57 36.01 -9.15
CA ARG B 139 -22.84 36.03 -10.41
C ARG B 139 -21.42 35.54 -10.16
N VAL B 140 -21.12 34.33 -10.62
CA VAL B 140 -19.79 33.76 -10.45
C VAL B 140 -18.80 34.49 -11.36
N MET B 141 -17.52 34.39 -11.01
CA MET B 141 -16.47 35.10 -11.72
C MET B 141 -15.85 34.20 -12.78
N SER B 142 -14.96 34.78 -13.57
CA SER B 142 -14.23 34.06 -14.60
C SER B 142 -12.75 34.01 -14.21
N GLY B 143 -12.21 32.80 -14.13
CA GLY B 143 -10.83 32.63 -13.72
C GLY B 143 -9.91 32.45 -14.92
N LEU B 144 -8.84 33.25 -14.94
CA LEU B 144 -7.86 33.15 -16.02
C LEU B 144 -7.04 31.88 -15.92
N LEU B 145 -6.87 31.35 -14.71
CA LEU B 145 -6.01 30.19 -14.51
C LEU B 145 -6.70 28.90 -14.94
N SER B 146 -5.96 28.08 -15.69
CA SER B 146 -6.38 26.71 -15.99
C SER B 146 -5.21 25.79 -15.66
N VAL B 147 -5.45 24.78 -14.84
CA VAL B 147 -4.40 23.90 -14.38
C VAL B 147 -4.81 22.45 -14.62
N SER B 148 -3.84 21.62 -14.98
CA SER B 148 -4.08 20.24 -15.36
C SER B 148 -3.80 19.29 -14.19
N LYS B 149 -4.18 18.03 -14.39
CA LYS B 149 -4.00 17.01 -13.37
C LYS B 149 -2.54 16.60 -13.25
N VAL B 150 -2.24 15.82 -12.24
CA VAL B 150 -0.91 15.24 -12.08
C VAL B 150 -0.92 13.85 -12.68
N LEU B 151 0.21 13.41 -13.21
CA LEU B 151 0.34 12.09 -13.81
C LEU B 151 1.64 11.46 -13.33
N PRO B 152 1.62 10.70 -12.24
CA PRO B 152 2.87 10.09 -11.75
C PRO B 152 3.27 8.81 -12.47
N GLU B 153 2.30 8.00 -12.87
CA GLU B 153 2.55 6.60 -13.23
C GLU B 153 3.05 6.50 -14.66
N ILE B 154 3.10 5.29 -15.22
CA ILE B 154 3.61 5.05 -16.56
C ILE B 154 2.43 5.03 -17.53
N ALA B 155 2.36 6.05 -18.38
CA ALA B 155 1.30 6.21 -19.35
C ALA B 155 1.89 6.94 -20.56
N GLU B 156 1.01 7.51 -21.39
CA GLU B 156 1.43 8.23 -22.58
C GLU B 156 0.85 9.64 -22.63
N LEU B 157 0.37 10.16 -21.50
CA LEU B 157 -0.44 11.37 -21.51
C LEU B 157 0.31 12.62 -21.07
N ALA B 158 1.36 12.49 -20.26
CA ALA B 158 2.10 13.66 -19.79
C ALA B 158 3.09 14.13 -20.86
N HIS B 159 3.96 15.05 -20.48
CA HIS B 159 5.05 15.46 -21.36
C HIS B 159 6.24 14.52 -21.13
N LEU B 160 7.42 14.92 -21.63
CA LEU B 160 8.53 13.99 -21.83
C LEU B 160 9.03 13.38 -20.53
N LEU B 161 9.28 12.05 -20.56
CA LEU B 161 9.61 11.25 -19.39
C LEU B 161 11.10 11.38 -19.05
N PRO B 162 11.44 11.29 -17.75
CA PRO B 162 12.85 11.38 -17.35
C PRO B 162 13.56 10.04 -17.22
N ARG B 163 12.83 8.93 -17.31
CA ARG B 163 13.42 7.65 -16.96
C ARG B 163 12.76 6.52 -17.73
N PRO B 164 13.46 5.41 -18.00
CA PRO B 164 12.78 4.21 -18.50
C PRO B 164 11.76 3.71 -17.50
N PRO B 165 10.65 3.14 -17.95
CA PRO B 165 9.47 2.97 -17.10
C PRO B 165 9.60 1.77 -16.16
N HIS B 166 8.58 1.63 -15.31
CA HIS B 166 8.41 0.48 -14.44
C HIS B 166 6.94 0.08 -14.46
N SER B 167 6.59 -0.89 -13.62
CA SER B 167 5.25 -1.47 -13.65
C SER B 167 4.22 -0.51 -13.08
N THR B 168 2.96 -0.72 -13.48
CA THR B 168 1.84 0.12 -13.07
C THR B 168 1.25 -0.11 -11.67
N PRO B 169 1.06 -1.36 -11.15
CA PRO B 169 0.18 -1.49 -9.99
C PRO B 169 0.88 -1.22 -8.66
N LEU B 170 2.05 -0.61 -8.71
CA LEU B 170 2.90 -0.46 -7.53
C LEU B 170 2.57 0.88 -6.86
N LEU B 171 1.59 0.84 -5.96
CA LEU B 171 1.36 1.89 -4.97
C LEU B 171 1.24 1.30 -3.56
N PRO B 172 2.30 0.71 -3.04
CA PRO B 172 2.19 -0.02 -1.77
C PRO B 172 1.93 0.90 -0.58
N ALA B 173 1.33 0.33 0.44
CA ALA B 173 0.61 1.06 1.47
C ALA B 173 1.32 0.92 2.82
N VAL B 174 1.50 2.03 3.51
CA VAL B 174 1.94 2.02 4.89
C VAL B 174 0.77 1.61 5.77
N LEU B 175 1.05 1.26 7.02
CA LEU B 175 0.01 0.91 7.97
C LEU B 175 0.01 1.92 9.11
N SER B 176 -1.20 2.31 9.52
CA SER B 176 -1.38 3.49 10.36
C SER B 176 -1.20 3.15 11.84
N VAL B 177 -1.70 4.04 12.68
CA VAL B 177 -1.04 4.38 13.93
C VAL B 177 -1.66 3.66 15.15
N ALA B 178 -2.88 3.12 15.01
CA ALA B 178 -3.48 2.26 16.04
C ALA B 178 -3.66 2.97 17.39
N ASP B 179 -4.68 3.84 17.47
CA ASP B 179 -4.91 4.90 18.46
C ASP B 179 -4.39 4.63 19.87
N GLU B 180 -4.67 3.45 20.43
CA GLU B 180 -4.16 2.96 21.72
C GLU B 180 -4.37 3.95 22.86
N SER B 181 -5.65 4.15 23.22
CA SER B 181 -6.02 5.02 24.33
C SER B 181 -5.41 4.58 25.65
N PRO B 205 -8.69 -0.72 23.66
CA PRO B 205 -8.61 -1.35 22.34
C PRO B 205 -7.88 -0.48 21.31
N LEU B 206 -6.69 -0.91 20.91
CA LEU B 206 -5.90 -0.21 19.90
C LEU B 206 -6.41 -0.62 18.53
N GLY B 207 -7.25 0.24 17.95
CA GLY B 207 -7.82 -0.04 16.64
C GLY B 207 -6.84 0.21 15.51
N ARG B 208 -6.39 -0.86 14.87
CA ARG B 208 -5.36 -0.74 13.83
C ARG B 208 -5.95 -0.12 12.58
N PHE B 209 -5.40 1.02 12.15
CA PHE B 209 -5.81 1.65 10.90
C PHE B 209 -4.77 1.39 9.83
N ALA B 210 -5.14 1.68 8.59
CA ALA B 210 -4.23 1.52 7.46
C ALA B 210 -4.68 2.41 6.32
N ILE B 211 -3.74 3.12 5.72
CA ILE B 211 -4.00 4.01 4.60
C ILE B 211 -3.19 3.51 3.40
N GLU B 212 -3.52 4.04 2.22
CA GLU B 212 -2.84 3.66 0.99
C GLU B 212 -2.23 4.90 0.37
N THR B 213 -0.98 4.80 -0.09
CA THR B 213 -0.23 5.97 -0.48
C THR B 213 0.75 5.65 -1.59
N LEU B 214 1.17 6.70 -2.31
CA LEU B 214 2.27 6.58 -3.25
C LEU B 214 3.59 6.49 -2.49
N PRO B 215 4.58 5.79 -3.04
CA PRO B 215 5.90 5.77 -2.42
C PRO B 215 6.61 7.10 -2.57
N ALA B 216 7.70 7.24 -1.81
CA ALA B 216 8.36 8.53 -1.63
C ALA B 216 9.17 8.98 -2.85
N GLY B 217 9.43 8.09 -3.80
CA GLY B 217 10.30 8.42 -4.91
C GLY B 217 9.63 8.72 -6.24
N THR B 218 8.31 8.78 -6.29
CA THR B 218 7.61 8.95 -7.56
C THR B 218 7.73 10.38 -8.07
N ARG B 219 8.05 10.52 -9.35
CA ARG B 219 8.02 11.82 -10.00
C ARG B 219 6.62 12.13 -10.52
N LEU B 220 6.32 13.42 -10.62
CA LEU B 220 5.03 13.90 -11.09
C LEU B 220 5.26 15.05 -12.06
N GLN B 221 4.38 15.15 -13.05
CA GLN B 221 4.51 16.16 -14.10
C GLN B 221 3.20 16.91 -14.24
N THR B 222 3.26 18.24 -14.25
CA THR B 222 2.03 19.05 -14.24
C THR B 222 2.31 20.33 -15.01
N TRP B 223 1.27 20.91 -15.60
CA TRP B 223 1.40 22.23 -16.20
C TRP B 223 0.20 23.10 -15.82
N ALA B 224 0.48 24.36 -15.57
CA ALA B 224 -0.54 25.37 -15.31
C ALA B 224 -0.48 26.43 -16.40
N ARG B 225 -1.52 27.23 -16.54
CA ARG B 225 -1.58 28.13 -17.68
C ARG B 225 -2.41 29.37 -17.35
N LEU B 226 -1.84 30.53 -17.64
CA LEU B 226 -2.57 31.78 -17.77
C LEU B 226 -2.53 32.20 -19.23
N ASP B 227 -3.70 32.39 -19.83
CA ASP B 227 -3.75 32.67 -21.26
C ASP B 227 -3.44 34.14 -21.57
N ASN B 228 -4.07 35.06 -20.85
CA ASN B 228 -4.01 36.48 -21.18
C ASN B 228 -2.74 37.08 -20.60
N ALA B 229 -1.70 37.19 -21.45
CA ALA B 229 -0.45 37.83 -21.06
C ALA B 229 -0.65 39.34 -21.08
N THR B 230 -1.17 39.86 -19.96
CA THR B 230 -1.61 41.25 -19.88
C THR B 230 -0.80 42.09 -18.89
N GLU B 231 -0.75 41.67 -17.63
CA GLU B 231 -0.41 42.60 -16.56
C GLU B 231 0.32 41.87 -15.44
N HIS B 232 0.30 42.46 -14.24
CA HIS B 232 1.09 42.00 -13.10
C HIS B 232 0.69 40.62 -12.61
N GLN B 233 -0.46 40.10 -13.06
CA GLN B 233 -0.97 38.82 -12.56
C GLN B 233 -0.01 37.68 -12.85
N ALA B 234 0.73 37.77 -13.96
CA ALA B 234 1.74 36.77 -14.26
C ALA B 234 2.84 36.76 -13.20
N ALA B 235 3.28 37.95 -12.78
CA ALA B 235 4.29 38.03 -11.73
C ALA B 235 3.74 37.54 -10.39
N PHE B 236 2.47 37.84 -10.12
CA PHE B 236 1.84 37.35 -8.89
C PHE B 236 1.79 35.83 -8.86
N PHE B 237 1.42 35.21 -9.99
CA PHE B 237 1.38 33.75 -10.06
C PHE B 237 2.78 33.16 -10.04
N ASP B 238 3.77 33.89 -10.58
CA ASP B 238 5.15 33.45 -10.49
C ASP B 238 5.60 33.43 -9.03
N ASN B 239 5.19 34.44 -8.25
CA ASN B 239 5.50 34.45 -6.82
C ASN B 239 4.82 33.31 -6.09
N VAL B 240 3.58 32.99 -6.47
CA VAL B 240 2.85 31.88 -5.86
C VAL B 240 3.57 30.56 -6.14
N LEU B 241 3.99 30.35 -7.39
CA LEU B 241 4.73 29.13 -7.73
C LEU B 241 6.11 29.11 -7.09
N SER B 242 6.72 30.27 -6.87
CA SER B 242 7.98 30.31 -6.13
C SER B 242 7.78 29.83 -4.70
N THR B 243 6.71 30.29 -4.05
CA THR B 243 6.40 29.82 -2.70
C THR B 243 6.13 28.32 -2.67
N PHE B 244 5.35 27.83 -3.64
CA PHE B 244 5.06 26.40 -3.70
C PHE B 244 6.28 25.56 -4.02
N ALA B 245 7.22 26.08 -4.82
CA ALA B 245 8.46 25.36 -5.05
C ALA B 245 9.35 25.40 -3.82
N ALA B 246 9.28 26.48 -3.04
CA ALA B 246 10.09 26.60 -1.83
C ALA B 246 9.65 25.61 -0.76
N HIS B 247 8.41 25.72 -0.29
CA HIS B 247 7.96 24.89 0.83
C HIS B 247 6.55 24.37 0.60
N GLY B 248 6.26 23.88 -0.60
CA GLY B 248 4.93 23.40 -0.89
C GLY B 248 4.66 22.02 -0.34
N HIS B 249 3.39 21.64 -0.39
CA HIS B 249 2.94 20.32 0.04
C HIS B 249 1.62 20.02 -0.65
N LEU B 250 1.37 18.73 -0.87
CA LEU B 250 0.07 18.28 -1.35
C LEU B 250 -0.13 16.86 -0.85
N GLY B 251 -1.34 16.57 -0.39
CA GLY B 251 -1.62 15.29 0.21
C GLY B 251 -2.72 15.42 1.23
N GLY B 252 -2.75 14.46 2.17
CA GLY B 252 -3.85 14.40 3.12
C GLY B 252 -3.47 14.22 4.57
N ARG B 253 -2.19 14.02 4.87
CA ARG B 253 -1.73 13.89 6.25
C ARG B 253 -0.45 14.69 6.45
N SER B 254 -0.48 15.97 6.04
CA SER B 254 0.69 16.83 6.14
C SER B 254 1.11 17.08 7.58
N ALA B 255 0.22 16.87 8.55
CA ALA B 255 0.58 16.97 9.96
C ALA B 255 1.40 15.78 10.44
N ALA B 256 1.51 14.71 9.64
CA ALA B 256 2.31 13.54 9.99
C ALA B 256 3.44 13.31 9.00
N GLY B 257 3.85 14.34 8.27
CA GLY B 257 4.94 14.24 7.34
C GLY B 257 4.58 13.70 5.97
N HIS B 258 3.31 13.40 5.73
CA HIS B 258 2.88 12.85 4.45
C HIS B 258 2.60 14.00 3.48
N GLY B 259 3.38 14.08 2.41
CA GLY B 259 3.09 15.03 1.36
C GLY B 259 4.16 16.08 1.09
N GLN B 260 5.35 15.88 1.64
CA GLN B 260 6.44 16.82 1.40
C GLN B 260 7.06 16.55 0.03
N VAL B 261 7.07 17.56 -0.83
CA VAL B 261 7.58 17.45 -2.18
C VAL B 261 8.51 18.62 -2.46
N THR B 262 9.34 18.46 -3.48
CA THR B 262 10.15 19.54 -4.02
C THR B 262 9.91 19.64 -5.52
N ALA B 263 9.66 20.85 -5.99
CA ALA B 263 9.24 21.08 -7.37
C ALA B 263 10.22 22.03 -8.07
N THR B 264 10.09 22.10 -9.39
CA THR B 264 10.82 23.11 -10.15
C THR B 264 9.90 23.68 -11.22
N VAL B 265 9.99 24.99 -11.43
CA VAL B 265 9.16 25.70 -12.41
C VAL B 265 10.01 26.00 -13.63
N THR B 266 9.44 25.79 -14.82
CA THR B 266 10.21 25.87 -16.05
C THR B 266 9.25 26.29 -17.17
N ALA B 267 9.82 26.73 -18.30
CA ALA B 267 9.17 26.78 -19.60
C ALA B 267 8.05 27.83 -19.68
N THR B 268 8.38 29.07 -19.34
CA THR B 268 7.52 30.20 -19.69
C THR B 268 7.63 30.39 -21.20
N ALA B 269 6.69 29.82 -21.95
CA ALA B 269 6.85 29.64 -23.39
C ALA B 269 6.32 30.80 -24.22
N LEU B 270 5.71 31.80 -23.60
CA LEU B 270 5.17 32.95 -24.33
C LEU B 270 5.79 34.20 -23.73
N ARG B 271 5.22 35.36 -24.07
CA ARG B 271 5.78 36.68 -23.75
C ARG B 271 5.99 36.86 -22.25
N GLY B 272 7.25 36.93 -21.83
CA GLY B 272 7.57 36.83 -20.42
C GLY B 272 7.21 38.08 -19.64
N SER B 273 7.08 37.89 -18.33
CA SER B 273 6.80 39.00 -17.43
C SER B 273 8.07 39.82 -17.20
N LEU B 274 7.92 41.14 -17.20
CA LEU B 274 9.06 42.02 -17.02
C LEU B 274 9.60 41.91 -15.58
N PRO B 275 10.91 41.97 -15.38
CA PRO B 275 11.46 41.87 -14.03
C PRO B 275 11.09 43.07 -13.16
N ARG B 276 11.23 42.86 -11.86
CA ARG B 276 10.80 43.74 -10.76
C ARG B 276 9.52 44.54 -11.01
N PRO B 277 8.35 43.87 -11.15
CA PRO B 277 7.09 44.61 -11.15
C PRO B 277 6.42 44.63 -9.78
N THR B 278 5.33 45.38 -9.66
CA THR B 278 4.59 45.46 -8.41
C THR B 278 3.75 44.20 -8.21
N VAL B 279 3.81 43.62 -7.01
CA VAL B 279 2.93 42.50 -6.69
C VAL B 279 1.57 42.98 -6.23
N ASP B 280 1.51 43.69 -5.10
CA ASP B 280 0.24 44.19 -4.61
C ASP B 280 0.28 45.60 -4.01
N TRP B 281 1.44 46.25 -3.94
CA TRP B 281 1.49 47.57 -3.32
C TRP B 281 0.94 48.59 -4.33
N VAL B 282 -0.39 48.66 -4.36
CA VAL B 282 -1.12 49.56 -5.24
C VAL B 282 -1.93 50.53 -4.39
N ASN B 283 -1.38 50.90 -3.23
CA ASN B 283 -1.84 51.84 -2.20
C ASN B 283 -2.91 51.24 -1.27
N GLN B 284 -3.26 49.96 -1.43
CA GLN B 284 -4.17 49.21 -0.54
C GLN B 284 -5.42 49.96 -0.09
N LEU B 285 -6.35 50.22 -1.02
CA LEU B 285 -7.61 50.88 -0.63
C LEU B 285 -8.44 50.00 0.31
N ALA B 286 -8.29 48.68 0.21
CA ALA B 286 -8.92 47.68 1.10
C ALA B 286 -10.45 47.82 1.10
N ASP B 287 -11.04 47.60 -0.06
CA ASP B 287 -12.49 47.66 -0.20
C ASP B 287 -13.05 46.29 0.21
N ASP B 288 -14.36 46.08 0.05
CA ASP B 288 -15.00 44.82 0.39
C ASP B 288 -14.53 43.68 -0.49
N ILE C 18 8.32 28.80 12.12
CA ILE C 18 9.58 28.30 12.66
C ILE C 18 9.67 26.80 12.48
N ARG C 19 10.76 26.32 11.89
CA ARG C 19 11.03 24.89 11.83
C ARG C 19 12.26 24.58 12.66
N TRP C 20 12.30 23.37 13.19
CA TRP C 20 13.40 22.88 14.01
C TRP C 20 14.00 21.66 13.32
N ASP C 21 15.30 21.72 13.03
CA ASP C 21 16.02 20.59 12.45
C ASP C 21 16.72 19.86 13.58
N VAL C 22 16.46 18.56 13.69
CA VAL C 22 17.04 17.74 14.75
C VAL C 22 17.85 16.61 14.13
N ASP C 23 19.06 16.43 14.65
CA ASP C 23 19.91 15.28 14.36
C ASP C 23 19.94 14.42 15.61
N ILE C 24 19.69 13.13 15.43
CA ILE C 24 19.49 12.20 16.53
C ILE C 24 20.47 11.06 16.36
N ILE C 25 21.41 10.91 17.28
CA ILE C 25 22.31 9.76 17.26
C ILE C 25 21.88 8.78 18.34
N ALA C 26 21.71 7.52 17.96
CA ALA C 26 21.27 6.51 18.89
C ALA C 26 22.40 6.15 19.86
N GLN C 27 22.01 5.68 21.04
CA GLN C 27 22.95 5.15 22.01
C GLN C 27 22.69 3.71 22.35
N SER C 28 21.65 3.10 21.76
CA SER C 28 21.31 1.70 21.96
C SER C 28 20.49 1.26 20.75
N SER C 29 20.00 0.03 20.80
CA SER C 29 19.14 -0.47 19.74
C SER C 29 17.79 0.24 19.77
N ILE C 30 17.19 0.40 18.60
CA ILE C 30 15.90 1.07 18.45
C ILE C 30 14.95 0.06 17.82
N VAL C 31 14.15 -0.61 18.65
CA VAL C 31 13.17 -1.57 18.14
C VAL C 31 11.86 -0.83 17.87
N HIS C 32 11.31 -1.06 16.68
CA HIS C 32 10.07 -0.39 16.28
C HIS C 32 9.24 -1.41 15.50
N ARG C 33 8.23 -1.95 16.17
CA ARG C 33 7.51 -3.12 15.68
C ARG C 33 6.70 -2.79 14.43
N ASP C 34 6.45 -3.82 13.61
CA ASP C 34 5.66 -3.64 12.42
C ASP C 34 4.17 -3.61 12.75
N ASP C 35 3.36 -3.40 11.72
CA ASP C 35 1.92 -3.44 11.84
C ASP C 35 1.36 -4.46 10.86
N ASP C 42 4.90 -19.89 18.15
CA ASP C 42 5.84 -20.68 18.94
C ASP C 42 7.27 -20.36 18.53
N THR C 43 7.96 -19.60 19.40
CA THR C 43 9.34 -19.16 19.19
C THR C 43 9.50 -18.43 17.86
N PHE C 44 8.51 -17.59 17.55
CA PHE C 44 8.44 -16.91 16.26
C PHE C 44 8.97 -15.49 16.38
N THR C 45 9.60 -15.03 15.30
CA THR C 45 10.15 -13.68 15.26
C THR C 45 9.07 -12.67 14.92
N LEU C 46 9.48 -11.40 14.90
CA LEU C 46 8.57 -10.27 14.71
C LEU C 46 9.40 -9.06 14.31
N PHE C 47 9.06 -8.50 13.16
CA PHE C 47 10.04 -7.82 12.31
C PHE C 47 10.18 -6.35 12.67
N ARG C 48 10.85 -5.60 11.81
CA ARG C 48 11.03 -4.16 11.89
C ARG C 48 10.18 -3.50 10.80
N ARG C 49 9.54 -2.39 11.15
CA ARG C 49 8.66 -1.68 10.21
C ARG C 49 9.48 -1.13 9.06
N GLU C 50 9.02 -1.37 7.84
CA GLU C 50 9.74 -1.00 6.62
C GLU C 50 8.79 -0.31 5.66
N LYS C 51 9.23 0.83 5.12
CA LYS C 51 8.46 1.58 4.13
C LYS C 51 9.29 1.63 2.85
N ILE C 52 8.64 1.80 1.71
CA ILE C 52 9.31 1.62 0.44
C ILE C 52 9.71 2.96 -0.14
N ILE C 53 10.67 2.91 -1.05
CA ILE C 53 11.07 4.07 -1.85
C ILE C 53 11.32 3.61 -3.27
N GLY C 54 10.91 4.43 -4.24
CA GLY C 54 11.37 4.35 -5.61
C GLY C 54 12.48 5.34 -5.95
N PRO C 55 13.73 5.13 -5.46
CA PRO C 55 14.74 6.20 -5.59
C PRO C 55 15.20 6.47 -7.01
N ASP C 56 15.57 5.42 -7.75
CA ASP C 56 16.18 5.56 -9.07
C ASP C 56 15.56 4.58 -10.07
N GLY C 57 14.25 4.38 -9.98
CA GLY C 57 13.52 3.57 -10.93
C GLY C 57 13.15 2.19 -10.44
N GLN C 58 13.74 1.73 -9.34
CA GLN C 58 13.45 0.41 -8.79
C GLN C 58 12.88 0.56 -7.38
N ILE C 59 12.12 -0.45 -6.97
CA ILE C 59 11.45 -0.42 -5.68
C ILE C 59 12.37 -1.02 -4.62
N LEU C 60 12.49 -0.35 -3.48
CA LEU C 60 13.31 -0.84 -2.38
C LEU C 60 12.55 -0.67 -1.07
N GLN C 61 12.87 -1.54 -0.11
CA GLN C 61 12.31 -1.46 1.23
C GLN C 61 13.39 -0.91 2.16
N ILE C 62 13.06 0.11 2.95
CA ILE C 62 14.02 0.64 3.90
C ILE C 62 13.34 0.77 5.27
N PRO C 63 14.05 0.56 6.36
CA PRO C 63 13.45 0.74 7.69
C PRO C 63 13.43 2.20 8.10
N LEU C 64 12.32 2.61 8.72
CA LEU C 64 12.18 3.95 9.26
C LEU C 64 11.04 3.96 10.25
N ILE C 65 11.23 4.68 11.37
CA ILE C 65 10.14 4.94 12.29
C ILE C 65 9.15 5.87 11.62
N SER C 66 7.86 5.55 11.72
CA SER C 66 6.83 6.39 11.13
C SER C 66 6.83 7.75 11.79
N GLY C 67 6.50 8.78 11.00
CA GLY C 67 6.54 10.15 11.50
C GLY C 67 5.49 10.42 12.56
N SER C 68 4.42 9.62 12.58
CA SER C 68 3.41 9.78 13.62
C SER C 68 3.90 9.32 14.98
N SER C 69 4.85 8.38 15.02
CA SER C 69 5.39 7.93 16.31
C SER C 69 6.16 9.05 17.01
N PHE C 70 6.93 9.84 16.24
CA PHE C 70 7.62 10.98 16.81
C PHE C 70 6.63 12.01 17.35
N ARG C 71 5.54 12.24 16.61
CA ARG C 71 4.49 13.15 17.06
C ARG C 71 3.83 12.65 18.33
N GLY C 72 3.59 11.33 18.41
CA GLY C 72 3.00 10.78 19.62
C GLY C 72 3.91 10.87 20.83
N VAL C 73 5.21 10.63 20.62
CA VAL C 73 6.17 10.77 21.72
C VAL C 73 6.21 12.22 22.20
N LEU C 74 6.24 13.17 21.27
CA LEU C 74 6.19 14.57 21.65
C LEU C 74 4.87 14.93 22.33
N ARG C 75 3.77 14.27 21.94
CA ARG C 75 2.49 14.51 22.58
C ARG C 75 2.50 14.05 24.04
N ARG C 76 3.06 12.87 24.30
CA ARG C 76 3.18 12.39 25.66
C ARG C 76 4.09 13.29 26.50
N VAL C 77 5.21 13.74 25.90
CA VAL C 77 6.12 14.64 26.59
C VAL C 77 5.45 15.96 26.92
N GLY C 78 4.68 16.51 25.97
CA GLY C 78 3.99 17.77 26.21
C GLY C 78 2.91 17.66 27.26
N GLU C 79 2.14 16.57 27.25
CA GLU C 79 1.12 16.41 28.27
C GLU C 79 1.74 16.16 29.64
N ALA C 80 2.88 15.48 29.70
CA ALA C 80 3.57 15.32 30.98
C ALA C 80 4.12 16.65 31.46
N LEU C 81 4.60 17.50 30.55
CA LEU C 81 5.20 18.76 30.97
C LEU C 81 4.14 19.78 31.36
N THR C 82 2.95 19.73 30.75
CA THR C 82 1.91 20.69 31.09
C THR C 82 1.22 20.37 32.42
N ALA C 83 1.44 19.19 32.99
CA ALA C 83 0.88 18.84 34.28
C ALA C 83 1.82 19.16 35.44
N GLU C 84 3.06 19.57 35.16
CA GLU C 84 3.97 19.94 36.23
C GLU C 84 3.64 21.31 36.81
N VAL C 85 2.93 22.15 36.06
CA VAL C 85 2.51 23.47 36.54
C VAL C 85 1.01 23.59 36.71
N LEU C 86 0.23 22.62 36.24
CA LEU C 86 -1.21 22.63 36.37
C LEU C 86 -1.64 21.41 37.16
N GLY C 87 -2.59 21.59 38.08
CA GLY C 87 -3.01 20.50 38.93
C GLY C 87 -3.73 19.42 38.15
N TYR C 88 -3.48 18.16 38.55
CA TYR C 88 -4.05 17.00 37.88
C TYR C 88 -4.99 16.22 38.81
N GLU C 89 -5.43 16.84 39.90
CA GLU C 89 -6.34 16.17 40.84
C GLU C 89 -7.72 15.96 40.23
N ASP C 90 -8.09 16.71 39.20
CA ASP C 90 -9.40 16.60 38.58
C ASP C 90 -9.26 16.40 37.07
N VAL C 91 -10.18 15.61 36.52
CA VAL C 91 -10.23 15.33 35.09
C VAL C 91 -11.68 15.44 34.62
N ALA C 92 -11.83 15.62 33.31
CA ALA C 92 -13.12 15.71 32.62
C ALA C 92 -14.04 16.78 33.18
N LEU C 107 -2.54 12.96 25.47
CA LEU C 107 -3.44 11.82 25.39
C LEU C 107 -3.95 11.66 23.97
N ALA C 108 -4.65 10.55 23.73
CA ALA C 108 -5.20 10.22 22.42
C ALA C 108 -6.72 10.34 22.50
N LYS C 109 -7.25 11.41 21.92
CA LYS C 109 -8.67 11.73 22.04
C LYS C 109 -9.47 11.09 20.91
N SER C 110 -10.75 10.85 21.17
CA SER C 110 -11.68 10.30 20.22
C SER C 110 -12.85 11.27 20.03
N ALA C 111 -13.84 10.86 19.23
CA ALA C 111 -14.96 11.72 18.86
C ALA C 111 -16.27 11.11 19.33
N HIS C 112 -17.08 11.91 20.02
CA HIS C 112 -18.42 11.53 20.45
C HIS C 112 -19.21 12.79 20.74
N PRO C 113 -20.48 12.87 20.35
CA PRO C 113 -21.26 14.09 20.63
C PRO C 113 -22.07 14.00 21.91
N LEU C 114 -22.05 15.10 22.66
CA LEU C 114 -22.90 15.24 23.84
C LEU C 114 -23.92 16.35 23.68
N THR C 115 -23.48 17.59 23.44
CA THR C 115 -24.38 18.69 23.15
C THR C 115 -23.84 19.66 22.12
N ASP C 116 -22.66 19.39 21.55
CA ASP C 116 -22.04 20.19 20.49
C ASP C 116 -21.81 21.64 20.93
N GLU C 117 -21.04 21.81 22.01
CA GLU C 117 -20.62 23.14 22.44
C GLU C 117 -19.34 23.52 21.70
N GLU C 118 -19.42 24.56 20.87
CA GLU C 118 -18.43 24.83 19.83
C GLU C 118 -17.91 26.26 19.91
N GLU C 119 -17.51 26.69 21.10
CA GLU C 119 -16.71 27.90 21.26
C GLU C 119 -15.32 27.49 21.72
N ARG C 120 -14.29 27.94 20.99
CA ARG C 120 -12.95 27.40 21.17
C ARG C 120 -11.93 28.49 21.47
N ASN C 121 -12.23 29.37 22.41
CA ASN C 121 -11.25 30.35 22.86
C ASN C 121 -10.10 29.73 23.63
N LEU C 122 -10.29 28.51 24.15
CA LEU C 122 -9.32 27.86 25.03
C LEU C 122 -7.98 27.59 24.35
N LYS C 123 -7.93 27.62 23.01
CA LYS C 123 -6.66 27.56 22.31
C LYS C 123 -5.71 28.66 22.76
N GLU C 124 -6.23 29.86 23.01
CA GLU C 124 -5.40 30.90 23.60
C GLU C 124 -5.11 30.63 25.07
N LEU C 125 -6.06 30.02 25.79
CA LEU C 125 -5.87 29.80 27.22
C LEU C 125 -4.98 28.60 27.49
N LEU C 126 -5.21 27.50 26.77
CA LEU C 126 -4.50 26.25 27.04
C LEU C 126 -3.53 25.96 25.90
N PRO C 127 -2.22 26.03 26.13
CA PRO C 127 -1.26 25.94 25.03
C PRO C 127 -0.89 24.52 24.61
N GLN C 128 -1.66 23.52 25.02
CA GLN C 128 -1.36 22.14 24.66
C GLN C 128 -2.24 21.64 23.51
N ILE C 129 -3.55 21.73 23.65
CA ILE C 129 -4.43 21.26 22.57
C ILE C 129 -4.46 22.22 21.40
N ALA C 130 -4.00 23.45 21.58
CA ALA C 130 -3.92 24.39 20.45
C ALA C 130 -2.82 23.98 19.48
N VAL C 131 -1.73 23.41 19.98
CA VAL C 131 -0.59 23.10 19.13
C VAL C 131 -0.75 21.71 18.51
N PHE C 132 -1.16 20.73 19.30
CA PHE C 132 -1.11 19.35 18.87
C PHE C 132 -2.46 18.80 18.41
N GLY C 133 -3.52 19.58 18.53
CA GLY C 133 -4.82 19.16 18.01
C GLY C 133 -5.50 18.12 18.89
N GLY C 134 -6.70 17.74 18.47
CA GLY C 134 -7.48 16.76 19.19
C GLY C 134 -8.92 16.80 18.78
N ALA C 135 -9.72 15.97 19.45
CA ALA C 135 -11.16 15.91 19.25
C ALA C 135 -11.86 16.01 20.60
N ALA C 136 -12.72 17.01 20.75
CA ALA C 136 -13.40 17.25 22.02
C ALA C 136 -14.84 16.72 22.02
N SER C 137 -15.66 17.18 21.08
CA SER C 137 -17.07 16.82 21.05
C SER C 137 -17.53 16.57 19.62
N GLY C 138 -16.72 15.84 18.85
CA GLY C 138 -17.07 15.53 17.47
C GLY C 138 -16.37 16.42 16.47
N ARG C 139 -16.26 17.71 16.78
CA ARG C 139 -15.51 18.64 15.95
C ARG C 139 -14.04 18.53 16.31
N VAL C 140 -13.25 17.94 15.41
CA VAL C 140 -11.82 17.80 15.64
C VAL C 140 -11.14 19.16 15.53
N MET C 141 -9.95 19.26 16.12
CA MET C 141 -9.22 20.52 16.17
C MET C 141 -8.22 20.59 15.03
N SER C 142 -7.58 21.75 14.91
CA SER C 142 -6.55 21.98 13.91
C SER C 142 -5.21 22.14 14.62
N GLY C 143 -4.24 21.32 14.23
CA GLY C 143 -2.93 21.36 14.86
C GLY C 143 -1.94 22.17 14.05
N LEU C 144 -1.27 23.11 14.72
CA LEU C 144 -0.26 23.92 14.05
C LEU C 144 0.99 23.11 13.72
N LEU C 145 1.27 22.07 14.50
CA LEU C 145 2.49 21.30 14.34
C LEU C 145 2.41 20.36 13.15
N SER C 146 3.46 20.36 12.33
CA SER C 146 3.64 19.35 11.29
C SER C 146 5.05 18.79 11.42
N VAL C 147 5.16 17.47 11.53
CA VAL C 147 6.45 16.84 11.76
C VAL C 147 6.65 15.74 10.73
N SER C 148 7.90 15.58 10.29
CA SER C 148 8.25 14.66 9.23
C SER C 148 8.80 13.34 9.80
N LYS C 149 8.97 12.38 8.91
CA LYS C 149 9.45 11.06 9.28
C LYS C 149 10.95 11.10 9.58
N VAL C 150 11.46 10.01 10.11
CA VAL C 150 12.90 9.86 10.32
C VAL C 150 13.47 9.12 9.12
N LEU C 151 14.72 9.41 8.79
CA LEU C 151 15.40 8.75 7.67
C LEU C 151 16.82 8.38 8.12
N PRO C 152 17.01 7.17 8.63
CA PRO C 152 18.36 6.78 9.08
C PRO C 152 19.29 6.31 7.96
N GLU C 153 18.75 5.62 6.95
CA GLU C 153 19.55 4.82 6.05
C GLU C 153 20.15 5.70 4.94
N ILE C 154 20.71 5.09 3.91
CA ILE C 154 21.37 5.81 2.82
C ILE C 154 20.36 6.00 1.69
N ALA C 155 19.96 7.25 1.47
CA ALA C 155 18.98 7.62 0.46
C ALA C 155 19.32 9.03 -0.01
N GLU C 156 18.36 9.69 -0.65
CA GLU C 156 18.54 11.05 -1.16
C GLU C 156 17.45 12.00 -0.66
N LEU C 157 16.73 11.62 0.39
CA LEU C 157 15.51 12.32 0.77
C LEU C 157 15.67 13.25 1.96
N ALA C 158 16.64 13.01 2.85
CA ALA C 158 16.81 13.86 4.02
C ALA C 158 17.61 15.11 3.66
N HIS C 159 18.03 15.87 4.67
CA HIS C 159 18.92 16.98 4.44
C HIS C 159 20.36 16.48 4.49
N LEU C 160 21.33 17.40 4.61
CA LEU C 160 22.72 17.12 4.28
C LEU C 160 23.33 16.06 5.19
N LEU C 161 24.07 15.13 4.58
CA LEU C 161 24.63 13.94 5.23
C LEU C 161 25.90 14.27 5.99
N PRO C 162 26.16 13.57 7.10
CA PRO C 162 27.39 13.83 7.87
C PRO C 162 28.56 12.92 7.50
N ARG C 163 28.34 11.90 6.68
CA ARG C 163 29.37 10.89 6.50
C ARG C 163 29.26 10.26 5.11
N PRO C 164 30.35 9.75 4.54
CA PRO C 164 30.23 8.91 3.35
C PRO C 164 29.42 7.66 3.64
N PRO C 165 28.66 7.16 2.67
CA PRO C 165 27.59 6.20 2.96
C PRO C 165 28.12 4.78 3.18
N HIS C 166 27.18 3.90 3.53
CA HIS C 166 27.42 2.47 3.62
C HIS C 166 26.23 1.74 3.01
N SER C 167 26.23 0.42 3.12
CA SER C 167 25.23 -0.40 2.43
C SER C 167 23.86 -0.28 3.09
N THR C 168 22.83 -0.57 2.31
CA THR C 168 21.44 -0.48 2.76
C THR C 168 20.90 -1.62 3.63
N PRO C 169 21.18 -2.94 3.38
CA PRO C 169 20.33 -3.95 4.03
C PRO C 169 20.77 -4.28 5.44
N LEU C 170 21.62 -3.45 6.04
CA LEU C 170 22.25 -3.75 7.32
C LEU C 170 21.38 -3.19 8.44
N LEU C 171 20.43 -4.01 8.89
CA LEU C 171 19.73 -3.82 10.16
C LEU C 171 19.75 -5.11 10.99
N PRO C 172 20.93 -5.56 11.43
CA PRO C 172 21.02 -6.87 12.08
C PRO C 172 20.35 -6.89 13.44
N ALA C 173 19.94 -8.09 13.82
CA ALA C 173 18.93 -8.31 14.85
C ALA C 173 19.53 -8.98 16.07
N VAL C 174 19.20 -8.45 17.25
CA VAL C 174 19.52 -9.11 18.50
C VAL C 174 18.55 -10.27 18.70
N LEU C 175 18.86 -11.16 19.63
CA LEU C 175 17.98 -12.27 19.94
C LEU C 175 17.49 -12.13 21.38
N SER C 176 16.21 -12.41 21.58
CA SER C 176 15.53 -12.02 22.81
C SER C 176 15.71 -13.07 23.91
N VAL C 177 14.84 -12.99 24.91
CA VAL C 177 15.22 -13.27 26.28
C VAL C 177 14.85 -14.67 26.76
N ALA C 178 13.96 -15.37 26.04
CA ALA C 178 13.67 -16.79 26.29
C ALA C 178 13.14 -17.04 27.71
N ASP C 179 11.85 -16.73 27.91
CA ASP C 179 11.16 -16.53 29.19
C ASP C 179 11.64 -17.38 30.37
N GLU C 180 11.81 -18.69 30.16
CA GLU C 180 12.38 -19.66 31.11
C GLU C 180 11.71 -19.59 32.49
N SER C 181 10.44 -20.00 32.53
CA SER C 181 9.68 -20.07 33.77
C SER C 181 10.32 -20.98 34.82
N PRO C 205 9.54 -24.89 29.64
CA PRO C 205 9.95 -24.62 28.26
C PRO C 205 10.35 -23.16 28.06
N LEU C 206 11.64 -22.91 27.83
CA LEU C 206 12.16 -21.58 27.58
C LEU C 206 11.95 -21.25 26.11
N GLY C 207 10.88 -20.52 25.82
CA GLY C 207 10.57 -20.16 24.45
C GLY C 207 11.45 -19.05 23.91
N ARG C 208 12.32 -19.37 22.97
CA ARG C 208 13.29 -18.41 22.46
C ARG C 208 12.59 -17.38 21.58
N PHE C 209 12.68 -16.12 21.95
CA PHE C 209 12.14 -15.04 21.13
C PHE C 209 13.28 -14.33 20.39
N ALA C 210 12.91 -13.51 19.41
CA ALA C 210 13.88 -12.74 18.66
C ALA C 210 13.20 -11.54 18.03
N ILE C 211 13.82 -10.38 18.16
CA ILE C 211 13.32 -9.13 17.59
C ILE C 211 14.34 -8.61 16.60
N GLU C 212 13.92 -7.63 15.80
CA GLU C 212 14.77 -7.03 14.78
C GLU C 212 14.88 -5.53 15.06
N THR C 213 16.10 -5.01 14.97
CA THR C 213 16.35 -3.65 15.44
C THR C 213 17.46 -3.00 14.64
N LEU C 214 17.48 -1.67 14.69
CA LEU C 214 18.59 -0.91 14.16
C LEU C 214 19.79 -1.02 15.11
N PRO C 215 21.02 -0.96 14.58
CA PRO C 215 22.19 -0.95 15.44
C PRO C 215 22.32 0.38 16.19
N ALA C 216 23.22 0.36 17.17
CA ALA C 216 23.30 1.46 18.14
C ALA C 216 23.95 2.72 17.59
N GLY C 217 24.60 2.66 16.44
CA GLY C 217 25.35 3.78 15.92
C GLY C 217 24.71 4.57 14.80
N THR C 218 23.47 4.26 14.42
CA THR C 218 22.86 4.91 13.27
C THR C 218 22.44 6.33 13.60
N ARG C 219 22.76 7.26 12.69
CA ARG C 219 22.28 8.63 12.80
C ARG C 219 20.91 8.75 12.14
N LEU C 220 20.14 9.73 12.60
CA LEU C 220 18.80 9.98 12.11
C LEU C 220 18.62 11.48 11.95
N GLN C 221 17.84 11.87 10.93
CA GLN C 221 17.63 13.27 10.61
C GLN C 221 16.15 13.56 10.50
N THR C 222 15.67 14.61 11.17
CA THR C 222 14.25 14.87 11.25
C THR C 222 14.05 16.38 11.32
N TRP C 223 12.90 16.86 10.84
CA TRP C 223 12.54 18.25 11.03
C TRP C 223 11.09 18.36 11.45
N ALA C 224 10.82 19.28 12.37
CA ALA C 224 9.46 19.61 12.80
C ALA C 224 9.19 21.07 12.43
N ARG C 225 7.92 21.47 12.43
CA ARG C 225 7.58 22.79 11.93
C ARG C 225 6.32 23.32 12.59
N LEU C 226 6.41 24.55 13.07
CA LEU C 226 5.25 25.38 13.39
C LEU C 226 5.23 26.54 12.40
N ASP C 227 4.12 26.68 11.68
CA ASP C 227 4.06 27.70 10.63
C ASP C 227 3.79 29.09 11.20
N ASN C 228 2.81 29.21 12.07
CA ASN C 228 2.32 30.52 12.53
C ASN C 228 3.21 31.02 13.65
N ALA C 229 4.17 31.89 13.30
CA ALA C 229 5.05 32.53 14.28
C ALA C 229 4.26 33.64 14.96
N THR C 230 3.51 33.27 15.99
CA THR C 230 2.56 34.17 16.63
C THR C 230 2.89 34.49 18.08
N GLU C 231 3.02 33.47 18.93
CA GLU C 231 2.89 33.69 20.36
C GLU C 231 3.76 32.69 21.12
N HIS C 232 3.43 32.47 22.39
CA HIS C 232 4.25 31.71 23.33
C HIS C 232 4.40 30.24 22.94
N GLN C 233 3.59 29.76 21.99
CA GLN C 233 3.58 28.35 21.62
C GLN C 233 4.93 27.90 21.07
N ALA C 234 5.65 28.82 20.41
CA ALA C 234 7.00 28.50 19.95
C ALA C 234 7.94 28.23 21.12
N ALA C 235 7.83 29.02 22.18
CA ALA C 235 8.65 28.79 23.37
C ALA C 235 8.25 27.50 24.07
N PHE C 236 6.95 27.20 24.09
CA PHE C 236 6.47 25.95 24.68
C PHE C 236 7.03 24.74 23.93
N PHE C 237 7.00 24.79 22.60
CA PHE C 237 7.55 23.70 21.81
C PHE C 237 9.07 23.63 21.91
N ASP C 238 9.73 24.78 22.10
CA ASP C 238 11.16 24.79 22.35
C ASP C 238 11.47 24.08 23.67
N ASN C 239 10.65 24.31 24.70
CA ASN C 239 10.82 23.61 25.96
C ASN C 239 10.61 22.11 25.80
N VAL C 240 9.62 21.72 24.99
CA VAL C 240 9.36 20.30 24.74
C VAL C 240 10.55 19.65 24.06
N LEU C 241 11.11 20.31 23.04
CA LEU C 241 12.28 19.77 22.36
C LEU C 241 13.52 19.79 23.25
N SER C 242 13.60 20.75 24.18
CA SER C 242 14.68 20.73 25.15
C SER C 242 14.59 19.50 26.05
N THR C 243 13.38 19.17 26.50
CA THR C 243 13.19 17.95 27.29
C THR C 243 13.53 16.70 26.49
N PHE C 244 13.08 16.64 25.24
CA PHE C 244 13.37 15.49 24.40
C PHE C 244 14.85 15.38 24.05
N ALA C 245 15.56 16.50 23.92
CA ALA C 245 17.00 16.43 23.72
C ALA C 245 17.72 16.02 25.00
N ALA C 246 17.17 16.39 26.15
CA ALA C 246 17.78 16.03 27.43
C ALA C 246 17.68 14.54 27.70
N HIS C 247 16.47 14.01 27.79
CA HIS C 247 16.31 12.60 28.18
C HIS C 247 15.24 11.91 27.35
N GLY C 248 15.25 12.15 26.04
CA GLY C 248 14.24 11.55 25.19
C GLY C 248 14.50 10.09 24.89
N HIS C 249 13.49 9.46 24.30
CA HIS C 249 13.57 8.07 23.87
C HIS C 249 12.54 7.84 22.79
N LEU C 250 12.83 6.89 21.90
CA LEU C 250 11.84 6.44 20.93
C LEU C 250 12.18 4.99 20.58
N GLY C 251 11.16 4.17 20.47
CA GLY C 251 11.37 2.75 20.25
C GLY C 251 10.22 1.95 20.85
N GLY C 252 10.51 0.69 21.14
CA GLY C 252 9.48 -0.22 21.58
C GLY C 252 9.78 -1.07 22.80
N ARG C 253 11.01 -1.01 23.29
CA ARG C 253 11.38 -1.77 24.49
C ARG C 253 12.22 -0.89 25.42
N SER C 254 11.73 0.32 25.70
CA SER C 254 12.46 1.26 26.54
C SER C 254 12.64 0.77 27.97
N ALA C 255 11.83 -0.20 28.41
CA ALA C 255 12.04 -0.81 29.71
C ALA C 255 13.22 -1.77 29.75
N ALA C 256 13.80 -2.11 28.59
CA ALA C 256 14.96 -2.97 28.53
C ALA C 256 16.16 -2.27 27.90
N GLY C 257 16.17 -0.94 27.93
CA GLY C 257 17.29 -0.18 27.41
C GLY C 257 17.26 0.07 25.92
N HIS C 258 16.25 -0.40 25.21
CA HIS C 258 16.15 -0.21 23.78
C HIS C 258 15.51 1.13 23.47
N GLY C 259 16.27 2.02 22.84
CA GLY C 259 15.70 3.27 22.38
C GLY C 259 16.28 4.54 22.97
N GLN C 260 17.42 4.42 23.66
CA GLN C 260 18.06 5.60 24.22
C GLN C 260 18.83 6.34 23.14
N VAL C 261 18.50 7.61 22.94
CA VAL C 261 19.11 8.44 21.91
C VAL C 261 19.52 9.77 22.51
N THR C 262 20.42 10.46 21.81
CA THR C 262 20.77 11.84 22.15
C THR C 262 20.61 12.68 20.89
N ALA C 263 19.94 13.82 21.03
CA ALA C 263 19.57 14.65 19.90
C ALA C 263 20.14 16.05 20.07
N THR C 264 20.09 16.83 18.99
CA THR C 264 20.40 18.24 19.05
C THR C 264 19.40 19.02 18.21
N VAL C 265 18.99 20.18 18.72
CA VAL C 265 18.03 21.04 18.03
C VAL C 265 18.77 22.21 17.41
N THR C 266 18.41 22.55 16.17
CA THR C 266 19.17 23.53 15.40
C THR C 266 18.21 24.21 14.43
N ALA C 267 18.63 25.36 13.89
CA ALA C 267 18.11 25.95 12.64
C ALA C 267 16.68 26.47 12.81
N THR C 268 16.47 27.34 13.78
CA THR C 268 15.26 28.16 13.81
C THR C 268 15.38 29.19 12.70
N ALA C 269 14.80 28.89 11.54
CA ALA C 269 15.12 29.61 10.32
C ALA C 269 14.23 30.82 10.06
N LEU C 270 13.24 31.08 10.89
CA LEU C 270 12.34 32.22 10.71
C LEU C 270 12.38 33.03 12.01
N ARG C 271 11.43 33.96 12.15
CA ARG C 271 11.40 34.96 13.22
C ARG C 271 11.41 34.31 14.60
N GLY C 272 12.50 34.49 15.34
CA GLY C 272 12.73 33.71 16.53
C GLY C 272 11.87 34.13 17.69
N SER C 273 11.72 33.21 18.64
CA SER C 273 10.97 33.48 19.85
C SER C 273 11.80 34.35 20.80
N LEU C 274 11.14 35.33 21.41
CA LEU C 274 11.84 36.23 22.32
C LEU C 274 12.26 35.49 23.58
N PRO C 275 13.42 35.80 24.14
CA PRO C 275 13.88 35.13 25.36
C PRO C 275 13.01 35.46 26.57
N ARG C 276 13.11 34.59 27.58
CA ARG C 276 12.31 34.54 28.80
C ARG C 276 10.82 34.92 28.64
N PRO C 277 10.03 34.15 27.85
CA PRO C 277 8.58 34.35 27.88
C PRO C 277 7.86 33.41 28.84
N THR C 278 6.56 33.61 29.00
CA THR C 278 5.76 32.75 29.86
C THR C 278 5.48 31.41 29.17
N VAL C 279 5.68 30.31 29.89
CA VAL C 279 5.30 29.00 29.34
C VAL C 279 3.82 28.73 29.59
N ASP C 280 3.42 28.62 30.85
CA ASP C 280 2.01 28.36 31.16
C ASP C 280 1.46 29.12 32.36
N TRP C 281 2.26 29.92 33.07
CA TRP C 281 1.74 30.61 34.25
C TRP C 281 0.90 31.80 33.77
N VAL C 282 -0.35 31.50 33.41
CA VAL C 282 -1.31 32.48 32.94
C VAL C 282 -2.50 32.51 33.89
N ASN C 283 -2.21 32.31 35.18
CA ASN C 283 -3.07 32.31 36.36
C ASN C 283 -3.88 31.02 36.53
N GLN C 284 -3.69 30.01 35.67
CA GLN C 284 -4.29 28.67 35.77
C GLN C 284 -5.77 28.63 36.17
N LEU C 285 -6.65 29.09 35.29
CA LEU C 285 -8.09 29.02 35.58
C LEU C 285 -8.57 27.57 35.69
N ALA C 286 -7.91 26.64 34.99
CA ALA C 286 -8.16 25.20 35.05
C ALA C 286 -9.61 24.86 34.71
N ASP C 287 -9.99 25.16 33.48
CA ASP C 287 -11.33 24.87 32.99
C ASP C 287 -11.34 23.42 32.49
N ASP C 288 -12.44 22.97 31.90
CA ASP C 288 -12.56 21.62 31.37
C ASP C 288 -11.61 21.37 30.21
N ILE D 18 -38.31 6.44 -66.75
CA ILE D 18 -37.35 5.90 -65.80
C ILE D 18 -37.66 6.40 -64.41
N ARG D 19 -37.79 5.50 -63.45
CA ARG D 19 -37.89 5.86 -62.05
C ARG D 19 -36.66 5.40 -61.30
N TRP D 20 -36.33 6.12 -60.24
CA TRP D 20 -35.18 5.81 -59.39
C TRP D 20 -35.70 5.57 -57.98
N ASP D 21 -35.40 4.40 -57.43
CA ASP D 21 -35.75 4.06 -56.07
C ASP D 21 -34.53 4.33 -55.20
N VAL D 22 -34.69 5.13 -54.16
CA VAL D 22 -33.61 5.48 -53.26
C VAL D 22 -33.96 5.07 -51.83
N ASP D 23 -32.99 4.43 -51.19
CA ASP D 23 -33.03 4.12 -49.77
C ASP D 23 -32.00 5.01 -49.09
N ILE D 24 -32.42 5.69 -48.03
CA ILE D 24 -31.64 6.74 -47.39
C ILE D 24 -31.52 6.37 -45.92
N ILE D 25 -30.30 6.10 -45.45
CA ILE D 25 -30.09 5.88 -44.03
C ILE D 25 -29.42 7.12 -43.43
N ALA D 26 -29.99 7.63 -42.35
CA ALA D 26 -29.47 8.81 -41.72
C ALA D 26 -28.17 8.50 -40.99
N GLN D 27 -27.34 9.53 -40.84
CA GLN D 27 -26.13 9.43 -40.05
C GLN D 27 -26.12 10.43 -38.90
N SER D 28 -27.15 11.24 -38.78
CA SER D 28 -27.30 12.20 -37.68
C SER D 28 -28.79 12.51 -37.55
N SER D 29 -29.10 13.46 -36.67
CA SER D 29 -30.48 13.89 -36.52
C SER D 29 -30.94 14.66 -37.74
N ILE D 30 -32.22 14.55 -38.05
CA ILE D 30 -32.83 15.22 -39.20
C ILE D 30 -33.92 16.13 -38.67
N VAL D 31 -33.61 17.41 -38.49
CA VAL D 31 -34.59 18.38 -38.02
C VAL D 31 -35.31 18.97 -39.23
N HIS D 32 -36.65 18.99 -39.17
CA HIS D 32 -37.45 19.50 -40.27
C HIS D 32 -38.62 20.26 -39.67
N ARG D 33 -38.53 21.59 -39.69
CA ARG D 33 -39.41 22.45 -38.92
C ARG D 33 -40.84 22.39 -39.46
N ASP D 34 -41.79 22.68 -38.58
CA ASP D 34 -43.19 22.71 -38.99
C ASP D 34 -43.52 24.01 -39.71
N ASP D 35 -44.77 24.11 -40.16
CA ASP D 35 -45.27 25.33 -40.76
C ASP D 35 -46.51 25.77 -40.01
N ASP D 42 -40.38 32.84 -25.31
CA ASP D 42 -39.37 32.78 -24.27
C ASP D 42 -39.09 31.33 -23.88
N THR D 43 -37.92 30.84 -24.32
CA THR D 43 -37.45 29.46 -24.10
C THR D 43 -38.50 28.45 -24.57
N PHE D 44 -39.10 28.72 -25.72
CA PHE D 44 -40.20 27.93 -26.25
C PHE D 44 -39.68 26.95 -27.29
N THR D 45 -40.32 25.78 -27.33
CA THR D 45 -39.96 24.75 -28.28
C THR D 45 -40.60 25.01 -29.64
N LEU D 46 -40.29 24.13 -30.59
CA LEU D 46 -40.70 24.28 -31.98
C LEU D 46 -40.56 22.93 -32.66
N PHE D 47 -41.67 22.45 -33.22
CA PHE D 47 -41.93 21.02 -33.31
C PHE D 47 -41.37 20.43 -34.60
N ARG D 48 -41.76 19.19 -34.89
CA ARG D 48 -41.43 18.47 -36.11
C ARG D 48 -42.68 18.38 -36.97
N ARG D 49 -42.51 18.56 -38.28
CA ARG D 49 -43.64 18.53 -39.21
C ARG D 49 -44.25 17.14 -39.24
N GLU D 50 -45.58 17.08 -39.12
CA GLU D 50 -46.30 15.82 -39.03
C GLU D 50 -47.49 15.84 -39.99
N LYS D 51 -47.66 14.77 -40.77
CA LYS D 51 -48.77 14.62 -41.69
C LYS D 51 -49.55 13.39 -41.25
N ILE D 52 -50.83 13.34 -41.59
CA ILE D 52 -51.70 12.33 -41.02
C ILE D 52 -51.90 11.18 -41.99
N ILE D 53 -52.30 10.04 -41.45
CA ILE D 53 -52.70 8.88 -42.23
C ILE D 53 -53.94 8.27 -41.59
N GLY D 54 -54.87 7.81 -42.42
CA GLY D 54 -55.90 6.88 -42.02
C GLY D 54 -55.62 5.44 -42.38
N PRO D 55 -54.67 4.76 -41.70
CA PRO D 55 -54.22 3.44 -42.18
C PRO D 55 -55.26 2.34 -42.10
N ASP D 56 -55.91 2.18 -40.95
CA ASP D 56 -56.81 1.06 -40.68
C ASP D 56 -58.08 1.54 -40.00
N GLY D 57 -58.59 2.70 -40.40
CA GLY D 57 -59.86 3.21 -39.91
C GLY D 57 -59.75 4.31 -38.88
N GLN D 58 -58.56 4.52 -38.30
CA GLN D 58 -58.35 5.56 -37.31
C GLN D 58 -57.33 6.55 -37.81
N ILE D 59 -57.40 7.78 -37.29
CA ILE D 59 -56.52 8.86 -37.72
C ILE D 59 -55.27 8.86 -36.87
N LEU D 60 -54.10 8.96 -37.52
CA LEU D 60 -52.83 9.01 -36.81
C LEU D 60 -51.96 10.10 -37.41
N GLN D 61 -51.08 10.65 -36.59
CA GLN D 61 -50.09 11.63 -37.02
C GLN D 61 -48.73 10.96 -37.11
N ILE D 62 -48.05 11.12 -38.24
CA ILE D 62 -46.71 10.55 -38.38
C ILE D 62 -45.77 11.63 -38.90
N PRO D 63 -44.50 11.62 -38.51
CA PRO D 63 -43.56 12.60 -39.05
C PRO D 63 -43.01 12.16 -40.40
N LEU D 64 -42.89 13.13 -41.30
CA LEU D 64 -42.30 12.89 -42.61
C LEU D 64 -41.89 14.23 -43.22
N ILE D 65 -40.72 14.26 -43.86
CA ILE D 65 -40.32 15.40 -44.65
C ILE D 65 -41.24 15.48 -45.87
N SER D 66 -41.74 16.68 -46.16
CA SER D 66 -42.60 16.88 -47.32
C SER D 66 -41.85 16.59 -48.60
N GLY D 67 -42.57 16.04 -49.58
CA GLY D 67 -41.93 15.64 -50.83
C GLY D 67 -41.39 16.81 -51.63
N SER D 68 -41.93 18.02 -51.39
CA SER D 68 -41.42 19.19 -52.07
C SER D 68 -40.04 19.61 -51.56
N SER D 69 -39.72 19.28 -50.30
CA SER D 69 -38.39 19.60 -49.77
C SER D 69 -37.30 18.82 -50.50
N PHE D 70 -37.56 17.55 -50.79
CA PHE D 70 -36.61 16.75 -51.57
C PHE D 70 -36.43 17.32 -52.97
N ARG D 71 -37.53 17.76 -53.59
CA ARG D 71 -37.47 18.38 -54.90
C ARG D 71 -36.67 19.68 -54.85
N GLY D 72 -36.85 20.47 -53.80
CA GLY D 72 -36.10 21.71 -53.66
C GLY D 72 -34.62 21.48 -53.45
N VAL D 73 -34.27 20.46 -52.66
CA VAL D 73 -32.86 20.11 -52.44
C VAL D 73 -32.24 19.67 -53.76
N LEU D 74 -32.94 18.84 -54.52
CA LEU D 74 -32.45 18.44 -55.83
C LEU D 74 -32.36 19.62 -56.79
N ARG D 75 -33.25 20.60 -56.65
CA ARG D 75 -33.20 21.79 -57.49
C ARG D 75 -31.94 22.61 -57.20
N ARG D 76 -31.62 22.80 -55.91
CA ARG D 76 -30.40 23.51 -55.56
C ARG D 76 -29.16 22.76 -56.02
N VAL D 77 -29.16 21.43 -55.89
CA VAL D 77 -28.04 20.62 -56.34
C VAL D 77 -27.87 20.71 -57.86
N GLY D 78 -28.98 20.67 -58.59
CA GLY D 78 -28.90 20.77 -60.05
C GLY D 78 -28.44 22.13 -60.52
N GLU D 79 -28.91 23.20 -59.89
CA GLU D 79 -28.45 24.54 -60.28
C GLU D 79 -26.99 24.75 -59.91
N ALA D 80 -26.54 24.16 -58.80
CA ALA D 80 -25.12 24.24 -58.47
C ALA D 80 -24.27 23.45 -59.46
N LEU D 81 -24.79 22.31 -59.92
CA LEU D 81 -24.01 21.47 -60.83
C LEU D 81 -23.98 22.04 -62.24
N THR D 82 -25.04 22.73 -62.66
CA THR D 82 -25.05 23.28 -64.00
C THR D 82 -24.21 24.54 -64.14
N ALA D 83 -23.75 25.12 -63.03
CA ALA D 83 -22.87 26.28 -63.08
C ALA D 83 -21.39 25.91 -63.06
N GLU D 84 -21.06 24.63 -62.85
CA GLU D 84 -19.67 24.22 -62.88
C GLU D 84 -19.12 24.14 -64.30
N VAL D 85 -20.00 24.02 -65.29
CA VAL D 85 -19.57 23.98 -66.69
C VAL D 85 -20.06 25.18 -67.48
N LEU D 86 -20.93 26.01 -66.92
CA LEU D 86 -21.43 27.20 -67.57
C LEU D 86 -21.05 28.42 -66.73
N GLY D 87 -20.61 29.48 -67.40
CA GLY D 87 -20.16 30.67 -66.70
C GLY D 87 -21.30 31.36 -65.97
N TYR D 88 -20.99 31.88 -64.78
CA TYR D 88 -21.98 32.54 -63.93
C TYR D 88 -21.65 34.02 -63.72
N GLU D 89 -20.78 34.58 -64.58
CA GLU D 89 -20.42 35.99 -64.46
C GLU D 89 -21.57 36.92 -64.83
N ASP D 90 -22.55 36.43 -65.57
CA ASP D 90 -23.69 37.23 -65.99
C ASP D 90 -25.00 36.56 -65.63
N VAL D 91 -25.98 37.39 -65.27
CA VAL D 91 -27.32 36.93 -64.92
C VAL D 91 -28.35 37.81 -65.62
N ALA D 92 -29.56 37.28 -65.74
CA ALA D 92 -30.73 37.96 -66.32
C ALA D 92 -30.49 38.48 -67.74
N LEU D 107 -32.95 27.69 -58.58
CA LEU D 107 -33.55 28.85 -57.94
C LEU D 107 -35.06 28.72 -57.90
N ALA D 108 -35.71 29.64 -57.20
CA ALA D 108 -37.15 29.64 -57.03
C ALA D 108 -37.72 30.82 -57.81
N LYS D 109 -38.32 30.53 -58.96
CA LYS D 109 -38.79 31.56 -59.88
C LYS D 109 -40.23 31.98 -59.56
N SER D 110 -40.56 33.21 -59.93
CA SER D 110 -41.89 33.77 -59.77
C SER D 110 -42.43 34.18 -61.14
N ALA D 111 -43.62 34.79 -61.13
CA ALA D 111 -44.32 35.13 -62.36
C ALA D 111 -44.54 36.64 -62.44
N HIS D 112 -44.16 37.24 -63.57
CA HIS D 112 -44.41 38.65 -63.86
C HIS D 112 -44.32 38.85 -65.36
N PRO D 113 -45.21 39.65 -65.96
CA PRO D 113 -45.15 39.86 -67.41
C PRO D 113 -44.35 41.09 -67.81
N LEU D 114 -43.53 40.94 -68.85
CA LEU D 114 -42.82 42.06 -69.45
C LEU D 114 -43.27 42.31 -70.88
N THR D 115 -43.14 41.33 -71.76
CA THR D 115 -43.65 41.44 -73.12
C THR D 115 -44.23 40.14 -73.66
N ASP D 116 -44.26 39.07 -72.85
CA ASP D 116 -44.84 37.77 -73.19
C ASP D 116 -44.17 37.16 -74.43
N GLU D 117 -42.86 36.94 -74.34
CA GLU D 117 -42.13 36.23 -75.38
C GLU D 117 -42.21 34.73 -75.09
N GLU D 118 -42.85 33.99 -75.98
CA GLU D 118 -43.32 32.63 -75.69
C GLU D 118 -42.86 31.64 -76.74
N GLU D 119 -41.57 31.65 -77.05
CA GLU D 119 -40.94 30.56 -77.80
C GLU D 119 -39.98 29.84 -76.86
N ARG D 120 -40.14 28.52 -76.75
CA ARG D 120 -39.47 27.79 -75.68
C ARG D 120 -38.64 26.63 -76.22
N ASN D 121 -37.81 26.90 -77.24
CA ASN D 121 -36.87 25.90 -77.73
C ASN D 121 -35.76 25.60 -76.73
N LEU D 122 -35.52 26.50 -75.76
CA LEU D 122 -34.40 26.40 -74.82
C LEU D 122 -34.47 25.17 -73.94
N LYS D 123 -35.64 24.53 -73.82
CA LYS D 123 -35.75 23.24 -73.16
C LYS D 123 -34.79 22.22 -73.76
N GLU D 124 -34.64 22.22 -75.09
CA GLU D 124 -33.63 21.37 -75.69
C GLU D 124 -32.22 21.90 -75.45
N LEU D 125 -32.07 23.22 -75.39
CA LEU D 125 -30.73 23.79 -75.24
C LEU D 125 -30.26 23.73 -73.79
N LEU D 126 -31.13 24.07 -72.84
CA LEU D 126 -30.75 24.16 -71.45
C LEU D 126 -31.38 23.03 -70.66
N PRO D 127 -30.61 22.07 -70.16
CA PRO D 127 -31.20 20.86 -69.56
C PRO D 127 -31.59 21.00 -68.09
N GLN D 128 -31.67 22.23 -67.57
CA GLN D 128 -32.04 22.42 -66.18
C GLN D 128 -33.50 22.84 -66.02
N ILE D 129 -33.94 23.90 -66.69
CA ILE D 129 -35.33 24.33 -66.56
C ILE D 129 -36.27 23.42 -67.33
N ALA D 130 -35.77 22.59 -68.25
CA ALA D 130 -36.63 21.65 -68.94
C ALA D 130 -37.08 20.53 -68.01
N VAL D 131 -36.23 20.14 -67.07
CA VAL D 131 -36.54 19.00 -66.21
C VAL D 131 -37.34 19.44 -64.99
N PHE D 132 -36.93 20.55 -64.37
CA PHE D 132 -37.47 20.92 -63.07
C PHE D 132 -38.52 22.02 -63.14
N GLY D 133 -38.78 22.57 -64.32
CA GLY D 133 -39.84 23.56 -64.46
C GLY D 133 -39.47 24.91 -63.91
N GLY D 134 -40.41 25.84 -64.07
CA GLY D 134 -40.21 27.19 -63.59
C GLY D 134 -41.19 28.15 -64.23
N ALA D 135 -41.04 29.43 -63.90
CA ALA D 135 -41.83 30.50 -64.47
C ALA D 135 -40.91 31.59 -64.97
N ALA D 136 -41.02 31.91 -66.26
CA ALA D 136 -40.14 32.90 -66.90
C ALA D 136 -40.83 34.26 -67.06
N SER D 137 -41.97 34.30 -67.75
CA SER D 137 -42.64 35.56 -68.03
C SER D 137 -44.15 35.40 -67.90
N GLY D 138 -44.59 34.74 -66.82
CA GLY D 138 -46.00 34.55 -66.58
C GLY D 138 -46.49 33.18 -66.98
N ARG D 139 -46.01 32.67 -68.11
CA ARG D 139 -46.32 31.32 -68.54
C ARG D 139 -45.38 30.35 -67.82
N VAL D 140 -45.93 29.60 -66.87
CA VAL D 140 -45.12 28.63 -66.13
C VAL D 140 -44.76 27.46 -67.03
N MET D 141 -43.72 26.74 -66.65
CA MET D 141 -43.20 25.64 -67.45
C MET D 141 -43.79 24.32 -66.97
N SER D 142 -43.48 23.26 -67.72
CA SER D 142 -43.91 21.91 -67.38
C SER D 142 -42.68 21.09 -67.00
N GLY D 143 -42.71 20.50 -65.80
CA GLY D 143 -41.58 19.73 -65.32
C GLY D 143 -41.78 18.25 -65.53
N LEU D 144 -40.79 17.61 -66.13
CA LEU D 144 -40.86 16.16 -66.35
C LEU D 144 -40.71 15.39 -65.05
N LEU D 145 -40.02 15.96 -64.07
CA LEU D 145 -39.74 15.25 -62.83
C LEU D 145 -40.96 15.21 -61.92
N SER D 146 -41.25 14.02 -61.38
CA SER D 146 -42.23 13.86 -60.31
C SER D 146 -41.57 13.06 -59.20
N VAL D 147 -41.60 13.58 -57.98
CA VAL D 147 -40.91 12.94 -56.87
C VAL D 147 -41.88 12.81 -55.70
N SER D 148 -41.76 11.69 -54.97
CA SER D 148 -42.68 11.35 -53.90
C SER D 148 -42.10 11.73 -52.54
N LYS D 149 -42.94 11.64 -51.53
CA LYS D 149 -42.56 11.99 -50.17
C LYS D 149 -41.66 10.91 -49.57
N VAL D 150 -41.10 11.22 -48.42
CA VAL D 150 -40.31 10.24 -47.67
C VAL D 150 -41.23 9.59 -46.64
N LEU D 151 -40.96 8.33 -46.33
CA LEU D 151 -41.74 7.59 -45.33
C LEU D 151 -40.79 6.84 -44.42
N PRO D 152 -40.40 7.42 -43.30
CA PRO D 152 -39.47 6.72 -42.40
C PRO D 152 -40.13 5.70 -41.48
N GLU D 153 -41.35 5.99 -41.00
CA GLU D 153 -41.92 5.31 -39.86
C GLU D 153 -42.54 3.97 -40.28
N ILE D 154 -43.31 3.33 -39.41
CA ILE D 154 -43.91 2.04 -39.66
C ILE D 154 -45.32 2.26 -40.17
N ALA D 155 -45.54 1.94 -41.44
CA ALA D 155 -46.82 2.11 -42.11
C ALA D 155 -46.92 1.03 -43.18
N GLU D 156 -47.83 1.22 -44.14
CA GLU D 156 -48.03 0.27 -45.23
C GLU D 156 -47.93 0.93 -46.60
N LEU D 157 -47.35 2.13 -46.67
CA LEU D 157 -47.45 2.95 -47.87
C LEU D 157 -46.19 2.93 -48.75
N ALA D 158 -45.02 2.68 -48.17
CA ALA D 158 -43.79 2.68 -48.96
C ALA D 158 -43.63 1.34 -49.69
N HIS D 159 -42.45 1.13 -50.27
CA HIS D 159 -42.13 -0.16 -50.86
C HIS D 159 -41.53 -1.06 -49.78
N LEU D 160 -40.89 -2.17 -50.19
CA LEU D 160 -40.62 -3.29 -49.29
C LEU D 160 -39.68 -2.91 -48.14
N LEU D 161 -40.03 -3.36 -46.93
CA LEU D 161 -39.36 -3.00 -45.69
C LEU D 161 -38.09 -3.82 -45.49
N PRO D 162 -37.07 -3.24 -44.85
CA PRO D 162 -35.82 -3.98 -44.60
C PRO D 162 -35.76 -4.67 -43.25
N ARG D 163 -36.72 -4.41 -42.35
CA ARG D 163 -36.58 -4.87 -40.98
C ARG D 163 -37.94 -5.12 -40.35
N PRO D 164 -38.04 -6.01 -39.36
CA PRO D 164 -39.27 -6.06 -38.56
C PRO D 164 -39.50 -4.76 -37.83
N PRO D 165 -40.76 -4.36 -37.62
CA PRO D 165 -41.08 -2.98 -37.27
C PRO D 165 -40.82 -2.68 -35.79
N HIS D 166 -41.02 -1.41 -35.44
CA HIS D 166 -41.02 -0.94 -34.08
C HIS D 166 -42.18 0.04 -33.89
N SER D 167 -42.23 0.67 -32.72
CA SER D 167 -43.37 1.51 -32.37
C SER D 167 -43.35 2.81 -33.14
N THR D 168 -44.53 3.42 -33.27
CA THR D 168 -44.70 4.68 -34.00
C THR D 168 -44.30 5.97 -33.30
N PRO D 169 -44.57 6.22 -31.97
CA PRO D 169 -44.48 7.61 -31.50
C PRO D 169 -43.05 8.02 -31.13
N LEU D 170 -42.06 7.24 -31.55
CA LEU D 170 -40.68 7.44 -31.12
C LEU D 170 -39.98 8.38 -32.10
N LEU D 171 -40.08 9.67 -31.82
CA LEU D 171 -39.21 10.69 -32.42
C LEU D 171 -38.62 11.60 -31.33
N PRO D 172 -37.79 11.05 -30.45
CA PRO D 172 -37.32 11.83 -29.30
C PRO D 172 -36.40 12.97 -29.69
N ALA D 173 -36.37 13.98 -28.83
CA ALA D 173 -35.92 15.31 -29.17
C ALA D 173 -34.65 15.67 -28.42
N VAL D 174 -33.67 16.21 -29.14
CA VAL D 174 -32.49 16.79 -28.51
C VAL D 174 -32.87 18.13 -27.92
N LEU D 175 -32.01 18.68 -27.08
CA LEU D 175 -32.25 20.00 -26.51
C LEU D 175 -31.16 20.94 -26.96
N SER D 176 -31.54 22.17 -27.30
CA SER D 176 -30.69 23.08 -28.06
C SER D 176 -29.77 23.86 -27.14
N VAL D 177 -29.23 24.95 -27.67
CA VAL D 177 -27.87 25.36 -27.38
C VAL D 177 -27.78 26.47 -26.33
N ALA D 178 -28.89 27.17 -26.04
CA ALA D 178 -28.95 28.12 -24.92
C ALA D 178 -27.95 29.27 -25.05
N ASP D 179 -28.28 30.24 -25.92
CA ASP D 179 -27.40 31.26 -26.52
C ASP D 179 -26.25 31.76 -25.64
N GLU D 180 -26.52 32.10 -24.38
CA GLU D 180 -25.54 32.48 -23.35
C GLU D 180 -24.58 33.58 -23.83
N SER D 181 -25.15 34.78 -24.02
CA SER D 181 -24.37 35.96 -24.41
C SER D 181 -23.27 36.30 -23.40
N PRO D 205 -28.72 36.35 -19.80
CA PRO D 205 -29.74 35.30 -19.75
C PRO D 205 -29.58 34.26 -20.85
N LEU D 206 -29.20 33.04 -20.47
CA LEU D 206 -29.03 31.94 -21.42
C LEU D 206 -30.41 31.33 -21.67
N GLY D 207 -31.04 31.73 -22.78
CA GLY D 207 -32.35 31.22 -23.12
C GLY D 207 -32.32 29.82 -23.68
N ARG D 208 -32.82 28.85 -22.91
CA ARG D 208 -32.75 27.45 -23.30
C ARG D 208 -33.72 27.18 -24.45
N PHE D 209 -33.20 26.72 -25.58
CA PHE D 209 -34.03 26.32 -26.70
C PHE D 209 -34.10 24.80 -26.77
N ALA D 210 -35.04 24.31 -27.58
CA ALA D 210 -35.20 22.87 -27.77
C ALA D 210 -35.91 22.63 -29.10
N ILE D 211 -35.38 21.68 -29.87
CA ILE D 211 -35.96 21.30 -31.16
C ILE D 211 -36.34 19.83 -31.09
N GLU D 212 -37.12 19.40 -32.08
CA GLU D 212 -37.60 18.01 -32.14
C GLU D 212 -37.11 17.40 -33.45
N THR D 213 -36.61 16.18 -33.38
CA THR D 213 -35.91 15.59 -34.52
C THR D 213 -36.08 14.08 -34.55
N LEU D 214 -35.86 13.51 -35.73
CA LEU D 214 -35.77 12.07 -35.88
C LEU D 214 -34.42 11.58 -35.32
N PRO D 215 -34.37 10.37 -34.79
CA PRO D 215 -33.09 9.82 -34.36
C PRO D 215 -32.20 9.46 -35.55
N ALA D 216 -30.93 9.19 -35.23
CA ALA D 216 -29.89 9.08 -36.25
C ALA D 216 -29.96 7.78 -37.04
N GLY D 217 -30.71 6.78 -36.60
CA GLY D 217 -30.71 5.49 -37.23
C GLY D 217 -31.90 5.16 -38.11
N THR D 218 -32.81 6.10 -38.36
CA THR D 218 -34.02 5.80 -39.11
C THR D 218 -33.73 5.66 -40.59
N ARG D 219 -34.29 4.62 -41.20
CA ARG D 219 -34.23 4.45 -42.64
C ARG D 219 -35.39 5.19 -43.30
N LEU D 220 -35.18 5.59 -44.55
CA LEU D 220 -36.18 6.32 -45.33
C LEU D 220 -36.21 5.74 -46.73
N GLN D 221 -37.40 5.74 -47.33
CA GLN D 221 -37.60 5.15 -48.65
C GLN D 221 -38.30 6.15 -49.54
N THR D 222 -37.78 6.36 -50.75
CA THR D 222 -38.28 7.41 -51.62
C THR D 222 -38.11 6.95 -53.06
N TRP D 223 -38.97 7.44 -53.96
CA TRP D 223 -38.79 7.20 -55.38
C TRP D 223 -39.03 8.49 -56.15
N ALA D 224 -38.20 8.70 -57.18
CA ALA D 224 -38.36 9.81 -58.11
C ALA D 224 -38.61 9.24 -59.50
N ARG D 225 -39.11 10.08 -60.41
CA ARG D 225 -39.54 9.54 -61.70
C ARG D 225 -39.43 10.59 -62.79
N LEU D 226 -38.80 10.21 -63.89
CA LEU D 226 -38.91 10.90 -65.17
C LEU D 226 -39.65 9.98 -66.13
N ASP D 227 -40.76 10.48 -66.69
CA ASP D 227 -41.61 9.64 -67.52
C ASP D 227 -41.04 9.48 -68.94
N ASN D 228 -40.66 10.60 -69.55
CA ASN D 228 -40.30 10.62 -70.97
C ASN D 228 -38.86 10.19 -71.14
N ALA D 229 -38.66 8.90 -71.45
CA ALA D 229 -37.32 8.36 -71.73
C ALA D 229 -36.91 8.79 -73.13
N THR D 230 -36.35 10.00 -73.21
CA THR D 230 -36.08 10.63 -74.49
C THR D 230 -34.59 10.87 -74.76
N GLU D 231 -33.90 11.57 -73.86
CA GLU D 231 -32.65 12.22 -74.25
C GLU D 231 -31.72 12.27 -73.04
N HIS D 232 -30.75 13.20 -73.09
CA HIS D 232 -29.66 13.28 -72.13
C HIS D 232 -30.13 13.63 -70.72
N GLN D 233 -31.38 14.07 -70.57
CA GLN D 233 -31.89 14.52 -69.27
C GLN D 233 -31.86 13.41 -68.24
N ALA D 234 -32.02 12.16 -68.67
CA ALA D 234 -31.90 11.04 -67.76
C ALA D 234 -30.50 10.92 -67.20
N ALA D 235 -29.48 11.11 -68.06
CA ALA D 235 -28.11 11.09 -67.58
C ALA D 235 -27.81 12.27 -66.67
N PHE D 236 -28.39 13.44 -66.98
CA PHE D 236 -28.21 14.60 -66.12
C PHE D 236 -28.79 14.36 -64.74
N PHE D 237 -29.98 13.78 -64.68
CA PHE D 237 -30.60 13.48 -63.39
C PHE D 237 -29.86 12.37 -62.67
N ASP D 238 -29.27 11.43 -63.42
CA ASP D 238 -28.43 10.40 -62.82
C ASP D 238 -27.21 11.02 -62.16
N ASN D 239 -26.62 12.03 -62.82
CA ASN D 239 -25.49 12.74 -62.23
C ASN D 239 -25.91 13.50 -60.96
N VAL D 240 -27.11 14.09 -60.99
CA VAL D 240 -27.62 14.80 -59.82
C VAL D 240 -27.81 13.85 -58.64
N LEU D 241 -28.40 12.68 -58.90
CA LEU D 241 -28.57 11.69 -57.84
C LEU D 241 -27.24 11.09 -57.39
N SER D 242 -26.25 11.02 -58.29
CA SER D 242 -24.92 10.59 -57.88
C SER D 242 -24.31 11.59 -56.90
N THR D 243 -24.46 12.89 -57.18
CA THR D 243 -23.98 13.91 -56.25
C THR D 243 -24.70 13.83 -54.91
N PHE D 244 -26.03 13.67 -54.94
CA PHE D 244 -26.79 13.57 -53.71
C PHE D 244 -26.50 12.30 -52.93
N ALA D 245 -26.17 11.20 -53.61
CA ALA D 245 -25.74 10.00 -52.89
C ALA D 245 -24.34 10.18 -52.33
N ALA D 246 -23.50 10.95 -53.00
CA ALA D 246 -22.13 11.18 -52.53
C ALA D 246 -22.11 12.01 -51.25
N HIS D 247 -22.62 13.24 -51.32
CA HIS D 247 -22.52 14.14 -50.17
C HIS D 247 -23.80 14.93 -49.95
N GLY D 248 -24.94 14.25 -50.04
CA GLY D 248 -26.20 14.94 -49.88
C GLY D 248 -26.55 15.22 -48.43
N HIS D 249 -27.58 16.04 -48.27
CA HIS D 249 -28.10 16.39 -46.96
C HIS D 249 -29.55 16.84 -47.11
N LEU D 250 -30.33 16.63 -46.05
CA LEU D 250 -31.68 17.17 -46.00
C LEU D 250 -32.03 17.38 -44.53
N GLY D 251 -32.66 18.51 -44.24
CA GLY D 251 -32.94 18.86 -42.87
C GLY D 251 -32.99 20.36 -42.70
N GLY D 252 -32.77 20.81 -41.47
CA GLY D 252 -32.93 22.21 -41.16
C GLY D 252 -31.81 22.87 -40.37
N ARG D 253 -30.83 22.09 -39.91
CA ARG D 253 -29.69 22.64 -39.19
C ARG D 253 -28.40 22.00 -39.68
N SER D 254 -28.21 21.99 -41.01
CA SER D 254 -27.02 21.37 -41.60
C SER D 254 -25.73 22.07 -41.20
N ALA D 255 -25.79 23.32 -40.73
CA ALA D 255 -24.62 23.98 -40.21
C ALA D 255 -24.21 23.49 -38.84
N ALA D 256 -25.04 22.68 -38.18
CA ALA D 256 -24.71 22.10 -36.89
C ALA D 256 -24.66 20.58 -36.93
N GLY D 257 -24.46 20.00 -38.11
CA GLY D 257 -24.36 18.56 -38.26
C GLY D 257 -25.68 17.83 -38.36
N HIS D 258 -26.81 18.53 -38.34
CA HIS D 258 -28.11 17.90 -38.41
C HIS D 258 -28.49 17.69 -39.87
N GLY D 259 -28.62 16.43 -40.28
CA GLY D 259 -29.13 16.13 -41.60
C GLY D 259 -28.19 15.39 -42.52
N GLN D 260 -27.11 14.83 -41.99
CA GLN D 260 -26.18 14.07 -42.79
C GLN D 260 -26.72 12.66 -43.02
N VAL D 261 -26.89 12.29 -44.29
CA VAL D 261 -27.46 11.00 -44.67
C VAL D 261 -26.57 10.37 -45.73
N THR D 262 -26.73 9.05 -45.89
CA THR D 262 -26.11 8.32 -46.99
C THR D 262 -27.20 7.54 -47.70
N ALA D 263 -27.22 7.64 -49.03
CA ALA D 263 -28.29 7.08 -49.85
C ALA D 263 -27.72 6.09 -50.86
N THR D 264 -28.61 5.34 -51.47
CA THR D 264 -28.24 4.50 -52.61
C THR D 264 -29.34 4.58 -53.67
N VAL D 265 -28.91 4.63 -54.94
CA VAL D 265 -29.84 4.72 -56.05
C VAL D 265 -29.93 3.35 -56.73
N THR D 266 -31.15 2.94 -57.08
CA THR D 266 -31.39 1.59 -57.55
C THR D 266 -32.60 1.63 -58.49
N ALA D 267 -32.76 0.56 -59.28
CA ALA D 267 -34.02 0.18 -59.94
C ALA D 267 -34.43 1.16 -61.05
N THR D 268 -33.52 1.37 -62.00
CA THR D 268 -33.91 1.98 -63.28
C THR D 268 -34.72 0.95 -64.04
N ALA D 269 -36.05 1.03 -63.93
CA ALA D 269 -36.92 -0.07 -64.33
C ALA D 269 -37.39 0.01 -65.78
N LEU D 270 -37.03 1.04 -66.52
CA LEU D 270 -37.43 1.17 -67.92
C LEU D 270 -36.16 1.36 -68.74
N ARG D 271 -36.33 1.77 -70.00
CA ARG D 271 -35.26 1.83 -70.99
C ARG D 271 -34.10 2.70 -70.54
N GLY D 272 -32.95 2.07 -70.27
CA GLY D 272 -31.87 2.75 -69.58
C GLY D 272 -31.15 3.77 -70.44
N SER D 273 -30.49 4.69 -69.77
CA SER D 273 -29.68 5.70 -70.45
C SER D 273 -28.38 5.09 -70.94
N LEU D 274 -27.99 5.44 -72.16
CA LEU D 274 -26.77 4.90 -72.75
C LEU D 274 -25.55 5.43 -72.00
N PRO D 275 -24.50 4.63 -71.82
CA PRO D 275 -23.30 5.09 -71.12
C PRO D 275 -22.56 6.17 -71.90
N ARG D 276 -21.70 6.89 -71.17
CA ARG D 276 -20.97 8.09 -71.59
C ARG D 276 -21.70 9.02 -72.57
N PRO D 277 -22.83 9.63 -72.16
CA PRO D 277 -23.41 10.70 -72.98
C PRO D 277 -22.97 12.09 -72.53
N THR D 278 -23.35 13.11 -73.30
CA THR D 278 -23.03 14.49 -72.95
C THR D 278 -23.94 14.99 -71.83
N VAL D 279 -23.35 15.62 -70.83
CA VAL D 279 -24.15 16.25 -69.78
C VAL D 279 -24.60 17.64 -70.20
N ASP D 280 -23.65 18.56 -70.40
CA ASP D 280 -24.01 19.91 -70.82
C ASP D 280 -23.08 20.54 -71.84
N TRP D 281 -22.00 19.88 -72.26
CA TRP D 281 -21.08 20.50 -73.22
C TRP D 281 -21.71 20.44 -74.61
N VAL D 282 -22.62 21.40 -74.85
CA VAL D 282 -23.33 21.52 -76.11
C VAL D 282 -22.97 22.86 -76.75
N ASN D 283 -21.72 23.29 -76.55
CA ASN D 283 -21.03 24.49 -77.04
C ASN D 283 -21.38 25.75 -76.26
N GLN D 284 -22.20 25.67 -75.20
CA GLN D 284 -22.53 26.77 -74.28
C GLN D 284 -22.81 28.11 -74.93
N LEU D 285 -23.92 28.24 -75.66
CA LEU D 285 -24.29 29.52 -76.24
C LEU D 285 -24.56 30.59 -75.17
N ALA D 286 -25.03 30.16 -73.99
CA ALA D 286 -25.25 31.00 -72.82
C ALA D 286 -26.23 32.15 -73.12
N ASP D 287 -27.46 31.77 -73.46
CA ASP D 287 -28.50 32.75 -73.74
C ASP D 287 -29.13 33.16 -72.41
N ASP D 288 -30.18 33.97 -72.45
CA ASP D 288 -30.88 34.42 -71.24
C ASP D 288 -31.54 33.26 -70.50
N ILE E 18 13.97 9.27 39.61
CA ILE E 18 15.26 8.94 40.18
C ILE E 18 15.97 7.90 39.33
N ARG E 19 17.21 8.18 38.94
CA ARG E 19 18.04 7.21 38.26
C ARG E 19 19.20 6.82 39.18
N TRP E 20 19.69 5.60 39.00
CA TRP E 20 20.80 5.06 39.77
C TRP E 20 21.90 4.70 38.78
N ASP E 21 23.09 5.28 38.97
CA ASP E 21 24.25 4.94 38.17
C ASP E 21 25.08 3.92 38.93
N VAL E 22 25.36 2.79 38.30
CA VAL E 22 26.12 1.72 38.93
C VAL E 22 27.38 1.43 38.11
N ASP E 23 28.49 1.33 38.82
CA ASP E 23 29.75 0.86 38.27
C ASP E 23 30.01 -0.51 38.87
N ILE E 24 30.33 -1.48 38.01
CA ILE E 24 30.42 -2.88 38.38
C ILE E 24 31.80 -3.37 37.97
N ILE E 25 32.62 -3.76 38.94
CA ILE E 25 33.89 -4.38 38.62
C ILE E 25 33.80 -5.88 38.88
N ALA E 26 34.19 -6.66 37.89
CA ALA E 26 34.12 -8.10 38.01
C ALA E 26 35.18 -8.62 38.97
N GLN E 27 34.91 -9.77 39.57
CA GLN E 27 35.89 -10.46 40.39
C GLN E 27 36.20 -11.85 39.86
N SER E 28 35.56 -12.26 38.77
CA SER E 28 35.79 -13.54 38.14
C SER E 28 35.35 -13.42 36.69
N SER E 29 35.39 -14.54 35.96
CA SER E 29 34.91 -14.55 34.59
C SER E 29 33.39 -14.40 34.55
N ILE E 30 32.90 -13.77 33.49
CA ILE E 30 31.48 -13.54 33.31
C ILE E 30 31.08 -14.22 32.00
N VAL E 31 30.55 -15.43 32.09
CA VAL E 31 30.09 -16.15 30.91
C VAL E 31 28.63 -15.80 30.65
N HIS E 32 28.33 -15.44 29.40
CA HIS E 32 26.97 -15.04 29.03
C HIS E 32 26.71 -15.61 27.64
N ARG E 33 25.94 -16.69 27.59
CA ARG E 33 25.81 -17.51 26.40
C ARG E 33 25.06 -16.77 25.30
N ASP E 34 25.33 -17.16 24.06
CA ASP E 34 24.65 -16.55 22.92
C ASP E 34 23.25 -17.13 22.75
N ASP E 35 22.53 -16.61 21.77
CA ASP E 35 21.22 -17.13 21.42
C ASP E 35 21.23 -17.49 19.94
N ASP E 42 29.99 -32.55 19.28
CA ASP E 42 31.08 -33.34 19.82
C ASP E 42 32.30 -32.46 20.08
N THR E 43 32.53 -32.19 21.37
CA THR E 43 33.63 -31.33 21.86
C THR E 43 33.60 -29.97 21.18
N PHE E 44 32.40 -29.42 21.05
CA PHE E 44 32.17 -28.18 20.31
C PHE E 44 32.08 -27.01 21.28
N THR E 45 32.56 -25.85 20.82
CA THR E 45 32.52 -24.64 21.63
C THR E 45 31.16 -23.96 21.53
N LEU E 46 31.02 -22.87 22.27
CA LEU E 46 29.76 -22.16 22.40
C LEU E 46 30.06 -20.76 22.92
N PHE E 47 29.64 -19.75 22.16
CA PHE E 47 30.33 -18.48 22.10
C PHE E 47 29.83 -17.51 23.18
N ARG E 48 30.23 -16.24 23.05
CA ARG E 48 29.79 -15.15 23.89
C ARG E 48 28.86 -14.26 23.07
N ARG E 49 27.79 -13.78 23.72
CA ARG E 49 26.80 -12.94 23.03
C ARG E 49 27.44 -11.61 22.62
N GLU E 50 27.23 -11.23 21.36
CA GLU E 50 27.84 -10.04 20.79
C GLU E 50 26.80 -9.23 20.06
N LYS E 51 26.78 -7.92 20.31
CA LYS E 51 25.88 -6.99 19.65
C LYS E 51 26.74 -5.98 18.89
N ILE E 52 26.19 -5.38 17.85
CA ILE E 52 27.00 -4.60 16.94
C ILE E 52 26.87 -3.11 17.25
N ILE E 53 27.85 -2.35 16.79
CA ILE E 53 27.82 -0.89 16.84
C ILE E 53 28.37 -0.37 15.52
N GLY E 54 27.76 0.71 15.03
CA GLY E 54 28.35 1.56 14.01
C GLY E 54 28.98 2.83 14.56
N PRO E 55 30.16 2.73 15.25
CA PRO E 55 30.66 3.92 15.98
C PRO E 55 31.11 5.07 15.10
N ASP E 56 31.94 4.80 14.09
CA ASP E 56 32.57 5.83 13.27
C ASP E 56 32.49 5.47 11.80
N GLY E 57 31.37 4.91 11.36
CA GLY E 57 31.13 4.63 9.96
C GLY E 57 31.31 3.18 9.56
N GLN E 58 31.92 2.37 10.41
CA GLN E 58 32.14 0.96 10.11
C GLN E 58 31.42 0.10 11.15
N ILE E 59 31.10 -1.13 10.76
CA ILE E 59 30.35 -2.03 11.62
C ILE E 59 31.33 -2.86 12.45
N LEU E 60 31.06 -2.95 13.75
CA LEU E 60 31.90 -3.73 14.66
C LEU E 60 31.01 -4.58 15.56
N GLN E 61 31.56 -5.70 16.00
CA GLN E 61 30.89 -6.57 16.97
C GLN E 61 31.57 -6.38 18.33
N ILE E 62 30.78 -6.15 19.37
CA ILE E 62 31.33 -6.02 20.71
C ILE E 62 30.53 -6.90 21.66
N PRO E 63 31.16 -7.49 22.67
CA PRO E 63 30.41 -8.27 23.65
C PRO E 63 29.76 -7.40 24.71
N LEU E 64 28.53 -7.75 25.07
CA LEU E 64 27.81 -7.08 26.13
C LEU E 64 26.67 -7.96 26.59
N ILE E 65 26.46 -8.00 27.91
CA ILE E 65 25.26 -8.64 28.46
C ILE E 65 24.05 -7.81 28.07
N SER E 66 23.01 -8.48 27.60
CA SER E 66 21.78 -7.78 27.23
C SER E 66 21.15 -7.11 28.44
N GLY E 67 20.53 -5.95 28.20
CA GLY E 67 19.96 -5.20 29.29
C GLY E 67 18.80 -5.89 29.97
N SER E 68 18.14 -6.81 29.27
CA SER E 68 17.06 -7.57 29.87
C SER E 68 17.56 -8.58 30.90
N SER E 69 18.80 -9.05 30.77
CA SER E 69 19.35 -9.98 31.76
C SER E 69 19.52 -9.31 33.11
N PHE E 70 19.98 -8.06 33.11
CA PHE E 70 20.08 -7.30 34.35
C PHE E 70 18.72 -7.10 35.00
N ARG E 71 17.70 -6.81 34.17
CA ARG E 71 16.35 -6.66 34.67
C ARG E 71 15.82 -7.97 35.24
N GLY E 72 16.12 -9.09 34.60
CA GLY E 72 15.70 -10.38 35.11
C GLY E 72 16.38 -10.75 36.42
N VAL E 73 17.68 -10.44 36.54
CA VAL E 73 18.38 -10.69 37.79
C VAL E 73 17.79 -9.86 38.91
N LEU E 74 17.52 -8.58 38.63
CA LEU E 74 16.86 -7.74 39.63
C LEU E 74 15.46 -8.22 39.95
N ARG E 75 14.76 -8.81 38.97
CA ARG E 75 13.43 -9.36 39.22
C ARG E 75 13.49 -10.54 40.18
N ARG E 76 14.46 -11.45 39.97
CA ARG E 76 14.62 -12.57 40.88
C ARG E 76 15.01 -12.10 42.27
N VAL E 77 15.89 -11.11 42.36
CA VAL E 77 16.30 -10.55 43.66
C VAL E 77 15.12 -9.91 44.37
N GLY E 78 14.30 -9.16 43.64
CA GLY E 78 13.14 -8.53 44.24
C GLY E 78 12.09 -9.51 44.71
N GLU E 79 11.85 -10.56 43.92
CA GLU E 79 10.88 -11.57 44.36
C GLU E 79 11.41 -12.37 45.54
N ALA E 80 12.72 -12.61 45.59
CA ALA E 80 13.28 -13.26 46.77
C ALA E 80 13.19 -12.38 48.00
N LEU E 81 13.38 -11.07 47.82
CA LEU E 81 13.37 -10.16 48.96
C LEU E 81 11.96 -9.91 49.47
N THR E 82 10.96 -9.93 48.58
CA THR E 82 9.58 -9.68 49.02
C THR E 82 8.96 -10.87 49.72
N ALA E 83 9.59 -12.05 49.66
CA ALA E 83 9.10 -13.22 50.38
C ALA E 83 9.71 -13.38 51.75
N GLU E 84 10.70 -12.56 52.11
CA GLU E 84 11.27 -12.63 53.46
C GLU E 84 10.36 -12.00 54.50
N VAL E 85 9.44 -11.13 54.09
CA VAL E 85 8.49 -10.51 55.01
C VAL E 85 7.05 -10.93 54.74
N LEU E 86 6.79 -11.62 53.63
CA LEU E 86 5.45 -12.11 53.31
C LEU E 86 5.49 -13.62 53.21
N GLY E 87 4.46 -14.27 53.76
CA GLY E 87 4.43 -15.72 53.77
C GLY E 87 4.29 -16.30 52.38
N TYR E 88 4.99 -17.42 52.15
CA TYR E 88 5.01 -18.09 50.87
C TYR E 88 4.39 -19.49 50.95
N GLU E 89 3.63 -19.77 52.00
CA GLU E 89 2.98 -21.07 52.14
C GLU E 89 1.86 -21.29 51.13
N ASP E 90 1.33 -20.21 50.55
CA ASP E 90 0.25 -20.31 49.59
C ASP E 90 0.58 -19.55 48.32
N VAL E 91 0.14 -20.10 47.19
CA VAL E 91 0.34 -19.51 45.87
C VAL E 91 -0.98 -19.56 45.10
N ALA E 92 -1.06 -18.71 44.09
CA ALA E 92 -2.21 -18.61 43.16
C ALA E 92 -3.55 -18.35 43.88
N LEU E 107 9.20 -13.62 39.25
CA LEU E 107 8.87 -14.70 38.34
C LEU E 107 8.60 -14.16 36.95
N ALA E 108 8.44 -15.07 35.99
CA ALA E 108 8.20 -14.72 34.59
C ALA E 108 6.77 -15.10 34.25
N LYS E 109 5.90 -14.10 34.16
CA LYS E 109 4.47 -14.32 33.96
C LYS E 109 4.12 -14.38 32.49
N SER E 110 3.02 -15.08 32.19
CA SER E 110 2.48 -15.21 30.85
C SER E 110 1.05 -14.68 30.83
N ALA E 111 0.40 -14.82 29.68
CA ALA E 111 -0.93 -14.26 29.46
C ALA E 111 -1.92 -15.36 29.12
N HIS E 112 -3.05 -15.38 29.84
CA HIS E 112 -4.16 -16.29 29.58
C HIS E 112 -5.42 -15.71 30.21
N PRO E 113 -6.57 -15.77 29.53
CA PRO E 113 -7.80 -15.23 30.12
C PRO E 113 -8.62 -16.26 30.88
N LEU E 114 -9.12 -15.84 32.04
CA LEU E 114 -10.06 -16.66 32.81
C LEU E 114 -11.43 -16.00 32.91
N THR E 115 -11.50 -14.79 33.46
CA THR E 115 -12.74 -14.03 33.50
C THR E 115 -12.54 -12.53 33.31
N ASP E 116 -11.30 -12.08 33.08
CA ASP E 116 -10.96 -10.68 32.81
C ASP E 116 -11.38 -9.75 33.96
N GLU E 117 -10.86 -10.03 35.15
CA GLU E 117 -11.06 -9.14 36.29
C GLU E 117 -9.97 -8.06 36.26
N GLU E 118 -10.38 -6.81 36.08
CA GLU E 118 -9.49 -5.72 35.68
C GLU E 118 -9.61 -4.52 36.61
N GLU E 119 -9.53 -4.77 37.92
CA GLU E 119 -9.31 -3.70 38.89
C GLU E 119 -7.92 -3.90 39.49
N ARG E 120 -7.10 -2.84 39.44
CA ARG E 120 -5.69 -2.99 39.73
C ARG E 120 -5.22 -2.04 40.82
N ASN E 121 -5.95 -1.99 41.94
CA ASN E 121 -5.50 -1.21 43.09
C ASN E 121 -4.27 -1.82 43.76
N LEU E 122 -4.00 -3.10 43.52
CA LEU E 122 -2.93 -3.84 44.20
C LEU E 122 -1.55 -3.28 43.93
N LYS E 123 -1.39 -2.47 42.87
CA LYS E 123 -0.13 -1.75 42.65
C LYS E 123 0.24 -0.90 43.87
N GLU E 124 -0.75 -0.27 44.51
CA GLU E 124 -0.47 0.42 45.76
C GLU E 124 -0.24 -0.55 46.91
N LEU E 125 -0.92 -1.70 46.90
CA LEU E 125 -0.80 -2.64 48.00
C LEU E 125 0.46 -3.47 47.90
N LEU E 126 0.78 -3.97 46.71
CA LEU E 126 1.90 -4.87 46.52
C LEU E 126 3.01 -4.18 45.75
N PRO E 127 4.16 -3.88 46.37
CA PRO E 127 5.17 -3.04 45.72
C PRO E 127 6.11 -3.79 44.80
N GLN E 128 5.79 -5.02 44.40
CA GLN E 128 6.65 -5.77 43.50
C GLN E 128 6.17 -5.75 42.06
N ILE E 129 4.92 -6.13 41.80
CA ILE E 129 4.41 -6.11 40.44
C ILE E 129 4.11 -4.71 39.95
N ALA E 130 4.01 -3.74 40.85
CA ALA E 130 3.82 -2.35 40.42
C ALA E 130 5.08 -1.79 39.77
N VAL E 131 6.24 -2.21 40.22
CA VAL E 131 7.49 -1.64 39.73
C VAL E 131 7.98 -2.39 38.50
N PHE E 132 7.91 -3.72 38.52
CA PHE E 132 8.57 -4.52 37.49
C PHE E 132 7.61 -5.05 36.44
N GLY E 133 6.31 -4.82 36.59
CA GLY E 133 5.35 -5.21 35.57
C GLY E 133 5.07 -6.70 35.56
N GLY E 134 4.17 -7.09 34.66
CA GLY E 134 3.80 -8.48 34.51
C GLY E 134 2.50 -8.61 33.76
N ALA E 135 2.05 -9.87 33.65
CA ALA E 135 0.79 -10.20 33.01
C ALA E 135 -0.02 -11.10 33.95
N ALA E 136 -1.23 -10.66 34.30
CA ALA E 136 -2.07 -11.40 35.24
C ALA E 136 -3.15 -12.20 34.54
N SER E 137 -4.00 -11.54 33.75
CA SER E 137 -5.13 -12.21 33.11
C SER E 137 -5.30 -11.69 31.69
N GLY E 138 -4.20 -11.59 30.95
CA GLY E 138 -4.26 -11.13 29.57
C GLY E 138 -3.89 -9.67 29.41
N ARG E 139 -4.35 -8.84 30.34
CA ARG E 139 -3.97 -7.43 30.35
C ARG E 139 -2.61 -7.30 31.05
N VAL E 140 -1.57 -7.01 30.26
CA VAL E 140 -0.23 -6.86 30.82
C VAL E 140 -0.15 -5.56 31.62
N MET E 141 0.83 -5.49 32.51
CA MET E 141 0.97 -4.35 33.40
C MET E 141 1.97 -3.35 32.81
N SER E 142 2.09 -2.21 33.49
CA SER E 142 3.03 -1.17 33.10
C SER E 142 4.11 -1.07 34.17
N GLY E 143 5.37 -1.21 33.75
CA GLY E 143 6.48 -1.18 34.68
C GLY E 143 7.13 0.19 34.73
N LEU E 144 7.30 0.72 35.94
CA LEU E 144 7.95 2.01 36.11
C LEU E 144 9.45 1.93 35.84
N LEU E 145 10.05 0.76 36.04
CA LEU E 145 11.49 0.61 35.91
C LEU E 145 11.91 0.53 34.44
N SER E 146 12.94 1.31 34.09
CA SER E 146 13.61 1.18 32.80
C SER E 146 15.11 1.08 33.06
N VAL E 147 15.74 0.03 32.53
CA VAL E 147 17.14 -0.23 32.80
C VAL E 147 17.87 -0.43 31.49
N SER E 148 19.11 0.06 31.43
CA SER E 148 19.91 0.06 30.22
C SER E 148 20.88 -1.12 30.20
N LYS E 149 21.52 -1.31 29.04
CA LYS E 149 22.45 -2.40 28.84
C LYS E 149 23.77 -2.11 29.56
N VAL E 150 24.63 -3.12 29.61
CA VAL E 150 25.96 -2.95 30.15
C VAL E 150 26.91 -2.67 28.98
N LEU E 151 27.96 -1.90 29.24
CA LEU E 151 28.95 -1.57 28.22
C LEU E 151 30.34 -1.72 28.83
N PRO E 152 30.96 -2.88 28.71
CA PRO E 152 32.30 -3.07 29.29
C PRO E 152 33.44 -2.52 28.44
N GLU E 153 33.32 -2.62 27.11
CA GLU E 153 34.47 -2.49 26.22
C GLU E 153 34.76 -1.01 25.94
N ILE E 154 35.62 -0.72 24.98
CA ILE E 154 36.03 0.65 24.65
C ILE E 154 35.14 1.16 23.52
N ALA E 155 34.31 2.12 23.84
CA ALA E 155 33.36 2.71 22.90
C ALA E 155 33.15 4.16 23.32
N GLU E 156 32.06 4.77 22.83
CA GLU E 156 31.72 6.15 23.16
C GLU E 156 30.31 6.29 23.69
N LEU E 157 29.70 5.19 24.14
CA LEU E 157 28.26 5.17 24.42
C LEU E 157 27.93 5.26 25.90
N ALA E 158 28.81 4.82 26.79
CA ALA E 158 28.52 4.85 28.22
C ALA E 158 28.77 6.25 28.79
N HIS E 159 28.74 6.36 30.11
CA HIS E 159 29.13 7.60 30.76
C HIS E 159 30.64 7.59 30.99
N LEU E 160 31.13 8.51 31.85
CA LEU E 160 32.54 8.87 31.87
C LEU E 160 33.44 7.69 32.27
N LEU E 161 34.56 7.54 31.54
CA LEU E 161 35.47 6.42 31.64
C LEU E 161 36.43 6.59 32.82
N PRO E 162 36.84 5.48 33.45
CA PRO E 162 37.77 5.59 34.59
C PRO E 162 39.24 5.42 34.20
N ARG E 163 39.53 5.05 32.95
CA ARG E 163 40.89 4.67 32.61
C ARG E 163 41.18 4.95 31.15
N PRO E 164 42.45 5.19 30.77
CA PRO E 164 42.78 5.20 29.34
C PRO E 164 42.52 3.84 28.71
N PRO E 165 42.14 3.81 27.44
CA PRO E 165 41.52 2.60 26.87
C PRO E 165 42.55 1.54 26.52
N HIS E 166 42.02 0.40 26.07
CA HIS E 166 42.80 -0.69 25.50
C HIS E 166 42.08 -1.23 24.27
N SER E 167 42.60 -2.31 23.71
CA SER E 167 42.10 -2.81 22.44
C SER E 167 40.74 -3.49 22.61
N THR E 168 40.00 -3.56 21.52
CA THR E 168 38.65 -4.13 21.50
C THR E 168 38.53 -5.67 21.48
N PRO E 169 39.34 -6.46 20.70
CA PRO E 169 38.93 -7.84 20.47
C PRO E 169 39.33 -8.79 21.59
N LEU E 170 39.70 -8.25 22.74
CA LEU E 170 40.26 -9.05 23.83
C LEU E 170 39.15 -9.50 24.75
N LEU E 171 38.57 -10.66 24.42
CA LEU E 171 37.74 -11.44 25.33
C LEU E 171 38.19 -12.91 25.37
N PRO E 172 39.41 -13.17 25.86
CA PRO E 172 39.95 -14.53 25.77
C PRO E 172 39.22 -15.52 26.65
N ALA E 173 39.30 -16.78 26.24
CA ALA E 173 38.37 -17.82 26.66
C ALA E 173 39.07 -18.86 27.50
N VAL E 174 38.44 -19.23 28.62
CA VAL E 174 38.89 -20.37 29.42
C VAL E 174 38.45 -21.64 28.70
N LEU E 175 39.00 -22.77 29.11
CA LEU E 175 38.62 -24.06 28.54
C LEU E 175 37.98 -24.91 29.62
N SER E 176 36.91 -25.61 29.26
CA SER E 176 36.01 -26.20 30.23
C SER E 176 36.50 -27.58 30.66
N VAL E 177 35.58 -28.35 31.25
CA VAL E 177 35.91 -29.24 32.35
C VAL E 177 36.10 -30.70 31.92
N ALA E 178 35.64 -31.08 30.71
CA ALA E 178 35.92 -32.39 30.12
C ALA E 178 35.40 -33.55 30.98
N ASP E 179 34.08 -33.78 30.91
CA ASP E 179 33.25 -34.57 31.84
C ASP E 179 33.91 -35.76 32.52
N GLU E 180 34.63 -36.60 31.74
CA GLU E 180 35.44 -37.73 32.23
C GLU E 180 34.67 -38.67 33.17
N SER E 181 33.68 -39.35 32.60
CA SER E 181 32.89 -40.34 33.34
C SER E 181 33.75 -41.46 33.93
N PRO E 205 35.12 -41.70 27.55
CA PRO E 205 35.52 -40.57 26.70
C PRO E 205 35.31 -39.23 27.37
N LEU E 206 36.41 -38.55 27.71
CA LEU E 206 36.37 -37.23 28.33
C LEU E 206 36.18 -36.19 27.23
N GLY E 207 34.94 -35.77 27.03
CA GLY E 207 34.64 -34.80 25.99
C GLY E 207 35.03 -33.38 26.38
N ARG E 208 36.06 -32.84 25.73
CA ARG E 208 36.60 -31.53 26.09
C ARG E 208 35.63 -30.43 25.66
N PHE E 209 35.16 -29.65 26.63
CA PHE E 209 34.33 -28.51 26.32
C PHE E 209 35.14 -27.22 26.43
N ALA E 210 34.57 -26.13 25.93
CA ALA E 210 35.21 -24.83 26.00
C ALA E 210 34.16 -23.74 25.88
N ILE E 211 34.25 -22.74 26.76
CA ILE E 211 33.33 -21.61 26.76
C ILE E 211 34.15 -20.34 26.52
N GLU E 212 33.44 -19.25 26.23
CA GLU E 212 34.07 -17.96 25.96
C GLU E 212 33.55 -16.94 26.96
N THR E 213 34.45 -16.15 27.53
CA THR E 213 34.08 -15.30 28.66
C THR E 213 34.90 -14.02 28.67
N LEU E 214 34.38 -13.03 29.39
CA LEU E 214 35.14 -11.82 29.67
C LEU E 214 36.18 -12.11 30.75
N PRO E 215 37.32 -11.42 30.72
CA PRO E 215 38.30 -11.59 31.80
C PRO E 215 37.82 -10.96 33.10
N ALA E 216 38.53 -11.29 34.17
CA ALA E 216 38.07 -10.98 35.52
C ALA E 216 38.20 -9.52 35.91
N GLY E 217 38.94 -8.72 35.14
CA GLY E 217 39.22 -7.34 35.51
C GLY E 217 38.42 -6.27 34.79
N THR E 218 37.46 -6.64 33.95
CA THR E 218 36.75 -5.65 33.14
C THR E 218 35.75 -4.86 33.99
N ARG E 219 35.76 -3.54 33.82
CA ARG E 219 34.76 -2.69 34.43
C ARG E 219 33.52 -2.60 33.53
N LEU E 220 32.39 -2.33 34.16
CA LEU E 220 31.11 -2.23 33.48
C LEU E 220 30.36 -1.03 34.03
N GLN E 221 29.59 -0.37 33.17
CA GLN E 221 28.87 0.83 33.54
C GLN E 221 27.41 0.69 33.14
N THR E 222 26.50 0.99 34.05
CA THR E 222 25.08 0.74 33.81
C THR E 222 24.28 1.81 34.55
N TRP E 223 23.09 2.13 34.05
CA TRP E 223 22.18 2.99 34.78
C TRP E 223 20.77 2.42 34.73
N ALA E 224 20.06 2.52 35.85
CA ALA E 224 18.66 2.16 35.95
C ALA E 224 17.86 3.40 36.30
N ARG E 225 16.54 3.34 36.10
CA ARG E 225 15.75 4.56 36.24
C ARG E 225 14.32 4.24 36.65
N LEU E 226 13.85 4.92 37.68
CA LEU E 226 12.43 5.05 38.00
C LEU E 226 12.04 6.50 37.77
N ASP E 227 11.05 6.73 36.92
CA ASP E 227 10.68 8.09 36.55
C ASP E 227 9.82 8.76 37.61
N ASN E 228 8.79 8.07 38.08
CA ASN E 228 7.77 8.67 38.94
C ASN E 228 8.27 8.67 40.39
N ALA E 229 8.82 9.80 40.82
CA ALA E 229 9.27 9.98 42.20
C ALA E 229 8.04 10.22 43.07
N THR E 230 7.41 9.12 43.49
CA THR E 230 6.11 9.18 44.16
C THR E 230 6.15 8.68 45.61
N GLU E 231 6.59 7.46 45.83
CA GLU E 231 6.24 6.76 47.06
C GLU E 231 7.37 5.81 47.44
N HIS E 232 7.04 4.80 48.26
CA HIS E 232 8.01 3.91 48.90
C HIS E 232 8.78 3.06 47.89
N GLN E 233 8.31 3.00 46.64
CA GLN E 233 8.92 2.12 45.64
C GLN E 233 10.38 2.48 45.39
N ALA E 234 10.73 3.76 45.53
CA ALA E 234 12.12 4.17 45.41
C ALA E 234 12.97 3.54 46.51
N ALA E 235 12.47 3.52 47.74
CA ALA E 235 13.19 2.88 48.83
C ALA E 235 13.28 1.37 48.64
N PHE E 236 12.21 0.77 48.11
CA PHE E 236 12.23 -0.66 47.82
C PHE E 236 13.30 -1.01 46.78
N PHE E 237 13.38 -0.20 45.72
CA PHE E 237 14.40 -0.44 44.70
C PHE E 237 15.79 -0.13 45.23
N ASP E 238 15.91 0.83 46.15
CA ASP E 238 17.18 1.10 46.79
C ASP E 238 17.63 -0.11 47.60
N ASN E 239 16.69 -0.76 48.30
CA ASN E 239 17.01 -1.98 49.04
C ASN E 239 17.44 -3.10 48.09
N VAL E 240 16.77 -3.21 46.94
CA VAL E 240 17.13 -4.23 45.95
C VAL E 240 18.55 -4.00 45.43
N LEU E 241 18.88 -2.75 45.10
CA LEU E 241 20.24 -2.44 44.66
C LEU E 241 21.26 -2.59 45.76
N SER E 242 20.86 -2.38 47.03
CA SER E 242 21.77 -2.65 48.14
C SER E 242 22.09 -4.13 48.23
N THR E 243 21.08 -4.98 48.06
CA THR E 243 21.31 -6.43 48.04
C THR E 243 22.21 -6.84 46.88
N PHE E 244 21.95 -6.29 45.69
CA PHE E 244 22.76 -6.60 44.53
C PHE E 244 24.19 -6.07 44.64
N ALA E 245 24.39 -4.94 45.30
CA ALA E 245 25.74 -4.47 45.55
C ALA E 245 26.44 -5.32 46.61
N ALA E 246 25.67 -5.86 47.56
CA ALA E 246 26.26 -6.69 48.60
C ALA E 246 26.75 -8.02 48.06
N HIS E 247 25.85 -8.82 47.50
CA HIS E 247 26.25 -10.16 47.06
C HIS E 247 25.62 -10.52 45.72
N GLY E 248 25.67 -9.59 44.77
CA GLY E 248 25.06 -9.83 43.47
C GLY E 248 25.93 -10.70 42.58
N HIS E 249 25.32 -11.14 41.48
CA HIS E 249 25.99 -11.94 40.47
C HIS E 249 25.26 -11.78 39.16
N LEU E 250 25.99 -11.92 38.05
CA LEU E 250 25.37 -11.98 36.73
C LEU E 250 26.29 -12.79 35.84
N GLY E 251 25.71 -13.65 35.04
CA GLY E 251 26.49 -14.56 34.22
C GLY E 251 25.72 -15.83 33.96
N GLY E 252 26.47 -16.89 33.65
CA GLY E 252 25.85 -18.13 33.24
C GLY E 252 26.35 -19.40 33.90
N ARG E 253 27.40 -19.30 34.71
CA ARG E 253 27.93 -20.46 35.42
C ARG E 253 28.26 -20.08 36.86
N SER E 254 27.29 -19.45 37.54
CA SER E 254 27.48 -19.01 38.92
C SER E 254 27.71 -20.16 39.89
N ALA E 255 27.33 -21.38 39.52
CA ALA E 255 27.63 -22.54 40.34
C ALA E 255 29.10 -22.97 40.25
N ALA E 256 29.86 -22.40 39.32
CA ALA E 256 31.28 -22.71 39.19
C ALA E 256 32.15 -21.47 39.41
N GLY E 257 31.63 -20.47 40.09
CA GLY E 257 32.38 -19.26 40.39
C GLY E 257 32.40 -18.22 39.30
N HIS E 258 31.72 -18.46 38.18
CA HIS E 258 31.71 -17.52 37.07
C HIS E 258 30.61 -16.48 37.30
N GLY E 259 30.99 -15.23 37.45
CA GLY E 259 30.02 -14.16 37.52
C GLY E 259 29.99 -13.36 38.82
N GLN E 260 31.00 -13.53 39.67
CA GLN E 260 31.05 -12.77 40.91
C GLN E 260 31.55 -11.37 40.63
N VAL E 261 30.75 -10.37 41.00
CA VAL E 261 31.07 -8.96 40.75
C VAL E 261 30.85 -8.18 42.04
N THR E 262 31.45 -6.99 42.09
CA THR E 262 31.19 -6.02 43.15
C THR E 262 30.82 -4.70 42.51
N ALA E 263 29.74 -4.11 42.97
CA ALA E 263 29.17 -2.91 42.35
C ALA E 263 29.10 -1.77 43.36
N THR E 264 28.85 -0.57 42.84
CA THR E 264 28.56 0.57 43.71
C THR E 264 27.41 1.37 43.11
N VAL E 265 26.52 1.86 43.97
CA VAL E 265 25.36 2.64 43.53
C VAL E 265 25.62 4.10 43.84
N THR E 266 25.28 4.98 42.89
CA THR E 266 25.65 6.39 42.99
C THR E 266 24.59 7.20 42.24
N ALA E 267 24.57 8.51 42.50
CA ALA E 267 23.97 9.53 41.62
C ALA E 267 22.45 9.44 41.57
N THR E 268 21.81 9.49 42.73
CA THR E 268 20.37 9.76 42.80
C THR E 268 20.18 11.23 42.45
N ALA E 269 19.88 11.51 41.18
CA ALA E 269 20.00 12.85 40.64
C ALA E 269 18.72 13.68 40.76
N LEU E 270 17.63 13.11 41.26
CA LEU E 270 16.38 13.84 41.40
C LEU E 270 15.96 13.72 42.86
N ARG E 271 14.70 14.09 43.15
CA ARG E 271 14.16 14.24 44.50
C ARG E 271 14.31 12.95 45.30
N GLY E 272 15.16 12.97 46.32
CA GLY E 272 15.57 11.75 46.98
C GLY E 272 14.49 11.16 47.87
N SER E 273 14.65 9.86 48.14
CA SER E 273 13.73 9.16 49.02
C SER E 273 14.03 9.51 50.47
N LEU E 274 12.99 9.74 51.25
CA LEU E 274 13.16 10.11 52.66
C LEU E 274 13.73 8.92 53.45
N PRO E 275 14.61 9.17 54.42
CA PRO E 275 15.17 8.06 55.20
C PRO E 275 14.13 7.38 56.08
N ARG E 276 14.49 6.17 56.51
CA ARG E 276 13.66 5.21 57.22
C ARG E 276 12.17 5.17 56.83
N PRO E 277 11.84 4.81 55.57
CA PRO E 277 10.44 4.54 55.24
C PRO E 277 10.07 3.06 55.33
N THR E 278 8.79 2.75 55.16
CA THR E 278 8.34 1.37 55.18
C THR E 278 8.68 0.66 53.88
N VAL E 279 9.24 -0.54 53.97
CA VAL E 279 9.48 -1.34 52.77
C VAL E 279 8.22 -2.10 52.38
N ASP E 280 7.78 -3.04 53.22
CA ASP E 280 6.57 -3.80 52.91
C ASP E 280 5.65 -4.06 54.10
N TRP E 281 5.98 -3.63 55.31
CA TRP E 281 5.11 -3.91 56.45
C TRP E 281 3.91 -2.97 56.40
N VAL E 282 2.94 -3.35 55.56
CA VAL E 282 1.72 -2.59 55.37
C VAL E 282 0.53 -3.44 55.80
N ASN E 283 0.75 -4.26 56.84
CA ASN E 283 -0.16 -5.19 57.54
C ASN E 283 -0.39 -6.50 56.79
N GLN E 284 0.28 -6.73 55.65
CA GLN E 284 0.27 -7.99 54.88
C GLN E 284 -1.10 -8.66 54.73
N LEU E 285 -2.01 -8.05 53.96
CA LEU E 285 -3.31 -8.68 53.72
C LEU E 285 -3.17 -9.99 52.95
N ALA E 286 -2.12 -10.11 52.12
CA ALA E 286 -1.77 -11.33 51.38
C ALA E 286 -2.92 -11.80 50.48
N ASP E 287 -3.27 -10.95 49.53
CA ASP E 287 -4.32 -11.27 48.56
C ASP E 287 -3.69 -12.10 47.44
N ASP E 288 -4.46 -12.42 46.40
CA ASP E 288 -3.97 -13.19 45.27
C ASP E 288 -2.89 -12.44 44.49
N ILE F 18 23.74 -19.91 53.54
CA ILE F 18 24.98 -20.12 54.29
C ILE F 18 26.16 -20.24 53.33
N ARG F 19 27.19 -19.44 53.56
CA ARG F 19 28.44 -19.59 52.83
C ARG F 19 29.54 -20.06 53.78
N TRP F 20 30.51 -20.78 53.23
CA TRP F 20 31.64 -21.29 53.97
C TRP F 20 32.91 -20.71 53.37
N ASP F 21 33.70 -20.02 54.18
CA ASP F 21 34.98 -19.49 53.75
C ASP F 21 36.07 -20.47 54.19
N VAL F 22 36.87 -20.92 53.23
CA VAL F 22 37.93 -21.89 53.51
C VAL F 22 39.29 -21.29 53.12
N ASP F 23 40.24 -21.44 54.03
CA ASP F 23 41.64 -21.13 53.77
C ASP F 23 42.38 -22.46 53.72
N ILE F 24 43.17 -22.64 52.66
CA ILE F 24 43.80 -23.92 52.34
C ILE F 24 45.30 -23.67 52.24
N ILE F 25 46.08 -24.27 53.13
CA ILE F 25 47.53 -24.20 53.01
C ILE F 25 48.05 -25.54 52.50
N ALA F 26 48.85 -25.49 51.45
CA ALA F 26 49.38 -26.71 50.85
C ALA F 26 50.44 -27.32 51.76
N GLN F 27 50.61 -28.63 51.62
CA GLN F 27 51.67 -29.34 52.30
C GLN F 27 52.61 -30.04 51.33
N SER F 28 52.33 -29.95 50.02
CA SER F 28 53.18 -30.51 48.98
C SER F 28 52.90 -29.74 47.70
N SER F 29 53.49 -30.19 46.61
CA SER F 29 53.24 -29.58 45.31
C SER F 29 51.83 -29.88 44.84
N ILE F 30 51.24 -28.95 44.11
CA ILE F 30 49.89 -29.08 43.59
C ILE F 30 49.98 -29.00 42.07
N VAL F 31 50.00 -30.14 41.41
CA VAL F 31 50.05 -30.18 39.95
C VAL F 31 48.62 -30.19 39.41
N HIS F 32 48.35 -29.30 38.46
CA HIS F 32 47.01 -29.17 37.89
C HIS F 32 47.19 -28.92 36.39
N ARG F 33 46.96 -29.96 35.59
CA ARG F 33 47.34 -29.97 34.19
C ARG F 33 46.49 -28.99 33.38
N ASP F 34 47.05 -28.53 32.27
CA ASP F 34 46.32 -27.63 31.39
C ASP F 34 45.33 -28.39 30.52
N ASP F 35 44.58 -27.64 29.73
CA ASP F 35 43.67 -28.23 28.75
C ASP F 35 44.02 -27.69 27.37
N ASP F 42 58.33 -36.50 22.75
CA ASP F 42 59.58 -37.10 23.20
C ASP F 42 60.26 -36.20 24.23
N THR F 43 60.21 -36.65 25.48
CA THR F 43 60.77 -35.93 26.64
C THR F 43 60.24 -34.50 26.71
N PHE F 44 58.95 -34.34 26.45
CA PHE F 44 58.32 -33.04 26.35
C PHE F 44 57.62 -32.69 27.67
N THR F 45 57.62 -31.40 27.99
CA THR F 45 56.98 -30.92 29.19
C THR F 45 55.48 -30.73 28.97
N LEU F 46 54.80 -30.33 30.04
CA LEU F 46 53.35 -30.21 30.06
C LEU F 46 52.97 -29.33 31.24
N PHE F 47 52.25 -28.24 30.94
CA PHE F 47 52.34 -27.01 31.71
C PHE F 47 51.34 -27.01 32.88
N ARG F 48 51.18 -25.85 33.49
CA ARG F 48 50.22 -25.57 34.55
C ARG F 48 49.11 -24.70 33.99
N ARG F 49 47.87 -24.99 34.38
CA ARG F 49 46.72 -24.25 33.87
C ARG F 49 46.77 -22.80 34.36
N GLU F 50 46.58 -21.86 33.43
CA GLU F 50 46.71 -20.44 33.73
C GLU F 50 45.50 -19.70 33.15
N LYS F 51 44.91 -18.83 33.96
CA LYS F 51 43.79 -18.00 33.56
C LYS F 51 44.23 -16.55 33.69
N ILE F 52 43.61 -15.66 32.92
CA ILE F 52 44.11 -14.31 32.81
C ILE F 52 43.33 -13.36 33.71
N ILE F 53 43.95 -12.23 34.00
CA ILE F 53 43.30 -11.13 34.71
C ILE F 53 43.73 -9.82 34.06
N GLY F 54 42.78 -8.89 33.95
CA GLY F 54 43.08 -7.50 33.71
C GLY F 54 43.05 -6.62 34.96
N PRO F 55 44.05 -6.74 35.87
CA PRO F 55 43.92 -6.09 37.18
C PRO F 55 43.94 -4.57 37.14
N ASP F 56 44.92 -3.98 36.46
CA ASP F 56 45.15 -2.54 36.49
C ASP F 56 45.41 -2.01 35.08
N GLY F 57 44.70 -2.53 34.09
CA GLY F 57 44.78 -2.03 32.73
C GLY F 57 45.60 -2.89 31.79
N GLN F 58 46.39 -3.82 32.30
CA GLN F 58 47.22 -4.69 31.48
C GLN F 58 46.82 -6.15 31.70
N ILE F 59 47.09 -6.98 30.70
CA ILE F 59 46.70 -8.38 30.74
C ILE F 59 47.82 -9.19 31.37
N LEU F 60 47.46 -10.08 32.29
CA LEU F 60 48.42 -10.94 32.95
C LEU F 60 47.88 -12.35 33.01
N GLN F 61 48.79 -13.32 33.04
CA GLN F 61 48.44 -14.73 33.21
C GLN F 61 48.80 -15.15 34.64
N ILE F 62 47.85 -15.77 35.33
CA ILE F 62 48.14 -16.26 36.68
C ILE F 62 47.68 -17.70 36.79
N PRO F 63 48.36 -18.54 37.56
CA PRO F 63 47.90 -19.92 37.75
C PRO F 63 46.82 -20.01 38.81
N LEU F 64 45.83 -20.84 38.53
CA LEU F 64 44.75 -21.11 39.48
C LEU F 64 44.04 -22.39 39.07
N ILE F 65 43.71 -23.22 40.06
CA ILE F 65 42.85 -24.36 39.82
C ILE F 65 41.45 -23.86 39.48
N SER F 66 40.85 -24.42 38.44
CA SER F 66 39.50 -24.03 38.04
C SER F 66 38.51 -24.36 39.14
N GLY F 67 37.49 -23.51 39.28
CA GLY F 67 36.51 -23.69 40.35
C GLY F 67 35.68 -24.94 40.19
N SER F 68 35.57 -25.46 38.97
CA SER F 68 34.85 -26.71 38.75
C SER F 68 35.60 -27.91 39.30
N SER F 69 36.93 -27.84 39.38
CA SER F 69 37.69 -28.96 39.94
C SER F 69 37.40 -29.15 41.42
N PHE F 70 37.27 -28.04 42.16
CA PHE F 70 36.89 -28.11 43.57
C PHE F 70 35.50 -28.71 43.73
N ARG F 71 34.58 -28.32 42.86
CA ARG F 71 33.24 -28.87 42.88
C ARG F 71 33.24 -30.36 42.57
N GLY F 72 34.07 -30.78 41.62
CA GLY F 72 34.16 -32.20 41.31
C GLY F 72 34.76 -33.02 42.43
N VAL F 73 35.79 -32.47 43.10
CA VAL F 73 36.39 -33.15 44.25
C VAL F 73 35.36 -33.30 45.36
N LEU F 74 34.60 -32.23 45.63
CA LEU F 74 33.54 -32.32 46.63
C LEU F 74 32.44 -33.29 46.20
N ARG F 75 32.18 -33.40 44.89
CA ARG F 75 31.20 -34.36 44.39
C ARG F 75 31.64 -35.79 44.66
N ARG F 76 32.90 -36.09 44.39
CA ARG F 76 33.42 -37.43 44.67
C ARG F 76 33.40 -37.73 46.17
N VAL F 77 33.76 -36.74 46.98
CA VAL F 77 33.73 -36.92 48.44
C VAL F 77 32.30 -37.16 48.93
N GLY F 78 31.33 -36.41 48.40
CA GLY F 78 29.95 -36.59 48.81
C GLY F 78 29.38 -37.92 48.40
N GLU F 79 29.69 -38.37 47.17
CA GLU F 79 29.21 -39.67 46.75
C GLU F 79 29.86 -40.80 47.52
N ALA F 80 31.14 -40.64 47.89
CA ALA F 80 31.79 -41.64 48.74
C ALA F 80 31.17 -41.65 50.13
N LEU F 81 30.81 -40.49 50.65
CA LEU F 81 30.27 -40.43 52.02
C LEU F 81 28.83 -40.91 52.07
N THR F 82 28.06 -40.73 51.01
CA THR F 82 26.67 -41.17 51.02
C THR F 82 26.53 -42.68 50.85
N ALA F 83 27.60 -43.37 50.46
CA ALA F 83 27.57 -44.83 50.33
C ALA F 83 28.01 -45.55 51.59
N GLU F 84 28.50 -44.81 52.61
CA GLU F 84 28.88 -45.46 53.85
C GLU F 84 27.66 -45.81 54.71
N VAL F 85 26.52 -45.18 54.47
CA VAL F 85 25.29 -45.48 55.20
C VAL F 85 24.21 -46.07 54.31
N LEU F 86 24.41 -46.07 52.98
CA LEU F 86 23.45 -46.64 52.05
C LEU F 86 24.14 -47.76 51.28
N GLY F 87 23.42 -48.87 51.09
CA GLY F 87 24.00 -50.02 50.42
C GLY F 87 24.31 -49.73 48.95
N TYR F 88 25.44 -50.29 48.49
CA TYR F 88 25.89 -50.09 47.12
C TYR F 88 25.91 -51.39 46.34
N GLU F 89 25.21 -52.41 46.81
CA GLU F 89 25.17 -53.70 46.12
C GLU F 89 24.38 -53.62 44.82
N ASP F 90 23.52 -52.62 44.65
CA ASP F 90 22.70 -52.47 43.46
C ASP F 90 22.85 -51.08 42.88
N VAL F 91 22.81 -51.01 41.55
CA VAL F 91 22.92 -49.76 40.81
C VAL F 91 21.84 -49.75 39.72
N ALA F 92 21.54 -48.54 39.25
CA ALA F 92 20.58 -48.28 38.17
C ALA F 92 19.19 -48.87 38.42
N LEU F 107 29.21 -38.92 41.05
CA LEU F 107 29.47 -39.34 39.68
C LEU F 107 29.17 -38.23 38.70
N ALA F 108 29.53 -38.44 37.44
CA ALA F 108 29.34 -37.47 36.38
C ALA F 108 28.25 -37.99 35.45
N LYS F 109 27.06 -37.40 35.55
CA LYS F 109 25.91 -37.89 34.81
C LYS F 109 25.79 -37.22 33.45
N SER F 110 25.13 -37.91 32.53
CA SER F 110 24.87 -37.43 31.18
C SER F 110 23.37 -37.42 30.92
N ALA F 111 22.98 -37.07 29.70
CA ALA F 111 21.58 -36.90 29.33
C ALA F 111 21.20 -37.87 28.23
N HIS F 112 20.10 -38.61 28.44
CA HIS F 112 19.53 -39.49 27.43
C HIS F 112 18.08 -39.75 27.80
N PRO F 113 17.16 -39.76 26.83
CA PRO F 113 15.75 -40.01 27.16
C PRO F 113 15.36 -41.48 27.03
N LEU F 114 14.58 -41.95 28.00
CA LEU F 114 13.99 -43.28 27.95
C LEU F 114 12.46 -43.22 27.89
N THR F 115 11.82 -42.60 28.88
CA THR F 115 10.38 -42.40 28.85
C THR F 115 9.96 -41.07 29.46
N ASP F 116 10.91 -40.23 29.88
CA ASP F 116 10.66 -38.89 30.43
C ASP F 116 9.74 -38.93 31.66
N GLU F 117 10.18 -39.66 32.69
CA GLU F 117 9.48 -39.66 33.97
C GLU F 117 10.00 -38.49 34.81
N GLU F 118 9.12 -37.54 35.10
CA GLU F 118 9.52 -36.22 35.57
C GLU F 118 8.79 -35.83 36.85
N GLU F 119 8.81 -36.72 37.84
CA GLU F 119 8.43 -36.37 39.20
C GLU F 119 9.68 -36.45 40.07
N ARG F 120 9.98 -35.36 40.78
CA ARG F 120 11.28 -35.22 41.43
C ARG F 120 11.16 -34.95 42.92
N ASN F 121 10.34 -35.75 43.62
CA ASN F 121 10.28 -35.66 45.08
C ASN F 121 11.55 -36.15 45.76
N LEU F 122 12.37 -36.94 45.05
CA LEU F 122 13.55 -37.58 45.62
C LEU F 122 14.59 -36.60 46.12
N LYS F 123 14.53 -35.33 45.68
CA LYS F 123 15.37 -34.28 46.26
C LYS F 123 15.20 -34.18 47.76
N GLU F 124 13.97 -34.35 48.25
CA GLU F 124 13.77 -34.42 49.69
C GLU F 124 14.25 -35.74 50.26
N LEU F 125 14.12 -36.83 49.50
CA LEU F 125 14.48 -38.14 50.01
C LEU F 125 15.99 -38.36 49.96
N LEU F 126 16.63 -37.99 48.86
CA LEU F 126 18.04 -38.27 48.65
C LEU F 126 18.84 -36.97 48.71
N PRO F 127 19.67 -36.76 49.74
CA PRO F 127 20.30 -35.45 49.93
C PRO F 127 21.59 -35.25 49.14
N GLN F 128 21.85 -36.08 48.14
CA GLN F 128 23.06 -35.91 47.33
C GLN F 128 22.80 -35.23 45.99
N ILE F 129 21.87 -35.75 45.19
CA ILE F 129 21.58 -35.12 43.91
C ILE F 129 20.78 -33.84 44.06
N ALA F 130 20.16 -33.61 45.23
CA ALA F 130 19.46 -32.36 45.45
C ALA F 130 20.43 -31.19 45.58
N VAL F 131 21.60 -31.44 46.16
CA VAL F 131 22.53 -30.36 46.43
C VAL F 131 23.43 -30.11 45.23
N PHE F 132 23.94 -31.17 44.61
CA PHE F 132 24.99 -31.04 43.61
C PHE F 132 24.49 -31.14 42.18
N GLY F 133 23.20 -31.42 41.98
CA GLY F 133 22.64 -31.44 40.65
C GLY F 133 23.02 -32.67 39.85
N GLY F 134 22.48 -32.73 38.64
CA GLY F 134 22.76 -33.85 37.75
C GLY F 134 21.74 -33.91 36.63
N ALA F 135 21.88 -34.95 35.82
CA ALA F 135 20.96 -35.22 34.72
C ALA F 135 20.52 -36.68 34.80
N ALA F 136 19.20 -36.89 34.90
CA ALA F 136 18.64 -38.23 35.05
C ALA F 136 18.09 -38.78 33.74
N SER F 137 17.15 -38.07 33.11
CA SER F 137 16.49 -38.55 31.90
C SER F 137 16.29 -37.41 30.90
N GLY F 138 17.32 -36.60 30.72
CA GLY F 138 17.24 -35.50 29.78
C GLY F 138 16.99 -34.17 30.45
N ARG F 139 16.11 -34.16 31.45
CA ARG F 139 15.86 -32.96 32.24
C ARG F 139 16.93 -32.85 33.31
N VAL F 140 17.85 -31.90 33.15
CA VAL F 140 18.91 -31.70 34.12
C VAL F 140 18.33 -31.10 35.40
N MET F 141 19.07 -31.26 36.50
CA MET F 141 18.62 -30.83 37.80
C MET F 141 19.15 -29.44 38.12
N SER F 142 18.70 -28.90 39.24
CA SER F 142 19.16 -27.59 39.72
C SER F 142 19.95 -27.80 41.00
N GLY F 143 21.19 -27.31 41.02
CA GLY F 143 22.05 -27.47 42.17
C GLY F 143 22.06 -26.25 43.06
N LEU F 144 21.83 -26.47 44.35
CA LEU F 144 21.85 -25.37 45.30
C LEU F 144 23.26 -24.85 45.53
N LEU F 145 24.27 -25.69 45.35
CA LEU F 145 25.64 -25.31 45.65
C LEU F 145 26.23 -24.43 44.56
N SER F 146 26.87 -23.34 44.97
CA SER F 146 27.69 -22.52 44.07
C SER F 146 29.05 -22.32 44.73
N VAL F 147 30.11 -22.65 44.02
CA VAL F 147 31.46 -22.60 44.60
C VAL F 147 32.36 -21.80 43.66
N SER F 148 33.27 -21.04 44.24
CA SER F 148 34.14 -20.13 43.51
C SER F 148 35.51 -20.75 43.28
N LYS F 149 36.30 -20.07 42.45
CA LYS F 149 37.63 -20.54 42.09
C LYS F 149 38.59 -20.34 43.26
N VAL F 150 39.78 -20.89 43.11
CA VAL F 150 40.86 -20.68 44.08
C VAL F 150 41.72 -19.54 43.56
N LEU F 151 42.31 -18.77 44.48
CA LEU F 151 43.19 -17.66 44.13
C LEU F 151 44.42 -17.71 45.01
N PRO F 152 45.49 -18.38 44.58
CA PRO F 152 46.69 -18.45 45.42
C PRO F 152 47.59 -17.22 45.36
N GLU F 153 47.69 -16.59 44.18
CA GLU F 153 48.78 -15.66 43.89
C GLU F 153 48.45 -14.27 44.45
N ILE F 154 49.21 -13.26 44.06
CA ILE F 154 49.04 -11.90 44.57
C ILE F 154 48.18 -11.13 43.58
N ALA F 155 46.97 -10.80 44.02
CA ALA F 155 46.00 -10.08 43.21
C ALA F 155 45.13 -9.25 44.15
N GLU F 156 43.97 -8.82 43.67
CA GLU F 156 43.04 -8.02 44.46
C GLU F 156 41.63 -8.64 44.50
N LEU F 157 41.50 -9.91 44.16
CA LEU F 157 40.19 -10.50 43.90
C LEU F 157 39.67 -11.36 45.04
N ALA F 158 40.54 -11.94 45.87
CA ALA F 158 40.08 -12.79 46.96
C ALA F 158 39.65 -11.94 48.15
N HIS F 159 39.41 -12.61 49.29
CA HIS F 159 39.15 -11.88 50.53
C HIS F 159 40.48 -11.59 51.22
N LEU F 160 40.43 -11.21 52.49
CA LEU F 160 41.55 -10.53 53.16
C LEU F 160 42.81 -11.40 53.24
N LEU F 161 43.95 -10.79 52.93
CA LEU F 161 45.24 -11.46 52.80
C LEU F 161 45.88 -11.70 54.17
N PRO F 162 46.64 -12.80 54.31
CA PRO F 162 47.29 -13.08 55.60
C PRO F 162 48.73 -12.56 55.69
N ARG F 163 49.30 -12.07 54.59
CA ARG F 163 50.73 -11.79 54.59
C ARG F 163 51.05 -10.67 53.61
N PRO F 164 52.13 -9.90 53.83
CA PRO F 164 52.60 -9.00 52.78
C PRO F 164 53.03 -9.78 51.54
N PRO F 165 52.84 -9.22 50.36
CA PRO F 165 52.87 -10.01 49.12
C PRO F 165 54.29 -10.35 48.67
N HIS F 166 54.35 -11.13 47.60
CA HIS F 166 55.59 -11.44 46.89
C HIS F 166 55.32 -11.38 45.40
N SER F 167 56.32 -11.77 44.61
CA SER F 167 56.23 -11.60 43.16
C SER F 167 55.28 -12.61 42.55
N THR F 168 54.77 -12.28 41.36
CA THR F 168 53.81 -13.10 40.63
C THR F 168 54.36 -14.32 39.86
N PRO F 169 55.51 -14.26 39.13
CA PRO F 169 55.76 -15.33 38.16
C PRO F 169 56.38 -16.58 38.76
N LEU F 170 56.34 -16.69 40.10
CA LEU F 170 57.06 -17.75 40.80
C LEU F 170 56.13 -18.95 40.97
N LEU F 171 56.14 -19.83 39.98
CA LEU F 171 55.61 -21.19 40.09
C LEU F 171 56.63 -22.21 39.59
N PRO F 172 57.77 -22.34 40.28
CA PRO F 172 58.85 -23.19 39.75
C PRO F 172 58.50 -24.67 39.77
N ALA F 173 59.16 -25.40 38.87
CA ALA F 173 58.71 -26.71 38.43
C ALA F 173 59.68 -27.79 38.87
N VAL F 174 59.13 -28.87 39.41
CA VAL F 174 59.92 -30.08 39.68
C VAL F 174 60.15 -30.79 38.36
N LEU F 175 61.07 -31.75 38.36
CA LEU F 175 61.34 -32.54 37.16
C LEU F 175 61.00 -33.99 37.44
N SER F 176 60.37 -34.64 36.47
CA SER F 176 59.70 -35.91 36.69
C SER F 176 60.67 -37.07 36.56
N VAL F 177 60.10 -38.26 36.39
CA VAL F 177 60.63 -39.48 36.99
C VAL F 177 61.47 -40.32 36.02
N ALA F 178 61.37 -40.08 34.70
CA ALA F 178 62.25 -40.69 33.71
C ALA F 178 62.17 -42.22 33.70
N ASP F 179 61.09 -42.75 33.09
CA ASP F 179 60.55 -44.11 33.22
C ASP F 179 61.58 -45.22 33.44
N GLU F 180 62.67 -45.24 32.66
CA GLU F 180 63.82 -46.15 32.80
C GLU F 180 63.41 -47.63 32.88
N SER F 181 62.88 -48.14 31.77
CA SER F 181 62.49 -49.55 31.66
C SER F 181 63.67 -50.50 31.91
N PRO F 205 65.79 -46.74 27.01
CA PRO F 205 65.77 -45.27 26.96
C PRO F 205 64.94 -44.65 28.08
N LEU F 206 65.60 -44.00 29.03
CA LEU F 206 64.92 -43.33 30.13
C LEU F 206 64.46 -41.96 29.65
N GLY F 207 63.18 -41.88 29.27
CA GLY F 207 62.62 -40.63 28.78
C GLY F 207 62.34 -39.63 29.89
N ARG F 208 63.11 -38.56 29.93
CA ARG F 208 63.00 -37.58 31.02
C ARG F 208 61.72 -36.78 30.85
N PHE F 209 60.84 -36.83 31.85
CA PHE F 209 59.64 -36.01 31.85
C PHE F 209 59.82 -34.84 32.81
N ALA F 210 58.90 -33.88 32.71
CA ALA F 210 58.92 -32.72 33.59
C ALA F 210 57.53 -32.11 33.66
N ILE F 211 57.08 -31.79 34.86
CA ILE F 211 55.79 -31.17 35.08
C ILE F 211 56.01 -29.82 35.74
N GLU F 212 54.95 -29.01 35.78
CA GLU F 212 55.00 -27.68 36.37
C GLU F 212 53.98 -27.60 37.48
N THR F 213 54.37 -27.03 38.62
CA THR F 213 53.56 -27.10 39.82
C THR F 213 53.75 -25.88 40.70
N LEU F 214 52.76 -25.65 41.57
CA LEU F 214 52.89 -24.65 42.62
C LEU F 214 53.82 -25.18 43.71
N PRO F 215 54.56 -24.29 44.38
CA PRO F 215 55.37 -24.74 45.52
C PRO F 215 54.52 -25.12 46.71
N ALA F 216 55.17 -25.76 47.68
CA ALA F 216 54.46 -26.40 48.78
C ALA F 216 53.90 -25.44 49.82
N GLY F 217 54.32 -24.18 49.80
CA GLY F 217 53.94 -23.24 50.84
C GLY F 217 52.87 -22.23 50.48
N THR F 218 52.26 -22.33 49.31
CA THR F 218 51.31 -21.32 48.86
C THR F 218 49.97 -21.46 49.59
N ARG F 219 49.45 -20.34 50.07
CA ARG F 219 48.12 -20.30 50.63
C ARG F 219 47.08 -20.10 49.53
N LEU F 220 45.86 -20.57 49.79
CA LEU F 220 44.76 -20.48 48.85
C LEU F 220 43.51 -20.07 49.61
N GLN F 221 42.64 -19.30 48.95
CA GLN F 221 41.44 -18.78 49.59
C GLN F 221 40.24 -19.07 48.70
N THR F 222 39.18 -19.63 49.29
CA THR F 222 38.04 -20.09 48.51
C THR F 222 36.79 -19.92 49.34
N TRP F 223 35.64 -19.74 48.69
CA TRP F 223 34.37 -19.73 49.39
C TRP F 223 33.35 -20.56 48.61
N ALA F 224 32.53 -21.30 49.34
CA ALA F 224 31.42 -22.05 48.78
C ALA F 224 30.12 -21.51 49.38
N ARG F 225 28.99 -21.83 48.75
CA ARG F 225 27.76 -21.19 49.18
C ARG F 225 26.55 -22.08 48.88
N LEU F 226 25.72 -22.26 49.90
CA LEU F 226 24.36 -22.74 49.75
C LEU F 226 23.42 -21.60 50.11
N ASP F 227 22.53 -21.24 49.18
CA ASP F 227 21.68 -20.08 49.38
C ASP F 227 20.49 -20.40 50.28
N ASN F 228 19.79 -21.50 50.00
CA ASN F 228 18.52 -21.81 50.66
C ASN F 228 18.79 -22.47 52.01
N ALA F 229 18.76 -21.67 53.08
CA ALA F 229 18.91 -22.18 54.44
C ALA F 229 17.59 -22.82 54.85
N THR F 230 17.44 -24.09 54.48
CA THR F 230 16.17 -24.80 54.63
C THR F 230 16.24 -25.97 55.60
N GLU F 231 17.13 -26.93 55.36
CA GLU F 231 16.96 -28.26 55.94
C GLU F 231 18.33 -28.89 56.18
N HIS F 232 18.34 -30.22 56.28
CA HIS F 232 19.51 -30.98 56.70
C HIS F 232 20.70 -30.88 55.74
N GLN F 233 20.46 -30.35 54.53
CA GLN F 233 21.49 -30.30 53.50
C GLN F 233 22.68 -29.46 53.94
N ALA F 234 22.44 -28.44 54.77
CA ALA F 234 23.53 -27.65 55.32
C ALA F 234 24.43 -28.50 56.22
N ALA F 235 23.82 -29.36 57.05
CA ALA F 235 24.61 -30.25 57.89
C ALA F 235 25.35 -31.29 57.06
N PHE F 236 24.71 -31.77 56.00
CA PHE F 236 25.37 -32.72 55.09
C PHE F 236 26.60 -32.11 54.44
N PHE F 237 26.47 -30.87 53.97
CA PHE F 237 27.60 -30.18 53.36
C PHE F 237 28.66 -29.82 54.40
N ASP F 238 28.25 -29.56 55.64
CA ASP F 238 29.20 -29.34 56.72
C ASP F 238 30.01 -30.60 56.98
N ASN F 239 29.36 -31.77 56.93
CA ASN F 239 30.07 -33.03 57.08
C ASN F 239 31.05 -33.26 55.92
N VAL F 240 30.63 -32.89 54.70
CA VAL F 240 31.51 -33.03 53.53
C VAL F 240 32.76 -32.16 53.69
N LEU F 241 32.56 -30.91 54.12
CA LEU F 241 33.70 -30.02 54.33
C LEU F 241 34.54 -30.46 55.52
N SER F 242 33.94 -31.10 56.51
CA SER F 242 34.73 -31.67 57.61
C SER F 242 35.65 -32.78 57.09
N THR F 243 35.11 -33.65 56.22
CA THR F 243 35.94 -34.69 55.62
C THR F 243 37.06 -34.10 54.77
N PHE F 244 36.74 -33.09 53.97
CA PHE F 244 37.74 -32.45 53.13
C PHE F 244 38.79 -31.69 53.95
N ALA F 245 38.41 -31.12 55.09
CA ALA F 245 39.39 -30.49 55.96
C ALA F 245 40.24 -31.54 56.66
N ALA F 246 39.67 -32.71 56.94
CA ALA F 246 40.41 -33.78 57.60
C ALA F 246 41.49 -34.36 56.70
N HIS F 247 41.10 -34.94 55.57
CA HIS F 247 42.07 -35.63 54.72
C HIS F 247 41.82 -35.33 53.24
N GLY F 248 41.59 -34.07 52.91
CA GLY F 248 41.31 -33.72 51.53
C GLY F 248 42.57 -33.65 50.68
N HIS F 249 42.34 -33.54 49.37
CA HIS F 249 43.41 -33.41 48.41
C HIS F 249 42.84 -32.78 47.14
N LEU F 250 43.69 -32.05 46.42
CA LEU F 250 43.32 -31.54 45.11
C LEU F 250 44.61 -31.41 44.30
N GLY F 251 44.55 -31.81 43.04
CA GLY F 251 45.73 -31.83 42.22
C GLY F 251 45.62 -32.89 41.15
N GLY F 252 46.77 -33.33 40.65
CA GLY F 252 46.79 -34.26 39.53
C GLY F 252 47.70 -35.46 39.66
N ARG F 253 48.51 -35.52 40.72
CA ARG F 253 49.37 -36.67 40.94
C ARG F 253 49.33 -37.09 42.40
N SER F 254 48.11 -37.26 42.93
CA SER F 254 47.93 -37.62 44.33
C SER F 254 48.50 -38.99 44.67
N ALA F 255 48.73 -39.85 43.68
CA ALA F 255 49.39 -41.12 43.91
C ALA F 255 50.89 -40.97 44.12
N ALA F 256 51.45 -39.79 43.88
CA ALA F 256 52.87 -39.54 44.10
C ALA F 256 53.10 -38.45 45.14
N GLY F 257 52.11 -38.20 46.01
CA GLY F 257 52.25 -37.21 47.05
C GLY F 257 51.96 -35.79 46.64
N HIS F 258 51.60 -35.55 45.39
CA HIS F 258 51.32 -34.21 44.91
C HIS F 258 49.86 -33.85 45.21
N GLY F 259 49.66 -32.84 46.06
CA GLY F 259 48.33 -32.33 46.28
C GLY F 259 47.79 -32.45 47.70
N GLN F 260 48.67 -32.75 48.65
CA GLN F 260 48.24 -32.83 50.05
C GLN F 260 48.14 -31.44 50.64
N VAL F 261 46.95 -31.10 51.14
CA VAL F 261 46.68 -29.78 51.70
C VAL F 261 45.98 -29.94 53.04
N THR F 262 46.02 -28.88 53.84
CA THR F 262 45.24 -28.80 55.06
C THR F 262 44.43 -27.51 55.02
N ALA F 263 43.14 -27.62 55.33
CA ALA F 263 42.20 -26.51 55.19
C ALA F 263 41.54 -26.20 56.52
N THR F 264 40.86 -25.06 56.57
CA THR F 264 40.02 -24.73 57.71
C THR F 264 38.72 -24.10 57.21
N VAL F 265 37.61 -24.46 57.83
CA VAL F 265 36.29 -23.96 57.46
C VAL F 265 35.87 -22.90 58.48
N THR F 266 35.31 -21.79 57.99
CA THR F 266 35.03 -20.65 58.86
C THR F 266 33.83 -19.91 58.26
N ALA F 267 33.23 -19.04 59.08
CA ALA F 267 32.36 -17.94 58.64
C ALA F 267 31.04 -18.42 58.04
N THR F 268 30.31 -19.20 58.80
CA THR F 268 28.90 -19.45 58.50
C THR F 268 28.14 -18.17 58.83
N ALA F 269 27.91 -17.34 57.82
CA ALA F 269 27.51 -15.95 58.05
C ALA F 269 26.01 -15.74 58.10
N LEU F 270 25.20 -16.79 57.88
CA LEU F 270 23.76 -16.65 57.93
C LEU F 270 23.24 -17.68 58.94
N ARG F 271 21.92 -17.92 58.92
CA ARG F 271 21.22 -18.72 59.92
C ARG F 271 21.79 -20.13 60.04
N GLY F 272 22.41 -20.42 61.16
CA GLY F 272 23.22 -21.62 61.27
C GLY F 272 22.40 -22.89 61.37
N SER F 273 23.04 -24.00 61.04
CA SER F 273 22.41 -25.31 61.15
C SER F 273 22.36 -25.75 62.59
N LEU F 274 21.23 -26.33 63.00
CA LEU F 274 21.06 -26.76 64.37
C LEU F 274 21.97 -27.96 64.65
N PRO F 275 22.53 -28.05 65.87
CA PRO F 275 23.41 -29.18 66.19
C PRO F 275 22.65 -30.50 66.25
N ARG F 276 23.43 -31.58 66.15
CA ARG F 276 23.01 -32.97 66.01
C ARG F 276 21.74 -33.22 65.18
N PRO F 277 21.75 -32.89 63.87
CA PRO F 277 20.65 -33.32 63.01
C PRO F 277 20.94 -34.63 62.28
N THR F 278 19.94 -35.15 61.57
CA THR F 278 20.11 -36.37 60.80
C THR F 278 20.87 -36.08 59.51
N VAL F 279 21.87 -36.92 59.22
CA VAL F 279 22.58 -36.80 57.94
C VAL F 279 21.82 -37.54 56.85
N ASP F 280 21.70 -38.87 56.96
CA ASP F 280 20.99 -39.63 55.95
C ASP F 280 20.12 -40.77 56.49
N TRP F 281 20.10 -41.01 57.80
CA TRP F 281 19.29 -42.13 58.31
C TRP F 281 17.83 -41.71 58.32
N VAL F 282 17.21 -41.82 57.14
CA VAL F 282 15.81 -41.48 56.92
C VAL F 282 15.06 -42.73 56.48
N ASN F 283 15.48 -43.88 57.03
CA ASN F 283 14.97 -45.25 56.87
C ASN F 283 15.42 -45.93 55.58
N GLN F 284 16.24 -45.27 54.75
CA GLN F 284 16.86 -45.83 53.53
C GLN F 284 15.94 -46.65 52.64
N LEU F 285 14.96 -46.02 51.99
CA LEU F 285 14.09 -46.75 51.08
C LEU F 285 14.86 -47.31 49.88
N ALA F 286 15.95 -46.64 49.49
CA ALA F 286 16.88 -47.06 48.43
C ALA F 286 16.16 -47.27 47.10
N ASP F 287 15.60 -46.18 46.58
CA ASP F 287 14.91 -46.20 45.30
C ASP F 287 15.97 -46.04 44.20
N ASP F 288 15.54 -45.93 42.95
CA ASP F 288 16.45 -45.74 41.81
C ASP F 288 17.20 -44.42 41.88
N THR H 2 31.30 -30.06 -19.56
CA THR H 2 32.33 -31.07 -19.33
C THR H 2 32.12 -31.75 -17.98
N THR H 3 32.26 -30.97 -16.91
CA THR H 3 32.08 -31.52 -15.57
C THR H 3 30.61 -31.82 -15.31
N PRO H 4 30.31 -32.85 -14.52
CA PRO H 4 28.92 -33.04 -14.07
C PRO H 4 28.42 -31.91 -13.19
N THR H 5 29.32 -31.14 -12.54
CA THR H 5 29.04 -29.99 -11.70
C THR H 5 28.04 -30.38 -10.62
N PRO H 6 28.49 -31.09 -9.55
CA PRO H 6 27.59 -31.89 -8.70
C PRO H 6 26.36 -31.20 -8.12
N THR H 7 26.25 -29.88 -8.25
CA THR H 7 24.98 -29.22 -7.97
C THR H 7 24.03 -29.27 -9.15
N GLN H 8 24.48 -29.76 -10.31
CA GLN H 8 23.58 -29.93 -11.45
C GLN H 8 22.89 -31.29 -11.39
N VAL H 9 23.63 -32.34 -11.02
CA VAL H 9 23.04 -33.66 -10.91
C VAL H 9 22.10 -33.78 -9.72
N TRP H 10 22.18 -32.85 -8.76
CA TRP H 10 21.10 -32.73 -7.78
C TRP H 10 19.81 -32.32 -8.46
N ARG H 11 19.81 -31.17 -9.13
CA ARG H 11 18.61 -30.61 -9.74
C ARG H 11 18.09 -31.46 -10.88
N ALA H 12 18.91 -32.34 -11.45
CA ALA H 12 18.46 -33.18 -12.55
C ALA H 12 17.48 -34.27 -12.13
N THR H 13 17.31 -34.53 -10.82
CA THR H 13 16.42 -35.61 -10.39
C THR H 13 14.96 -35.21 -10.35
N VAL H 14 14.64 -33.93 -10.53
CA VAL H 14 13.25 -33.49 -10.44
C VAL H 14 12.86 -32.66 -11.67
N PRO H 15 12.61 -33.33 -12.81
CA PRO H 15 12.25 -32.58 -14.02
C PRO H 15 10.85 -31.99 -14.00
N GLU H 16 9.99 -32.42 -13.06
CA GLU H 16 8.67 -31.81 -12.93
C GLU H 16 8.73 -30.37 -12.45
N LEU H 17 9.85 -29.94 -11.89
CA LEU H 17 10.09 -28.54 -11.58
C LEU H 17 11.04 -27.98 -12.62
N PRO H 18 10.57 -27.21 -13.60
CA PRO H 18 11.47 -26.59 -14.58
C PRO H 18 12.35 -25.54 -13.92
N PRO H 19 13.48 -25.18 -14.52
CA PRO H 19 14.43 -24.28 -13.86
C PRO H 19 13.91 -22.87 -13.69
N LEU H 20 14.62 -22.11 -12.85
CA LEU H 20 14.19 -20.78 -12.45
C LEU H 20 14.78 -19.68 -13.33
N VAL H 21 16.03 -19.84 -13.76
CA VAL H 21 16.79 -18.73 -14.32
C VAL H 21 16.28 -18.37 -15.71
N ASP H 22 16.43 -19.28 -16.66
CA ASP H 22 16.05 -19.05 -18.05
C ASP H 22 16.12 -20.39 -18.78
N GLU H 23 15.96 -20.35 -20.10
CA GLU H 23 15.93 -21.57 -20.90
C GLU H 23 17.31 -22.22 -20.99
N ALA H 24 18.34 -21.42 -21.36
CA ALA H 24 19.66 -21.98 -21.58
C ALA H 24 20.81 -21.12 -21.06
N GLY H 25 20.52 -20.00 -20.39
CA GLY H 25 21.58 -19.14 -19.90
C GLY H 25 21.05 -17.91 -19.20
N ASP H 26 21.80 -17.41 -18.21
CA ASP H 26 21.32 -16.32 -17.37
C ASP H 26 21.26 -14.98 -18.12
N THR H 27 20.11 -14.69 -18.72
CA THR H 27 19.91 -13.49 -19.51
C THR H 27 18.61 -12.81 -19.08
N GLY H 28 18.64 -11.48 -19.02
CA GLY H 28 17.43 -10.69 -18.84
C GLY H 28 16.96 -10.51 -17.42
N SER H 29 17.65 -11.07 -16.43
CA SER H 29 17.25 -10.89 -15.04
C SER H 29 18.48 -10.95 -14.15
N ALA H 30 18.55 -10.05 -13.18
CA ALA H 30 19.68 -9.98 -12.26
C ALA H 30 19.41 -10.64 -10.93
N THR H 31 18.19 -10.54 -10.40
CA THR H 31 17.86 -11.19 -9.15
C THR H 31 17.69 -12.70 -9.29
N ALA H 32 17.47 -13.19 -10.51
CA ALA H 32 17.38 -14.63 -10.72
C ALA H 32 18.74 -15.30 -10.53
N ARG H 33 19.82 -14.64 -10.94
CA ARG H 33 21.15 -15.16 -10.68
C ARG H 33 21.44 -15.26 -9.19
N ALA H 34 21.07 -14.24 -8.42
CA ALA H 34 21.23 -14.27 -6.97
C ALA H 34 20.39 -15.36 -6.34
N ALA H 35 19.15 -15.53 -6.80
CA ALA H 35 18.28 -16.58 -6.26
C ALA H 35 18.83 -17.96 -6.57
N ASP H 36 19.34 -18.17 -7.79
CA ASP H 36 19.92 -19.46 -8.14
C ASP H 36 21.18 -19.74 -7.34
N THR H 37 22.02 -18.72 -7.15
CA THR H 37 23.22 -18.88 -6.33
C THR H 37 22.86 -19.22 -4.89
N ALA H 38 21.84 -18.56 -4.35
CA ALA H 38 21.39 -18.84 -2.99
C ALA H 38 20.83 -20.26 -2.87
N GLU H 39 20.04 -20.69 -3.85
CA GLU H 39 19.49 -22.03 -3.81
C GLU H 39 20.59 -23.09 -3.91
N ARG H 40 21.57 -22.87 -4.79
CA ARG H 40 22.67 -23.80 -4.92
C ARG H 40 23.51 -23.85 -3.64
N LEU H 41 23.75 -22.69 -3.04
CA LEU H 41 24.54 -22.63 -1.81
C LEU H 41 23.84 -23.35 -0.66
N LEU H 42 22.53 -23.11 -0.50
CA LEU H 42 21.82 -23.75 0.59
C LEU H 42 21.57 -25.22 0.29
N LEU H 43 21.55 -25.61 -0.98
CA LEU H 43 21.47 -27.03 -1.32
C LEU H 43 22.78 -27.73 -0.99
N LEU H 44 23.91 -27.05 -1.15
CA LEU H 44 25.18 -27.63 -0.70
C LEU H 44 25.41 -27.35 0.78
N LEU H 45 24.38 -27.55 1.59
CA LEU H 45 24.47 -27.46 3.04
C LEU H 45 23.69 -28.54 3.75
N HIS H 46 22.75 -29.21 3.08
CA HIS H 46 21.94 -30.27 3.66
C HIS H 46 22.57 -31.64 3.45
N TYR H 47 23.28 -31.82 2.34
CA TYR H 47 23.99 -33.06 2.06
C TYR H 47 25.45 -32.99 2.46
N SER H 48 25.86 -31.91 3.12
CA SER H 48 27.21 -31.75 3.62
C SER H 48 27.39 -32.24 5.05
N ILE H 49 26.30 -32.61 5.72
CA ILE H 49 26.36 -33.09 7.09
C ILE H 49 25.84 -34.53 7.14
N ASP H 50 25.77 -35.09 8.36
CA ASP H 50 25.40 -36.50 8.52
C ASP H 50 24.00 -36.79 8.01
N TRP H 51 23.05 -35.89 8.28
CA TRP H 51 21.69 -36.08 7.79
C TRP H 51 21.21 -34.84 7.05
N SER H 54 24.37 -36.48 13.18
CA SER H 54 25.21 -36.21 14.34
C SER H 54 24.52 -35.23 15.29
N TRP H 55 23.32 -34.80 14.92
CA TRP H 55 22.53 -33.90 15.74
C TRP H 55 21.61 -34.74 16.65
N VAL H 56 20.64 -34.09 17.29
CA VAL H 56 19.73 -34.79 18.20
C VAL H 56 18.85 -35.75 17.40
N ALA H 57 18.65 -36.95 17.94
CA ALA H 57 18.16 -38.09 17.18
C ALA H 57 16.73 -38.45 17.56
N ASP H 58 15.83 -38.35 16.60
CA ASP H 58 14.55 -39.02 16.60
C ASP H 58 14.29 -39.52 15.19
N PRO H 59 13.32 -40.46 14.98
CA PRO H 59 13.17 -41.09 13.65
C PRO H 59 12.93 -40.18 12.45
N LYS H 60 12.82 -38.87 12.64
CA LYS H 60 12.84 -37.92 11.54
C LYS H 60 13.98 -36.91 11.64
N HIS H 61 14.81 -36.99 12.69
CA HIS H 61 15.91 -36.06 12.98
C HIS H 61 15.45 -34.61 13.09
N ARG H 62 14.18 -34.42 13.47
CA ARG H 62 13.59 -33.10 13.78
C ARG H 62 13.70 -32.11 12.63
N LYS H 63 13.51 -32.62 11.41
CA LYS H 63 13.38 -31.83 10.17
C LYS H 63 14.59 -30.91 9.95
N THR H 64 15.75 -31.54 9.81
CA THR H 64 16.99 -30.82 9.57
C THR H 64 17.16 -30.49 8.11
N TRP H 66 12.45 -28.60 4.74
CA TRP H 66 12.54 -29.08 6.11
C TRP H 66 12.48 -27.89 7.06
N ASP H 67 11.41 -27.78 7.84
CA ASP H 67 11.16 -26.54 8.59
C ASP H 67 10.91 -26.90 10.05
N GLU H 68 11.99 -27.11 10.79
CA GLU H 68 11.90 -27.02 12.25
C GLU H 68 13.01 -26.18 12.86
N LEU H 69 14.24 -26.31 12.36
CA LEU H 69 15.35 -25.51 12.85
C LEU H 69 16.29 -25.02 11.76
N LEU H 70 16.25 -25.59 10.56
CA LEU H 70 17.12 -25.11 9.48
C LEU H 70 16.82 -23.67 9.06
N PRO H 71 15.57 -23.24 8.82
CA PRO H 71 15.37 -21.82 8.48
C PRO H 71 15.77 -20.86 9.58
N GLY H 72 15.59 -21.25 10.85
CA GLY H 72 16.00 -20.38 11.94
C GLY H 72 17.51 -20.17 11.99
N ARG H 73 18.27 -21.27 11.84
CA ARG H 73 19.72 -21.16 11.89
C ARG H 73 20.27 -20.45 10.66
N VAL H 74 19.70 -20.72 9.48
CA VAL H 74 20.14 -20.04 8.26
C VAL H 74 19.83 -18.55 8.35
N ARG H 75 18.65 -18.19 8.85
CA ARG H 75 18.31 -16.78 9.04
C ARG H 75 19.24 -16.10 10.04
N ARG H 76 19.54 -16.79 11.14
CA ARG H 76 20.39 -16.20 12.17
C ARG H 76 21.81 -15.98 11.64
N ALA H 77 22.32 -16.94 10.85
CA ALA H 77 23.62 -16.73 10.22
C ALA H 77 23.57 -15.70 9.09
N ALA H 78 22.37 -15.43 8.55
CA ALA H 78 22.23 -14.46 7.47
C ALA H 78 22.27 -13.01 7.94
N TYR H 79 22.58 -12.75 9.20
CA TYR H 79 22.71 -11.38 9.71
C TYR H 79 24.16 -10.98 9.91
N ARG H 80 25.06 -11.51 9.08
CA ARG H 80 26.48 -11.11 9.08
C ARG H 80 26.91 -10.91 7.63
N ALA H 81 28.08 -10.28 7.47
CA ALA H 81 28.59 -9.89 6.17
C ALA H 81 30.03 -10.38 6.02
N ASP H 82 30.42 -10.79 4.81
CA ASP H 82 29.54 -10.85 3.64
C ASP H 82 29.05 -12.27 3.32
N THR H 83 29.97 -13.19 3.02
CA THR H 83 29.58 -14.58 2.78
C THR H 83 30.45 -15.60 3.53
N LEU H 84 31.74 -15.33 3.71
CA LEU H 84 32.61 -16.25 4.44
C LEU H 84 32.24 -16.29 5.93
N ASP H 85 32.00 -15.11 6.51
CA ASP H 85 31.55 -15.03 7.89
C ASP H 85 30.20 -15.69 8.07
N ARG H 86 29.32 -15.56 7.06
CA ARG H 86 28.02 -16.24 7.09
C ARG H 86 28.20 -17.75 7.16
N TRP H 87 29.08 -18.30 6.33
CA TRP H 87 29.19 -19.75 6.31
C TRP H 87 29.90 -20.27 7.55
N TRP H 88 30.86 -19.50 8.09
CA TRP H 88 31.45 -19.85 9.39
C TRP H 88 30.40 -19.88 10.49
N SER H 89 29.55 -18.86 10.55
CA SER H 89 28.51 -18.80 11.58
C SER H 89 27.56 -19.97 11.44
N GLU H 90 27.20 -20.34 10.21
CA GLU H 90 26.31 -21.47 10.01
C GLU H 90 26.97 -22.78 10.39
N VAL H 91 28.21 -23.02 9.93
CA VAL H 91 28.81 -24.33 10.12
C VAL H 91 29.20 -24.53 11.58
N ALA H 92 29.53 -23.44 12.29
CA ALA H 92 29.71 -23.55 13.73
C ALA H 92 28.38 -23.70 14.44
N GLY H 93 27.32 -23.15 13.87
CA GLY H 93 26.01 -23.30 14.47
C GLY H 93 25.42 -24.69 14.32
N GLN H 94 25.05 -25.07 13.10
CA GLN H 94 24.19 -26.25 12.91
C GLN H 94 24.83 -27.59 13.26
N LEU H 95 25.75 -28.09 12.43
CA LEU H 95 26.39 -29.36 12.75
C LEU H 95 27.92 -29.27 12.72
N GLY H 96 28.46 -28.81 11.60
CA GLY H 96 29.89 -28.75 11.42
C GLY H 96 30.49 -29.87 10.60
N ALA H 97 30.68 -29.65 9.31
CA ALA H 97 31.39 -30.52 8.39
C ALA H 97 31.69 -29.75 7.11
N PRO H 98 32.95 -29.73 6.64
CA PRO H 98 33.27 -28.99 5.42
C PRO H 98 32.62 -29.56 4.15
N ALA H 99 32.93 -30.82 3.83
CA ALA H 99 32.42 -31.56 2.69
C ALA H 99 32.91 -33.00 2.80
N PRO H 100 32.16 -33.99 2.28
CA PRO H 100 32.66 -35.36 2.27
C PRO H 100 33.79 -35.56 1.27
N ARG H 101 34.28 -36.79 1.14
CA ARG H 101 35.36 -37.09 0.21
C ARG H 101 34.83 -37.11 -1.22
N HIS H 102 34.44 -35.94 -1.72
CA HIS H 102 34.07 -35.75 -3.11
C HIS H 102 34.58 -34.36 -3.48
N ARG H 103 35.75 -34.31 -4.13
CA ARG H 103 36.42 -33.04 -4.37
C ARG H 103 35.65 -32.13 -5.32
N ASP H 104 34.74 -32.69 -6.13
CA ASP H 104 33.89 -31.85 -6.99
C ASP H 104 32.97 -30.97 -6.15
N ARG H 105 32.35 -31.54 -5.12
CA ARG H 105 31.49 -30.76 -4.24
C ARG H 105 32.27 -29.68 -3.52
N ARG H 106 33.46 -30.03 -3.03
CA ARG H 106 34.33 -29.08 -2.32
C ARG H 106 34.77 -27.94 -3.20
N LEU H 107 35.19 -28.24 -4.43
CA LEU H 107 35.66 -27.20 -5.33
C LEU H 107 34.51 -26.31 -5.79
N GLU H 108 33.34 -26.90 -6.06
CA GLU H 108 32.17 -26.12 -6.42
C GLU H 108 31.75 -25.19 -5.28
N LEU H 109 31.77 -25.72 -4.05
CA LEU H 109 31.42 -24.92 -2.89
C LEU H 109 32.38 -23.74 -2.72
N ALA H 110 33.69 -24.02 -2.70
CA ALA H 110 34.65 -22.95 -2.47
C ALA H 110 34.71 -21.97 -3.64
N THR H 111 34.33 -22.40 -4.84
CA THR H 111 34.09 -21.44 -5.90
C THR H 111 32.89 -20.56 -5.58
N LEU H 112 31.87 -21.12 -4.94
CA LEU H 112 30.63 -20.40 -4.74
C LEU H 112 30.72 -19.36 -3.62
N LEU H 113 31.57 -19.57 -2.60
CA LEU H 113 31.54 -18.71 -1.40
C LEU H 113 31.81 -17.23 -1.65
N ARG H 114 32.16 -16.83 -2.86
CA ARG H 114 32.28 -15.42 -3.16
C ARG H 114 31.66 -15.08 -4.51
N GLU H 115 31.02 -13.92 -4.54
CA GLU H 115 30.21 -13.46 -5.65
C GLU H 115 30.08 -11.95 -5.53
N PRO H 116 29.08 -11.36 -6.17
CA PRO H 116 28.67 -10.00 -5.83
C PRO H 116 28.39 -9.88 -4.33
N ALA H 117 27.71 -10.87 -3.77
CA ALA H 117 27.66 -11.20 -2.34
C ALA H 117 26.87 -10.18 -1.51
N LEU H 118 26.48 -9.07 -2.10
CA LEU H 118 25.49 -8.18 -1.51
C LEU H 118 24.06 -8.67 -1.73
N PRO H 119 23.59 -8.98 -2.97
CA PRO H 119 22.18 -9.35 -3.10
C PRO H 119 21.86 -10.76 -2.62
N VAL H 120 22.86 -11.60 -2.38
CA VAL H 120 22.59 -12.96 -1.90
C VAL H 120 22.02 -12.93 -0.50
N ILE H 121 22.55 -12.05 0.36
CA ILE H 121 22.01 -11.89 1.70
C ILE H 121 20.58 -11.36 1.65
N THR H 122 20.32 -10.44 0.71
CA THR H 122 18.96 -9.95 0.53
C THR H 122 18.02 -11.06 0.08
N VAL H 123 18.52 -11.98 -0.75
CA VAL H 123 17.68 -13.09 -1.20
C VAL H 123 17.41 -14.05 -0.05
N LEU H 124 18.42 -14.34 0.77
CA LEU H 124 18.20 -15.17 1.96
C LEU H 124 17.25 -14.51 2.94
N ARG H 125 17.16 -13.18 2.95
CA ARG H 125 16.21 -12.55 3.86
C ARG H 125 14.80 -12.47 3.28
N ASP H 126 14.64 -11.87 2.09
CA ASP H 126 13.31 -11.53 1.61
C ASP H 126 12.58 -12.69 0.96
N SER H 127 13.22 -13.84 0.74
CA SER H 127 12.49 -15.04 0.33
C SER H 127 13.27 -16.25 0.87
N LEU H 128 12.94 -16.65 2.10
CA LEU H 128 13.50 -17.89 2.64
C LEU H 128 12.74 -19.16 2.25
N PRO H 129 11.41 -19.27 2.46
CA PRO H 129 10.82 -20.61 2.42
C PRO H 129 10.61 -21.16 1.02
N ALA H 130 10.59 -20.31 -0.01
CA ALA H 130 10.53 -20.84 -1.37
C ALA H 130 11.79 -21.62 -1.69
N LEU H 131 12.95 -21.11 -1.26
CA LEU H 131 14.20 -21.85 -1.42
C LEU H 131 14.19 -23.12 -0.60
N LEU H 132 13.56 -23.10 0.57
CA LEU H 132 13.44 -24.32 1.37
C LEU H 132 12.50 -25.33 0.73
N LEU H 133 11.43 -24.88 0.08
CA LEU H 133 10.59 -25.79 -0.69
C LEU H 133 11.38 -26.44 -1.80
N ARG H 134 12.19 -25.65 -2.50
CA ARG H 134 13.04 -26.18 -3.56
C ARG H 134 14.00 -27.23 -3.03
N VAL H 135 14.72 -26.89 -1.96
CA VAL H 135 15.74 -27.79 -1.43
C VAL H 135 15.11 -29.05 -0.87
N ARG H 136 13.94 -28.91 -0.22
CA ARG H 136 13.21 -30.07 0.29
C ARG H 136 12.78 -30.99 -0.84
N ILE H 137 12.31 -30.43 -1.96
CA ILE H 137 11.85 -31.24 -3.07
C ILE H 137 13.01 -31.99 -3.72
N ILE H 138 14.12 -31.28 -4.00
CA ILE H 138 15.27 -31.95 -4.62
C ILE H 138 15.85 -33.00 -3.68
N ALA H 139 15.96 -32.70 -2.38
CA ALA H 139 16.50 -33.68 -1.44
C ALA H 139 15.61 -34.90 -1.34
N GLU H 140 14.28 -34.69 -1.28
CA GLU H 140 13.36 -35.81 -1.19
C GLU H 140 13.39 -36.67 -2.45
N ALA H 141 13.50 -36.04 -3.62
CA ALA H 141 13.50 -36.80 -4.87
C ALA H 141 14.80 -37.57 -5.06
N VAL H 142 15.94 -36.96 -4.74
CA VAL H 142 17.20 -37.67 -4.92
C VAL H 142 17.38 -38.71 -3.82
N ALA H 143 16.69 -38.55 -2.68
CA ALA H 143 16.63 -39.65 -1.72
C ALA H 143 15.73 -40.76 -2.23
N ALA H 144 14.63 -40.40 -2.90
CA ALA H 144 13.69 -41.39 -3.40
C ALA H 144 14.29 -42.24 -4.51
N GLN H 145 15.21 -41.69 -5.30
CA GLN H 145 15.87 -42.53 -6.29
C GLN H 145 17.01 -43.36 -5.71
N ARG H 146 17.22 -43.33 -4.39
CA ARG H 146 18.14 -44.26 -3.77
C ARG H 146 17.41 -44.96 -2.62
N GLY H 147 16.20 -45.44 -2.90
CA GLY H 147 15.43 -46.20 -1.93
C GLY H 147 15.26 -47.65 -2.33
N THR I 2 59.57 -11.48 -10.33
CA THR I 2 60.90 -12.05 -10.41
C THR I 2 60.97 -13.39 -9.69
N THR I 3 60.77 -13.35 -8.37
CA THR I 3 60.81 -14.57 -7.58
C THR I 3 59.58 -15.42 -7.86
N PRO I 4 59.70 -16.75 -7.80
CA PRO I 4 58.49 -17.59 -7.85
C PRO I 4 57.56 -17.38 -6.67
N THR I 5 58.08 -16.86 -5.53
CA THR I 5 57.34 -16.55 -4.30
C THR I 5 56.57 -17.77 -3.85
N PRO I 6 57.24 -18.77 -3.21
CA PRO I 6 56.73 -20.15 -3.12
C PRO I 6 55.31 -20.35 -2.59
N THR I 7 54.69 -19.29 -2.06
CA THR I 7 53.26 -19.36 -1.78
C THR I 7 52.42 -19.05 -3.02
N GLN I 8 53.05 -18.63 -4.11
CA GLN I 8 52.31 -18.42 -5.36
C GLN I 8 52.22 -19.71 -6.17
N VAL I 9 53.32 -20.48 -6.21
CA VAL I 9 53.31 -21.74 -6.92
C VAL I 9 52.47 -22.80 -6.22
N TRP I 10 52.15 -22.60 -4.93
CA TRP I 10 51.11 -23.40 -4.31
C TRP I 10 49.77 -23.13 -4.97
N ARG I 11 49.32 -21.88 -4.95
CA ARG I 11 48.00 -21.51 -5.46
C ARG I 11 47.88 -21.68 -6.96
N ALA I 12 49.00 -21.77 -7.67
CA ALA I 12 48.95 -21.94 -9.12
C ALA I 12 48.48 -23.33 -9.56
N THR I 13 48.41 -24.31 -8.65
CA THR I 13 48.02 -25.65 -9.04
C THR I 13 46.51 -25.85 -9.15
N VAL I 14 45.71 -24.88 -8.74
CA VAL I 14 44.26 -25.04 -8.76
C VAL I 14 43.59 -23.85 -9.45
N PRO I 15 43.65 -23.80 -10.79
CA PRO I 15 43.04 -22.67 -11.50
C PRO I 15 41.51 -22.69 -11.52
N GLU I 16 40.88 -23.82 -11.16
CA GLU I 16 39.43 -23.86 -11.05
C GLU I 16 38.90 -23.01 -9.91
N LEU I 17 39.74 -22.63 -8.96
CA LEU I 17 39.39 -21.65 -7.94
C LEU I 17 40.06 -20.33 -8.30
N PRO I 18 39.34 -19.36 -8.84
CA PRO I 18 39.93 -18.05 -9.11
C PRO I 18 40.30 -17.32 -7.82
N PRO I 19 41.20 -16.35 -7.89
CA PRO I 19 41.72 -15.72 -6.65
C PRO I 19 40.66 -14.91 -5.91
N LEU I 20 41.01 -14.56 -4.67
CA LEU I 20 40.06 -13.92 -3.76
C LEU I 20 40.17 -12.39 -3.79
N VAL I 21 41.39 -11.87 -3.94
CA VAL I 21 41.65 -10.46 -3.66
C VAL I 21 41.06 -9.57 -4.75
N ASP I 22 41.58 -9.69 -5.96
CA ASP I 22 41.16 -8.87 -7.10
C ASP I 22 41.77 -9.46 -8.36
N GLU I 23 41.64 -8.74 -9.48
CA GLU I 23 42.11 -9.23 -10.76
C GLU I 23 43.63 -9.22 -10.84
N ALA I 24 44.26 -8.09 -10.50
CA ALA I 24 45.70 -7.96 -10.65
C ALA I 24 46.39 -7.22 -9.51
N GLY I 25 45.68 -6.83 -8.47
CA GLY I 25 46.30 -6.10 -7.37
C GLY I 25 45.30 -5.73 -6.29
N ASP I 26 45.77 -5.66 -5.04
CA ASP I 26 44.88 -5.44 -3.91
C ASP I 26 44.31 -4.03 -3.86
N THR I 27 43.14 -3.84 -4.49
CA THR I 27 42.49 -2.55 -4.56
C THR I 27 41.02 -2.69 -4.18
N GLY I 28 40.52 -1.71 -3.45
CA GLY I 28 39.09 -1.60 -3.18
C GLY I 28 38.56 -2.40 -2.03
N SER I 29 39.41 -3.16 -1.32
CA SER I 29 38.94 -3.92 -0.18
C SER I 29 40.08 -4.07 0.82
N ALA I 30 39.77 -3.90 2.10
CA ALA I 30 40.76 -3.99 3.16
C ALA I 30 40.76 -5.33 3.87
N THR I 31 39.59 -5.94 4.07
CA THR I 31 39.52 -7.25 4.71
C THR I 31 39.99 -8.38 3.78
N ALA I 32 39.99 -8.15 2.46
CA ALA I 32 40.50 -9.15 1.54
C ALA I 32 42.00 -9.34 1.67
N ARG I 33 42.74 -8.25 1.93
CA ARG I 33 44.16 -8.36 2.19
C ARG I 33 44.45 -9.17 3.45
N ALA I 34 43.68 -8.95 4.52
CA ALA I 34 43.82 -9.72 5.74
C ALA I 34 43.48 -11.19 5.51
N ALA I 35 42.42 -11.46 4.75
CA ALA I 35 42.02 -12.84 4.46
C ALA I 35 43.09 -13.55 3.64
N ASP I 36 43.65 -12.86 2.64
CA ASP I 36 44.71 -13.45 1.83
C ASP I 36 45.97 -13.70 2.65
N THR I 37 46.32 -12.76 3.52
CA THR I 37 47.47 -12.95 4.40
C THR I 37 47.26 -14.13 5.34
N ALA I 38 46.05 -14.26 5.88
CA ALA I 38 45.74 -15.39 6.76
C ALA I 38 45.79 -16.72 6.02
N GLU I 39 45.24 -16.76 4.80
CA GLU I 39 45.28 -17.99 4.01
C GLU I 39 46.70 -18.38 3.65
N ARG I 40 47.53 -17.40 3.27
CA ARG I 40 48.93 -17.68 2.95
C ARG I 40 49.70 -18.16 4.18
N LEU I 41 49.45 -17.53 5.34
CA LEU I 41 50.11 -17.91 6.57
C LEU I 41 49.74 -19.33 6.98
N LEU I 42 48.45 -19.66 6.93
CA LEU I 42 48.04 -20.99 7.34
C LEU I 42 48.40 -22.04 6.29
N LEU I 43 48.56 -21.62 5.03
CA LEU I 43 49.06 -22.54 4.02
C LEU I 43 50.54 -22.85 4.24
N LEU I 44 51.30 -21.86 4.72
CA LEU I 44 52.68 -22.15 5.10
C LEU I 44 52.77 -22.68 6.52
N LEU I 45 51.88 -23.62 6.85
CA LEU I 45 51.91 -24.33 8.13
C LEU I 45 51.61 -25.81 7.98
N HIS I 46 51.04 -26.24 6.86
CA HIS I 46 50.71 -27.64 6.63
C HIS I 46 51.83 -28.36 5.89
N TYR I 47 52.58 -27.66 5.05
CA TYR I 47 53.72 -28.21 4.36
C TYR I 47 55.03 -27.91 5.07
N SER I 48 54.97 -27.32 6.26
CA SER I 48 56.14 -27.05 7.07
C SER I 48 56.46 -28.16 8.05
N ILE I 49 55.61 -29.17 8.16
CA ILE I 49 55.82 -30.29 9.08
C ILE I 49 55.93 -31.57 8.27
N ASP I 50 56.07 -32.70 8.97
CA ASP I 50 56.31 -33.99 8.31
C ASP I 50 55.13 -34.39 7.41
N TRP I 51 53.91 -34.16 7.86
CA TRP I 51 52.74 -34.47 7.03
C TRP I 51 51.81 -33.27 6.93
N SER I 54 55.28 -36.91 11.94
CA SER I 54 55.91 -37.08 13.24
C SER I 54 54.88 -37.09 14.35
N TRP I 55 53.61 -36.96 13.98
CA TRP I 55 52.51 -36.98 14.93
C TRP I 55 52.00 -38.42 15.04
N VAL I 56 50.84 -38.60 15.68
CA VAL I 56 50.27 -39.93 15.86
C VAL I 56 49.85 -40.50 14.51
N ALA I 57 50.14 -41.79 14.30
CA ALA I 57 50.16 -42.39 12.98
C ALA I 57 48.99 -43.34 12.77
N ASP I 58 48.15 -43.02 11.80
CA ASP I 58 47.24 -43.95 11.17
C ASP I 58 47.22 -43.61 9.69
N PRO I 59 46.72 -44.54 8.81
CA PRO I 59 46.85 -44.33 7.35
C PRO I 59 46.29 -43.04 6.76
N LYS I 60 45.65 -42.18 7.56
CA LYS I 60 45.31 -40.84 7.12
C LYS I 60 45.96 -39.75 7.99
N HIS I 61 46.73 -40.12 9.02
CA HIS I 61 47.37 -39.23 9.98
C HIS I 61 46.35 -38.33 10.70
N ARG I 62 45.10 -38.80 10.82
CA ARG I 62 44.03 -38.17 11.60
C ARG I 62 43.76 -36.73 11.16
N LYS I 63 43.80 -36.49 9.86
CA LYS I 63 43.39 -35.25 9.21
C LYS I 63 44.13 -34.04 9.77
N THR I 64 45.45 -34.06 9.62
CA THR I 64 46.31 -32.98 10.08
C THR I 64 46.35 -31.84 9.07
N TRP I 66 41.34 -30.05 6.12
CA TRP I 66 41.58 -31.15 7.04
C TRP I 66 41.05 -30.79 8.42
N ASP I 67 40.00 -31.49 8.86
CA ASP I 67 39.26 -31.06 10.04
C ASP I 67 39.16 -32.22 11.03
N GLU I 68 40.21 -32.44 11.79
CA GLU I 68 40.07 -33.21 13.02
C GLU I 68 40.74 -32.55 14.21
N LEU I 69 41.94 -31.98 14.03
CA LEU I 69 42.62 -31.28 15.10
C LEU I 69 43.30 -30.00 14.66
N LEU I 70 43.51 -29.77 13.37
CA LEU I 70 44.13 -28.52 12.91
C LEU I 70 43.29 -27.29 13.23
N PRO I 71 41.97 -27.22 12.96
CA PRO I 71 41.23 -26.01 13.35
C PRO I 71 41.20 -25.77 14.84
N GLY I 72 41.17 -26.83 15.65
CA GLY I 72 41.19 -26.65 17.09
C GLY I 72 42.47 -26.03 17.59
N ARG I 73 43.61 -26.53 17.10
CA ARG I 73 44.89 -26.00 17.53
C ARG I 73 45.14 -24.59 17.00
N VAL I 74 44.74 -24.33 15.74
CA VAL I 74 44.88 -23.00 15.19
C VAL I 74 44.02 -22.00 15.94
N ARG I 75 42.78 -22.38 16.27
CA ARG I 75 41.89 -21.53 17.05
C ARG I 75 42.46 -21.27 18.44
N ARG I 76 42.99 -22.31 19.09
CA ARG I 76 43.53 -22.15 20.43
C ARG I 76 44.74 -21.24 20.44
N ALA I 77 45.60 -21.35 19.43
CA ALA I 77 46.73 -20.43 19.31
C ALA I 77 46.27 -19.03 18.88
N ALA I 78 45.08 -18.90 18.30
CA ALA I 78 44.58 -17.61 17.85
C ALA I 78 44.03 -16.75 18.98
N TYR I 79 44.19 -17.15 20.24
CA TYR I 79 43.76 -16.36 21.38
C TYR I 79 44.92 -15.69 22.10
N ARG I 80 45.97 -15.33 21.36
CA ARG I 80 47.10 -14.58 21.88
C ARG I 80 47.44 -13.46 20.89
N ALA I 81 48.27 -12.52 21.35
CA ALA I 81 48.60 -11.33 20.59
C ALA I 81 50.12 -11.15 20.56
N ASP I 82 50.66 -10.66 19.44
CA ASP I 82 49.90 -10.35 18.23
C ASP I 82 50.03 -11.41 17.13
N THR I 83 51.23 -11.65 16.63
CA THR I 83 51.45 -12.70 15.65
C THR I 83 52.63 -13.61 15.95
N LEU I 84 53.71 -13.09 16.54
CA LEU I 84 54.86 -13.92 16.89
C LEU I 84 54.51 -14.89 18.00
N ASP I 85 53.81 -14.41 19.04
CA ASP I 85 53.34 -15.25 20.11
C ASP I 85 52.36 -16.31 19.60
N ARG I 86 51.52 -15.93 18.63
CA ARG I 86 50.61 -16.88 18.01
C ARG I 86 51.37 -18.02 17.34
N TRP I 87 52.42 -17.68 16.58
CA TRP I 87 53.10 -18.75 15.86
C TRP I 87 53.94 -19.61 16.79
N TRP I 88 54.51 -19.01 17.85
CA TRP I 88 55.16 -19.81 18.90
C TRP I 88 54.20 -20.79 19.54
N SER I 89 53.00 -20.32 19.91
CA SER I 89 52.02 -21.18 20.53
C SER I 89 51.61 -22.32 19.61
N GLU I 90 51.46 -22.01 18.32
CA GLU I 90 51.09 -23.06 17.37
C GLU I 90 52.22 -24.06 17.17
N VAL I 91 53.45 -23.58 16.96
CA VAL I 91 54.53 -24.49 16.60
C VAL I 91 54.93 -25.33 17.81
N ALA I 92 54.80 -24.79 19.02
CA ALA I 92 54.99 -25.62 20.20
C ALA I 92 53.81 -26.57 20.40
N GLY I 93 52.62 -26.18 19.96
CA GLY I 93 51.47 -27.04 20.06
C GLY I 93 51.50 -28.22 19.11
N GLN I 94 51.32 -27.95 17.80
CA GLN I 94 51.01 -29.01 16.86
C GLN I 94 52.13 -30.03 16.62
N LEU I 95 53.19 -29.64 15.89
CA LEU I 95 54.28 -30.59 15.66
C LEU I 95 55.65 -30.01 16.04
N GLY I 96 55.98 -28.85 15.48
CA GLY I 96 57.27 -28.24 15.70
C GLY I 96 58.27 -28.46 14.59
N ALA I 97 58.37 -27.49 13.67
CA ALA I 97 59.40 -27.42 12.63
C ALA I 97 59.38 -26.02 12.03
N PRO I 98 60.53 -25.34 11.95
CA PRO I 98 60.55 -23.98 11.39
C PRO I 98 60.21 -23.91 9.90
N ALA I 99 61.00 -24.60 9.07
CA ALA I 99 60.85 -24.70 7.62
C ALA I 99 61.87 -25.69 7.10
N PRO I 100 61.58 -26.40 6.00
CA PRO I 100 62.60 -27.28 5.41
C PRO I 100 63.72 -26.51 4.74
N ARG I 101 64.67 -27.22 4.13
CA ARG I 101 65.79 -26.58 3.46
C ARG I 101 65.34 -25.97 2.14
N HIS I 102 64.52 -24.91 2.23
CA HIS I 102 64.12 -24.11 1.08
C HIS I 102 64.04 -22.68 1.60
N ARG I 103 65.10 -21.90 1.37
CA ARG I 103 65.21 -20.57 1.96
C ARG I 103 64.15 -19.61 1.45
N ASP I 104 63.56 -19.87 0.29
CA ASP I 104 62.47 -19.03 -0.20
C ASP I 104 61.25 -19.12 0.72
N ARG I 105 60.89 -20.33 1.14
CA ARG I 105 59.78 -20.52 2.07
C ARG I 105 60.06 -19.83 3.40
N ARG I 106 61.27 -19.99 3.90
CA ARG I 106 61.68 -19.38 5.18
C ARG I 106 61.65 -17.87 5.12
N LEU I 107 62.18 -17.28 4.05
CA LEU I 107 62.20 -15.83 3.95
C LEU I 107 60.79 -15.27 3.75
N GLU I 108 59.95 -15.95 2.96
CA GLU I 108 58.57 -15.52 2.77
C GLU I 108 57.80 -15.60 4.09
N LEU I 109 58.02 -16.67 4.85
CA LEU I 109 57.35 -16.82 6.14
C LEU I 109 57.76 -15.71 7.08
N ALA I 110 59.06 -15.52 7.27
CA ALA I 110 59.52 -14.51 8.24
C ALA I 110 59.20 -13.10 7.78
N THR I 111 59.03 -12.88 6.47
CA THR I 111 58.45 -11.63 6.02
C THR I 111 57.00 -11.51 6.46
N LEU I 112 56.28 -12.64 6.45
CA LEU I 112 54.85 -12.60 6.69
C LEU I 112 54.49 -12.40 8.17
N LEU I 113 55.34 -12.86 9.12
CA LEU I 113 54.96 -12.89 10.54
C LEU I 113 54.61 -11.53 11.14
N ARG I 114 54.80 -10.42 10.43
CA ARG I 114 54.34 -9.13 10.92
C ARG I 114 53.66 -8.34 9.83
N GLU I 115 52.60 -7.64 10.25
CA GLU I 115 51.70 -6.92 9.36
C GLU I 115 50.98 -5.88 10.20
N PRO I 116 49.83 -5.40 9.72
CA PRO I 116 48.90 -4.69 10.60
C PRO I 116 48.58 -5.52 11.84
N ALA I 117 48.34 -6.83 11.64
CA ALA I 117 48.40 -7.88 12.66
C ALA I 117 47.26 -7.82 13.67
N LEU I 118 46.47 -6.77 13.65
CA LEU I 118 45.20 -6.74 14.35
C LEU I 118 44.08 -7.46 13.59
N PRO I 119 43.80 -7.15 12.30
CA PRO I 119 42.66 -7.82 11.66
C PRO I 119 42.91 -9.27 11.28
N VAL I 120 44.17 -9.72 11.28
CA VAL I 120 44.47 -11.10 10.92
C VAL I 120 43.90 -12.05 11.98
N ILE I 121 44.02 -11.69 13.25
CA ILE I 121 43.44 -12.51 14.31
C ILE I 121 41.93 -12.53 14.21
N THR I 122 41.33 -11.39 13.83
CA THR I 122 39.89 -11.34 13.61
C THR I 122 39.48 -12.25 12.46
N VAL I 123 40.31 -12.32 11.42
CA VAL I 123 40.00 -13.19 10.29
C VAL I 123 40.12 -14.66 10.68
N LEU I 124 41.15 -15.01 11.46
CA LEU I 124 41.27 -16.38 11.97
C LEU I 124 40.11 -16.74 12.89
N ARG I 125 39.50 -15.76 13.55
CA ARG I 125 38.36 -16.08 14.41
C ARG I 125 37.05 -16.16 13.63
N ASP I 126 36.68 -15.09 12.92
CA ASP I 126 35.33 -14.99 12.38
C ASP I 126 35.14 -15.76 11.07
N SER I 127 36.20 -16.29 10.46
CA SER I 127 36.01 -17.22 9.35
C SER I 127 37.19 -18.19 9.36
N LEU I 128 37.04 -19.30 10.09
CA LEU I 128 38.03 -20.36 10.05
C LEU I 128 37.84 -21.36 8.90
N PRO I 129 36.68 -22.00 8.70
CA PRO I 129 36.67 -23.19 7.85
C PRO I 129 36.72 -22.89 6.38
N ALA I 130 36.37 -21.67 5.94
CA ALA I 130 36.56 -21.33 4.54
C ALA I 130 38.04 -21.35 4.17
N LEU I 131 38.88 -20.82 5.05
CA LEU I 131 40.32 -20.89 4.85
C LEU I 131 40.82 -22.33 4.88
N LEU I 132 40.21 -23.17 5.71
CA LEU I 132 40.57 -24.58 5.73
C LEU I 132 40.13 -25.30 4.46
N LEU I 133 38.98 -24.94 3.89
CA LEU I 133 38.59 -25.48 2.60
C LEU I 133 39.59 -25.10 1.52
N ARG I 134 40.02 -23.83 1.55
CA ARG I 134 41.03 -23.37 0.60
C ARG I 134 42.32 -24.16 0.74
N VAL I 135 42.83 -24.27 1.97
CA VAL I 135 44.12 -24.92 2.19
C VAL I 135 44.03 -26.41 1.87
N ARG I 136 42.90 -27.04 2.20
CA ARG I 136 42.69 -28.45 1.87
C ARG I 136 42.67 -28.66 0.36
N ILE I 137 42.03 -27.75 -0.38
CA ILE I 137 41.96 -27.90 -1.83
C ILE I 137 43.33 -27.73 -2.48
N ILE I 138 44.06 -26.67 -2.10
CA ILE I 138 45.39 -26.47 -2.67
C ILE I 138 46.34 -27.60 -2.29
N ALA I 139 46.30 -28.06 -1.03
CA ALA I 139 47.16 -29.16 -0.62
C ALA I 139 46.84 -30.44 -1.37
N GLU I 140 45.54 -30.75 -1.54
CA GLU I 140 45.15 -31.95 -2.24
C GLU I 140 45.54 -31.88 -3.72
N ALA I 141 45.40 -30.71 -4.34
CA ALA I 141 45.72 -30.60 -5.77
C ALA I 141 47.23 -30.67 -6.00
N VAL I 142 48.02 -30.01 -5.15
CA VAL I 142 49.46 -30.03 -5.37
C VAL I 142 50.03 -31.39 -4.94
N ALA I 143 49.33 -32.12 -4.08
CA ALA I 143 49.69 -33.51 -3.85
C ALA I 143 49.31 -34.38 -5.06
N ALA I 144 48.18 -34.08 -5.68
CA ALA I 144 47.72 -34.87 -6.82
C ALA I 144 48.62 -34.70 -8.02
N GLN I 145 49.25 -33.54 -8.18
CA GLN I 145 50.22 -33.42 -9.28
C GLN I 145 51.58 -34.00 -8.95
N ARG I 146 51.74 -34.65 -7.79
CA ARG I 146 52.95 -35.41 -7.53
C ARG I 146 52.54 -36.82 -7.11
N GLY I 147 51.62 -37.42 -7.87
CA GLY I 147 51.22 -38.80 -7.63
C GLY I 147 51.64 -39.74 -8.74
N THR J 2 -36.83 -27.72 -5.87
CA THR J 2 -36.30 -28.48 -4.74
C THR J 2 -35.84 -27.54 -3.62
N THR J 3 -34.83 -26.74 -3.91
CA THR J 3 -34.32 -25.80 -2.92
C THR J 3 -35.32 -24.67 -2.71
N PRO J 4 -35.40 -24.12 -1.49
CA PRO J 4 -36.18 -22.88 -1.30
C PRO J 4 -35.62 -21.69 -2.06
N THR J 5 -34.31 -21.72 -2.41
CA THR J 5 -33.60 -20.70 -3.18
C THR J 5 -33.78 -19.34 -2.52
N PRO J 6 -33.05 -19.06 -1.42
CA PRO J 6 -33.44 -18.01 -0.45
C PRO J 6 -33.74 -16.62 -1.00
N THR J 7 -33.44 -16.36 -2.27
CA THR J 7 -33.94 -15.15 -2.91
C THR J 7 -35.37 -15.32 -3.43
N GLN J 8 -35.92 -16.53 -3.37
CA GLN J 8 -37.33 -16.73 -3.74
C GLN J 8 -38.24 -16.50 -2.55
N VAL J 9 -37.84 -16.97 -1.36
CA VAL J 9 -38.64 -16.75 -0.17
C VAL J 9 -38.62 -15.30 0.29
N TRP J 10 -37.67 -14.50 -0.20
CA TRP J 10 -37.79 -13.06 -0.05
C TRP J 10 -39.00 -12.55 -0.82
N ARG J 11 -39.00 -12.78 -2.14
CA ARG J 11 -40.05 -12.25 -3.01
C ARG J 11 -41.42 -12.85 -2.73
N ALA J 12 -41.47 -13.99 -2.05
CA ALA J 12 -42.75 -14.62 -1.74
C ALA J 12 -43.57 -13.87 -0.69
N THR J 13 -42.98 -12.90 0.02
CA THR J 13 -43.71 -12.22 1.08
C THR J 13 -44.59 -11.09 0.57
N VAL J 14 -44.51 -10.74 -0.71
CA VAL J 14 -45.29 -9.62 -1.23
C VAL J 14 -46.03 -10.04 -2.50
N PRO J 15 -47.13 -10.78 -2.35
CA PRO J 15 -47.88 -11.22 -3.54
C PRO J 15 -48.67 -10.12 -4.22
N GLU J 16 -48.85 -8.96 -3.57
CA GLU J 16 -49.51 -7.82 -4.23
C GLU J 16 -48.69 -7.24 -5.35
N LEU J 17 -47.39 -7.55 -5.42
CA LEU J 17 -46.56 -7.21 -6.56
C LEU J 17 -46.33 -8.47 -7.36
N PRO J 18 -47.00 -8.66 -8.49
CA PRO J 18 -46.73 -9.84 -9.33
C PRO J 18 -45.35 -9.77 -9.95
N PRO J 19 -44.80 -10.90 -10.39
CA PRO J 19 -43.40 -10.92 -10.85
C PRO J 19 -43.19 -10.14 -12.14
N LEU J 20 -41.90 -9.92 -12.44
CA LEU J 20 -41.51 -9.06 -13.56
C LEU J 20 -41.26 -9.84 -14.84
N VAL J 21 -40.69 -11.05 -14.72
CA VAL J 21 -40.11 -11.73 -15.87
C VAL J 21 -41.21 -12.26 -16.78
N ASP J 22 -41.99 -13.22 -16.29
CA ASP J 22 -43.04 -13.87 -17.07
C ASP J 22 -43.89 -14.69 -16.11
N GLU J 23 -44.79 -15.49 -16.68
CA GLU J 23 -45.72 -16.27 -15.87
C GLU J 23 -45.01 -17.42 -15.16
N ALA J 24 -44.24 -18.22 -15.90
CA ALA J 24 -43.61 -19.41 -15.33
C ALA J 24 -42.19 -19.65 -15.80
N GLY J 25 -41.60 -18.78 -16.61
CA GLY J 25 -40.25 -18.99 -17.10
C GLY J 25 -39.77 -17.89 -18.02
N ASP J 26 -38.47 -17.62 -18.01
CA ASP J 26 -37.93 -16.48 -18.75
C ASP J 26 -37.97 -16.68 -20.27
N THR J 27 -39.06 -16.25 -20.89
CA THR J 27 -39.28 -16.40 -22.32
C THR J 27 -39.71 -15.07 -22.91
N GLY J 28 -39.20 -14.77 -24.11
CA GLY J 28 -39.68 -13.65 -24.89
C GLY J 28 -39.08 -12.30 -24.57
N SER J 29 -38.17 -12.21 -23.61
CA SER J 29 -37.55 -10.94 -23.29
C SER J 29 -36.15 -11.18 -22.75
N ALA J 30 -35.20 -10.38 -23.21
CA ALA J 30 -33.80 -10.51 -22.79
C ALA J 30 -33.41 -9.53 -21.71
N THR J 31 -33.92 -8.30 -21.74
CA THR J 31 -33.61 -7.33 -20.68
C THR J 31 -34.33 -7.63 -19.38
N ALA J 32 -35.41 -8.42 -19.42
CA ALA J 32 -36.09 -8.81 -18.19
C ALA J 32 -35.24 -9.75 -17.35
N ARG J 33 -34.49 -10.64 -18.00
CA ARG J 33 -33.55 -11.50 -17.27
C ARG J 33 -32.47 -10.69 -16.57
N ALA J 34 -31.92 -9.68 -17.26
CA ALA J 34 -30.92 -8.81 -16.65
C ALA J 34 -31.51 -8.00 -15.51
N ALA J 35 -32.73 -7.50 -15.67
CA ALA J 35 -33.37 -6.73 -14.60
C ALA J 35 -33.65 -7.61 -13.38
N ASP J 36 -34.10 -8.85 -13.61
CA ASP J 36 -34.34 -9.77 -12.49
C ASP J 36 -33.05 -10.14 -11.79
N THR J 37 -31.98 -10.38 -12.57
CA THR J 37 -30.68 -10.68 -11.97
C THR J 37 -30.18 -9.50 -11.15
N ALA J 38 -30.35 -8.28 -11.66
CA ALA J 38 -29.92 -7.09 -10.92
C ALA J 38 -30.73 -6.91 -9.64
N GLU J 39 -32.04 -7.13 -9.70
CA GLU J 39 -32.88 -6.99 -8.52
C GLU J 39 -32.51 -8.04 -7.47
N ARG J 40 -32.28 -9.28 -7.90
CA ARG J 40 -31.88 -10.33 -6.97
C ARG J 40 -30.52 -10.04 -6.35
N LEU J 41 -29.57 -9.54 -7.15
CA LEU J 41 -28.25 -9.22 -6.66
C LEU J 41 -28.30 -8.10 -5.64
N LEU J 42 -29.04 -7.04 -5.93
CA LEU J 42 -29.10 -5.91 -5.01
C LEU J 42 -29.97 -6.24 -3.80
N LEU J 43 -30.90 -7.19 -3.93
CA LEU J 43 -31.64 -7.68 -2.77
C LEU J 43 -30.75 -8.49 -1.85
N LEU J 44 -29.80 -9.24 -2.42
CA LEU J 44 -28.81 -9.92 -1.57
C LEU J 44 -27.65 -9.00 -1.24
N LEU J 45 -27.96 -7.77 -0.87
CA LEU J 45 -26.97 -6.81 -0.38
C LEU J 45 -27.47 -6.00 0.80
N HIS J 46 -28.78 -5.96 1.05
CA HIS J 46 -29.35 -5.21 2.16
C HIS J 46 -29.50 -6.07 3.40
N TYR J 47 -29.73 -7.37 3.22
CA TYR J 47 -29.83 -8.31 4.33
C TYR J 47 -28.51 -9.03 4.58
N SER J 48 -27.44 -8.63 3.88
CA SER J 48 -26.12 -9.20 4.08
C SER J 48 -25.29 -8.43 5.09
N ILE J 49 -25.79 -7.28 5.57
CA ILE J 49 -25.06 -6.46 6.54
C ILE J 49 -25.88 -6.37 7.82
N ASP J 50 -25.39 -5.60 8.80
CA ASP J 50 -26.02 -5.53 10.11
C ASP J 50 -27.44 -4.95 10.02
N TRP J 51 -27.65 -3.93 9.20
CA TRP J 51 -28.98 -3.37 9.03
C TRP J 51 -29.35 -3.29 7.56
N SER J 54 -23.90 -1.58 11.75
CA SER J 54 -22.50 -1.30 12.04
C SER J 54 -22.08 0.04 11.43
N TRP J 55 -23.02 0.70 10.78
CA TRP J 55 -22.77 2.01 10.17
C TRP J 55 -23.15 3.08 11.19
N VAL J 56 -23.23 4.34 10.73
CA VAL J 56 -23.56 5.45 11.61
C VAL J 56 -25.01 5.32 12.09
N ALA J 57 -25.23 5.58 13.38
CA ALA J 57 -26.43 5.16 14.07
C ALA J 57 -27.34 6.34 14.39
N ASP J 58 -28.54 6.30 13.83
CA ASP J 58 -29.69 7.07 14.31
C ASP J 58 -30.90 6.16 14.19
N PRO J 59 -32.04 6.50 14.89
CA PRO J 59 -33.18 5.56 14.93
C PRO J 59 -33.78 5.07 13.61
N LYS J 60 -33.29 5.56 12.47
CA LYS J 60 -33.62 4.98 11.18
C LYS J 60 -32.41 4.45 10.42
N HIS J 61 -31.20 4.60 10.99
CA HIS J 61 -29.92 4.23 10.36
C HIS J 61 -29.69 4.92 9.02
N ARG J 62 -30.30 6.10 8.85
CA ARG J 62 -30.08 6.99 7.70
C ARG J 62 -30.37 6.32 6.36
N LYS J 63 -31.43 5.50 6.34
CA LYS J 63 -32.01 4.90 5.14
C LYS J 63 -30.97 4.10 4.34
N THR J 64 -30.44 3.07 4.99
CA THR J 64 -29.44 2.20 4.37
C THR J 64 -30.11 1.13 3.53
N TRP J 66 -34.89 2.44 0.00
CA TRP J 66 -34.15 3.24 0.96
C TRP J 66 -33.20 4.17 0.23
N ASP J 67 -33.47 5.48 0.30
CA ASP J 67 -32.76 6.42 -0.57
C ASP J 67 -32.16 7.53 0.30
N GLU J 68 -31.01 7.26 0.89
CA GLU J 68 -30.15 8.36 1.35
C GLU J 68 -28.70 8.18 0.93
N LEU J 69 -28.17 6.96 1.00
CA LEU J 69 -26.80 6.69 0.57
C LEU J 69 -26.64 5.39 -0.18
N LEU J 70 -27.60 4.46 -0.13
CA LEU J 70 -27.48 3.21 -0.89
C LEU J 70 -27.45 3.42 -2.40
N PRO J 71 -28.34 4.22 -3.03
CA PRO J 71 -28.21 4.41 -4.48
C PRO J 71 -26.92 5.09 -4.90
N GLY J 72 -26.41 6.01 -4.08
CA GLY J 72 -25.15 6.66 -4.41
C GLY J 72 -23.99 5.69 -4.41
N ARG J 73 -23.91 4.84 -3.39
CA ARG J 73 -22.80 3.89 -3.31
C ARG J 73 -22.92 2.80 -4.36
N VAL J 74 -24.14 2.33 -4.63
CA VAL J 74 -24.34 1.33 -5.68
C VAL J 74 -24.00 1.89 -7.04
N ARG J 75 -24.41 3.13 -7.32
CA ARG J 75 -24.06 3.79 -8.57
C ARG J 75 -22.56 3.98 -8.71
N ARG J 76 -21.89 4.40 -7.62
CA ARG J 76 -20.45 4.63 -7.68
C ARG J 76 -19.70 3.33 -7.93
N ALA J 77 -20.14 2.24 -7.30
CA ALA J 77 -19.53 0.95 -7.58
C ALA J 77 -19.91 0.42 -8.96
N ALA J 78 -20.99 0.92 -9.55
CA ALA J 78 -21.43 0.47 -10.86
C ALA J 78 -20.63 1.06 -12.01
N TYR J 79 -19.54 1.77 -11.73
CA TYR J 79 -18.67 2.31 -12.78
C TYR J 79 -17.38 1.53 -12.91
N ARG J 80 -17.42 0.22 -12.65
CA ARG J 80 -16.28 -0.67 -12.86
C ARG J 80 -16.78 -1.93 -13.55
N ALA J 81 -15.83 -2.72 -14.06
CA ALA J 81 -16.13 -3.90 -14.86
C ALA J 81 -15.36 -5.10 -14.31
N ASP J 82 -15.97 -6.28 -14.35
CA ASP J 82 -17.33 -6.50 -14.83
C ASP J 82 -18.37 -6.68 -13.71
N THR J 83 -18.21 -7.71 -12.87
CA THR J 83 -19.09 -7.88 -11.73
C THR J 83 -18.36 -8.18 -10.43
N LEU J 84 -17.23 -8.90 -10.46
CA LEU J 84 -16.48 -9.18 -9.24
C LEU J 84 -15.86 -7.91 -8.68
N ASP J 85 -15.26 -7.09 -9.56
CA ASP J 85 -14.72 -5.80 -9.16
C ASP J 85 -15.80 -4.88 -8.62
N ARG J 86 -16.99 -4.94 -9.23
CA ARG J 86 -18.13 -4.17 -8.73
C ARG J 86 -18.47 -4.55 -7.30
N TRP J 87 -18.54 -5.85 -7.02
CA TRP J 87 -18.97 -6.24 -5.68
C TRP J 87 -17.88 -5.98 -4.66
N TRP J 88 -16.61 -6.10 -5.05
CA TRP J 88 -15.51 -5.69 -4.18
C TRP J 88 -15.60 -4.21 -3.83
N SER J 89 -15.82 -3.37 -4.85
CA SER J 89 -15.91 -1.93 -4.62
C SER J 89 -17.08 -1.60 -3.70
N GLU J 90 -18.20 -2.28 -3.88
CA GLU J 90 -19.35 -2.04 -3.01
C GLU J 90 -19.09 -2.50 -1.59
N VAL J 91 -18.58 -3.73 -1.41
CA VAL J 91 -18.47 -4.28 -0.06
C VAL J 91 -17.37 -3.57 0.71
N ALA J 92 -16.33 -3.09 0.02
CA ALA J 92 -15.35 -2.24 0.69
C ALA J 92 -15.93 -0.86 0.96
N GLY J 93 -16.84 -0.40 0.12
CA GLY J 93 -17.47 0.88 0.33
C GLY J 93 -18.44 0.91 1.49
N GLN J 94 -19.59 0.25 1.34
CA GLN J 94 -20.71 0.46 2.25
C GLN J 94 -20.49 -0.01 3.68
N LEU J 95 -20.52 -1.33 3.92
CA LEU J 95 -20.31 -1.81 5.28
C LEU J 95 -19.21 -2.87 5.37
N GLY J 96 -19.35 -3.92 4.57
CA GLY J 96 -18.41 -5.02 4.60
C GLY J 96 -18.87 -6.24 5.39
N ALA J 97 -19.44 -7.22 4.70
CA ALA J 97 -19.81 -8.53 5.24
C ALA J 97 -20.11 -9.47 4.08
N PRO J 98 -19.50 -10.65 4.02
CA PRO J 98 -19.76 -11.58 2.91
C PRO J 98 -21.19 -12.12 2.87
N ALA J 99 -21.60 -12.81 3.94
CA ALA J 99 -22.91 -13.40 4.13
C ALA J 99 -22.99 -13.96 5.54
N PRO J 100 -24.17 -13.99 6.16
CA PRO J 100 -24.28 -14.64 7.48
C PRO J 100 -24.17 -16.15 7.40
N ARG J 101 -24.31 -16.83 8.55
CA ARG J 101 -24.21 -18.28 8.58
C ARG J 101 -25.47 -18.91 7.99
N HIS J 102 -25.66 -18.75 6.68
CA HIS J 102 -26.72 -19.41 5.94
C HIS J 102 -26.11 -19.74 4.58
N ARG J 103 -25.65 -20.98 4.41
CA ARG J 103 -24.89 -21.36 3.23
C ARG J 103 -25.71 -21.30 1.94
N ASP J 104 -27.04 -21.33 2.05
CA ASP J 104 -27.88 -21.17 0.86
C ASP J 104 -27.73 -19.78 0.26
N ARG J 105 -27.74 -18.75 1.12
CA ARG J 105 -27.54 -17.38 0.65
C ARG J 105 -26.17 -17.21 0.01
N ARG J 106 -25.14 -17.77 0.65
CA ARG J 106 -23.77 -17.67 0.15
C ARG J 106 -23.60 -18.37 -1.19
N LEU J 107 -24.17 -19.57 -1.33
CA LEU J 107 -24.03 -20.30 -2.58
C LEU J 107 -24.82 -19.64 -3.70
N GLU J 108 -26.02 -19.13 -3.39
CA GLU J 108 -26.81 -18.41 -4.38
C GLU J 108 -26.11 -17.14 -4.83
N LEU J 109 -25.51 -16.42 -3.88
CA LEU J 109 -24.78 -15.20 -4.21
C LEU J 109 -23.60 -15.52 -5.13
N ALA J 110 -22.74 -16.45 -4.71
CA ALA J 110 -21.55 -16.76 -5.50
C ALA J 110 -21.88 -17.39 -6.84
N THR J 111 -23.05 -18.05 -6.94
CA THR J 111 -23.54 -18.44 -8.26
C THR J 111 -23.88 -17.20 -9.07
N LEU J 112 -24.43 -16.17 -8.42
CA LEU J 112 -24.95 -15.01 -9.16
C LEU J 112 -23.84 -14.10 -9.67
N LEU J 113 -22.67 -14.01 -9.00
CA LEU J 113 -21.67 -12.98 -9.32
C LEU J 113 -21.13 -13.04 -10.75
N ARG J 114 -21.49 -14.05 -11.54
CA ARG J 114 -21.10 -14.05 -12.95
C ARG J 114 -22.25 -14.47 -13.84
N GLU J 115 -22.32 -13.81 -14.98
CA GLU J 115 -23.43 -13.93 -15.92
C GLU J 115 -22.93 -13.45 -17.27
N PRO J 116 -23.85 -13.09 -18.16
CA PRO J 116 -23.47 -12.29 -19.32
C PRO J 116 -22.71 -11.03 -18.89
N ALA J 117 -23.19 -10.37 -17.84
CA ALA J 117 -22.45 -9.41 -17.01
C ALA J 117 -22.16 -8.09 -17.71
N LEU J 118 -22.43 -7.99 -19.00
CA LEU J 118 -22.46 -6.72 -19.70
C LEU J 118 -23.79 -5.98 -19.49
N PRO J 119 -24.98 -6.57 -19.73
CA PRO J 119 -26.21 -5.78 -19.59
C PRO J 119 -26.61 -5.49 -18.16
N VAL J 120 -26.05 -6.21 -17.18
CA VAL J 120 -26.41 -5.97 -15.79
C VAL J 120 -25.94 -4.59 -15.34
N ILE J 121 -24.74 -4.18 -15.76
CA ILE J 121 -24.25 -2.85 -15.44
C ILE J 121 -25.12 -1.79 -16.12
N THR J 122 -25.56 -2.06 -17.34
CA THR J 122 -26.48 -1.15 -18.03
C THR J 122 -27.80 -1.04 -17.27
N VAL J 123 -28.27 -2.14 -16.69
CA VAL J 123 -29.52 -2.11 -15.94
C VAL J 123 -29.35 -1.32 -14.64
N LEU J 124 -28.21 -1.51 -13.95
CA LEU J 124 -27.92 -0.70 -12.76
C LEU J 124 -27.78 0.77 -13.09
N ARG J 125 -27.38 1.11 -14.32
CA ARG J 125 -27.29 2.52 -14.66
C ARG J 125 -28.62 3.11 -15.10
N ASP J 126 -29.25 2.52 -16.12
CA ASP J 126 -30.39 3.18 -16.77
C ASP J 126 -31.71 3.00 -16.03
N SER J 127 -31.77 2.17 -15.00
CA SER J 127 -32.94 2.15 -14.13
C SER J 127 -32.48 1.74 -12.73
N LEU J 128 -32.10 2.72 -11.93
CA LEU J 128 -31.79 2.46 -10.52
C LEU J 128 -33.00 2.46 -9.59
N PRO J 129 -33.86 3.50 -9.55
CA PRO J 129 -34.76 3.61 -8.40
C PRO J 129 -35.95 2.67 -8.46
N ALA J 130 -36.30 2.15 -9.63
CA ALA J 130 -37.35 1.13 -9.67
C ALA J 130 -36.93 -0.13 -8.94
N LEU J 131 -35.67 -0.52 -9.12
CA LEU J 131 -35.12 -1.65 -8.37
C LEU J 131 -35.05 -1.33 -6.87
N LEU J 132 -34.78 -0.07 -6.53
CA LEU J 132 -34.79 0.31 -5.12
C LEU J 132 -36.20 0.30 -4.53
N LEU J 133 -37.22 0.68 -5.31
CA LEU J 133 -38.60 0.55 -4.86
C LEU J 133 -38.93 -0.90 -4.60
N ARG J 134 -38.51 -1.78 -5.52
CA ARG J 134 -38.74 -3.21 -5.34
C ARG J 134 -38.08 -3.73 -4.07
N VAL J 135 -36.80 -3.41 -3.88
CA VAL J 135 -36.05 -3.93 -2.74
C VAL J 135 -36.59 -3.36 -1.44
N ARG J 136 -36.97 -2.08 -1.45
CA ARG J 136 -37.57 -1.47 -0.28
C ARG J 136 -38.90 -2.13 0.09
N ILE J 137 -39.71 -2.47 -0.90
CA ILE J 137 -41.01 -3.08 -0.63
C ILE J 137 -40.82 -4.50 -0.07
N ILE J 138 -39.98 -5.31 -0.70
CA ILE J 138 -39.75 -6.66 -0.20
C ILE J 138 -39.12 -6.64 1.20
N ALA J 139 -38.15 -5.75 1.41
CA ALA J 139 -37.52 -5.68 2.73
C ALA J 139 -38.52 -5.24 3.80
N GLU J 140 -39.35 -4.24 3.48
CA GLU J 140 -40.33 -3.77 4.45
C GLU J 140 -41.37 -4.84 4.75
N ALA J 141 -41.80 -5.59 3.73
CA ALA J 141 -42.83 -6.61 3.96
C ALA J 141 -42.27 -7.80 4.75
N VAL J 142 -41.05 -8.24 4.43
CA VAL J 142 -40.51 -9.38 5.15
C VAL J 142 -40.06 -8.97 6.54
N ALA J 143 -39.80 -7.67 6.75
CA ALA J 143 -39.63 -7.18 8.12
C ALA J 143 -40.97 -7.14 8.85
N ALA J 144 -42.03 -6.78 8.14
CA ALA J 144 -43.35 -6.66 8.75
C ALA J 144 -43.89 -8.02 9.18
N GLN J 145 -43.53 -9.09 8.47
CA GLN J 145 -43.95 -10.40 8.94
C GLN J 145 -43.06 -10.96 10.05
N ARG J 146 -42.09 -10.19 10.54
CA ARG J 146 -41.38 -10.60 11.74
C ARG J 146 -41.44 -9.44 12.73
N GLY J 147 -42.63 -8.89 12.94
CA GLY J 147 -42.84 -7.84 13.93
C GLY J 147 -43.71 -8.29 15.08
N THR K 2 -61.86 -2.30 -0.46
CA THR K 2 -61.26 -2.57 0.84
C THR K 2 -60.24 -1.49 1.21
N THR K 3 -59.17 -1.40 0.42
CA THR K 3 -58.14 -0.41 0.67
C THR K 3 -58.66 0.98 0.31
N PRO K 4 -58.22 2.02 1.01
CA PRO K 4 -58.50 3.40 0.56
C PRO K 4 -57.88 3.73 -0.78
N THR K 5 -56.80 3.01 -1.18
CA THR K 5 -56.09 3.15 -2.45
C THR K 5 -55.67 4.60 -2.64
N PRO K 6 -54.59 5.06 -1.95
CA PRO K 6 -54.36 6.49 -1.71
C PRO K 6 -54.39 7.44 -2.90
N THR K 7 -54.43 6.91 -4.12
CA THR K 7 -54.73 7.75 -5.28
C THR K 7 -56.22 7.94 -5.48
N GLN K 8 -57.06 7.25 -4.70
CA GLN K 8 -58.50 7.48 -4.77
C GLN K 8 -58.92 8.60 -3.83
N VAL K 9 -58.34 8.65 -2.62
CA VAL K 9 -58.65 9.71 -1.68
C VAL K 9 -58.08 11.05 -2.11
N TRP K 10 -57.12 11.05 -3.05
CA TRP K 10 -56.77 12.31 -3.71
C TRP K 10 -57.95 12.82 -4.53
N ARG K 11 -58.42 12.02 -5.48
CA ARG K 11 -59.48 12.43 -6.40
C ARG K 11 -60.82 12.64 -5.70
N ALA K 12 -60.99 12.10 -4.49
CA ALA K 12 -62.24 12.28 -3.78
C ALA K 12 -62.45 13.69 -3.24
N THR K 13 -61.43 14.55 -3.25
CA THR K 13 -61.58 15.88 -2.70
C THR K 13 -62.21 16.88 -3.66
N VAL K 14 -62.41 16.51 -4.92
CA VAL K 14 -62.96 17.45 -5.90
C VAL K 14 -64.13 16.81 -6.64
N PRO K 15 -65.30 16.74 -6.00
CA PRO K 15 -66.47 16.13 -6.68
C PRO K 15 -67.06 16.98 -7.79
N GLU K 16 -66.70 18.27 -7.88
CA GLU K 16 -67.17 19.11 -8.98
C GLU K 16 -66.59 18.70 -10.31
N LEU K 17 -65.52 17.90 -10.32
CA LEU K 17 -65.00 17.28 -11.53
C LEU K 17 -65.39 15.81 -11.51
N PRO K 18 -66.40 15.40 -12.27
CA PRO K 18 -66.74 13.97 -12.33
C PRO K 18 -65.65 13.17 -13.02
N PRO K 19 -65.60 11.86 -12.80
CA PRO K 19 -64.48 11.06 -13.30
C PRO K 19 -64.44 10.95 -14.82
N LEU K 20 -63.29 10.48 -15.32
CA LEU K 20 -63.02 10.46 -16.74
C LEU K 20 -63.40 9.12 -17.39
N VAL K 21 -63.19 8.01 -16.68
CA VAL K 21 -63.21 6.69 -17.30
C VAL K 21 -64.63 6.29 -17.66
N ASP K 22 -65.46 6.10 -16.65
CA ASP K 22 -66.84 5.63 -16.83
C ASP K 22 -67.57 5.79 -15.50
N GLU K 23 -68.79 5.26 -15.44
CA GLU K 23 -69.62 5.41 -14.26
C GLU K 23 -69.10 4.57 -13.09
N ALA K 24 -68.85 3.28 -13.34
CA ALA K 24 -68.44 2.37 -12.26
C ALA K 24 -67.36 1.38 -12.65
N GLY K 25 -66.81 1.44 -13.85
CA GLY K 25 -65.79 0.50 -14.26
C GLY K 25 -65.31 0.73 -15.68
N ASP K 26 -64.05 0.41 -15.95
CA ASP K 26 -63.45 0.73 -17.24
C ASP K 26 -64.00 -0.14 -18.37
N THR K 27 -65.04 0.34 -19.03
CA THR K 27 -65.71 -0.38 -20.11
C THR K 27 -65.90 0.55 -21.30
N GLY K 28 -65.70 0.00 -22.50
CA GLY K 28 -66.06 0.70 -23.72
C GLY K 28 -65.03 1.66 -24.26
N SER K 29 -63.89 1.83 -23.60
CA SER K 29 -62.86 2.72 -24.10
C SER K 29 -61.50 2.22 -23.66
N ALA K 30 -60.53 2.25 -24.58
CA ALA K 30 -59.17 1.78 -24.29
C ALA K 30 -58.20 2.91 -23.97
N THR K 31 -58.33 4.06 -24.63
CA THR K 31 -57.45 5.19 -24.34
C THR K 31 -57.81 5.87 -23.02
N ALA K 32 -59.02 5.67 -22.51
CA ALA K 32 -59.39 6.23 -21.21
C ALA K 32 -58.64 5.56 -20.09
N ARG K 33 -58.40 4.25 -20.20
CA ARG K 33 -57.59 3.55 -19.20
C ARG K 33 -56.15 4.09 -19.18
N ALA K 34 -55.57 4.32 -20.35
CA ALA K 34 -54.23 4.88 -20.43
C ALA K 34 -54.19 6.30 -19.88
N ALA K 35 -55.21 7.11 -20.19
CA ALA K 35 -55.26 8.47 -19.66
C ALA K 35 -55.40 8.48 -18.14
N ASP K 36 -56.23 7.60 -17.60
CA ASP K 36 -56.39 7.51 -16.15
C ASP K 36 -55.11 7.03 -15.48
N THR K 37 -54.43 6.05 -16.08
CA THR K 37 -53.17 5.58 -15.55
C THR K 37 -52.12 6.68 -15.57
N ALA K 38 -52.07 7.45 -16.66
CA ALA K 38 -51.13 8.56 -16.75
C ALA K 38 -51.43 9.65 -15.72
N GLU K 39 -52.70 9.97 -15.53
CA GLU K 39 -53.08 10.99 -14.54
C GLU K 39 -52.73 10.52 -13.13
N ARG K 40 -53.00 9.25 -12.82
CA ARG K 40 -52.67 8.73 -11.50
C ARG K 40 -51.16 8.70 -11.28
N LEU K 41 -50.39 8.32 -12.31
CA LEU K 41 -48.94 8.26 -12.20
C LEU K 41 -48.36 9.65 -11.98
N LEU K 42 -48.82 10.64 -12.75
CA LEU K 42 -48.28 11.98 -12.60
C LEU K 42 -48.80 12.65 -11.34
N LEU K 43 -49.96 12.22 -10.83
CA LEU K 43 -50.43 12.71 -9.54
C LEU K 43 -49.58 12.15 -8.40
N LEU K 44 -49.10 10.92 -8.54
CA LEU K 44 -48.16 10.39 -7.56
C LEU K 44 -46.73 10.80 -7.90
N LEU K 45 -46.54 12.06 -8.25
CA LEU K 45 -45.22 12.64 -8.48
C LEU K 45 -45.09 14.04 -7.90
N HIS K 46 -46.19 14.72 -7.60
CA HIS K 46 -46.16 16.07 -7.05
C HIS K 46 -46.19 16.05 -5.53
N TYR K 47 -46.83 15.05 -4.94
CA TYR K 47 -46.85 14.89 -3.49
C TYR K 47 -45.79 13.91 -3.00
N SER K 48 -44.91 13.46 -3.90
CA SER K 48 -43.81 12.59 -3.54
C SER K 48 -42.53 13.33 -3.22
N ILE K 49 -42.51 14.66 -3.41
CA ILE K 49 -41.32 15.47 -3.14
C ILE K 49 -41.66 16.48 -2.05
N ASP K 50 -40.70 17.35 -1.72
CA ASP K 50 -40.86 18.29 -0.62
C ASP K 50 -42.02 19.27 -0.87
N TRP K 51 -42.15 19.76 -2.11
CA TRP K 51 -43.26 20.65 -2.43
C TRP K 51 -44.01 20.16 -3.66
N SER K 54 -37.31 21.30 -1.66
CA SER K 54 -35.87 21.10 -1.71
C SER K 54 -35.28 21.67 -2.99
N TRP K 55 -36.14 22.24 -3.82
CA TRP K 55 -35.71 22.88 -5.06
C TRP K 55 -35.45 24.36 -4.79
N VAL K 56 -35.29 25.16 -5.86
CA VAL K 56 -35.02 26.58 -5.72
C VAL K 56 -36.23 27.28 -5.11
N ALA K 57 -35.96 28.20 -4.18
CA ALA K 57 -36.98 28.68 -3.25
C ALA K 57 -37.38 30.12 -3.56
N ASP K 58 -38.64 30.32 -3.89
CA ASP K 58 -39.31 31.61 -3.81
C ASP K 58 -40.72 31.33 -3.29
N PRO K 59 -41.45 32.38 -2.80
CA PRO K 59 -42.75 32.12 -2.14
C PRO K 59 -43.82 31.36 -2.89
N LYS K 60 -43.58 30.99 -4.15
CA LYS K 60 -44.44 30.06 -4.86
C LYS K 60 -43.70 28.80 -5.32
N HIS K 61 -42.39 28.68 -5.04
CA HIS K 61 -41.53 27.59 -5.47
C HIS K 61 -41.51 27.39 -6.99
N ARG K 62 -41.79 28.47 -7.73
CA ARG K 62 -41.67 28.53 -9.19
C ARG K 62 -42.53 27.48 -9.90
N LYS K 63 -43.73 27.26 -9.36
CA LYS K 63 -44.79 26.44 -9.96
C LYS K 63 -44.31 25.02 -10.27
N THR K 64 -43.92 24.31 -9.22
CA THR K 64 -43.46 22.95 -9.34
C THR K 64 -44.63 21.97 -9.37
N TRP K 66 -49.65 23.23 -12.57
CA TRP K 66 -48.45 24.01 -12.28
C TRP K 66 -47.54 24.02 -13.50
N ASP K 67 -47.38 25.17 -14.14
CA ASP K 67 -46.73 25.21 -15.45
C ASP K 67 -45.60 26.24 -15.41
N GLU K 68 -44.46 25.85 -14.88
CA GLU K 68 -43.23 26.57 -15.19
C GLU K 68 -42.08 25.66 -15.57
N LEU K 69 -41.93 24.52 -14.88
CA LEU K 69 -40.89 23.55 -15.21
C LEU K 69 -41.33 22.11 -15.13
N LEU K 70 -42.46 21.80 -14.48
CA LEU K 70 -42.94 20.43 -14.43
C LEU K 70 -43.31 19.84 -15.79
N PRO K 71 -44.08 20.52 -16.67
CA PRO K 71 -44.33 19.92 -17.99
C PRO K 71 -43.08 19.74 -18.83
N GLY K 72 -42.11 20.64 -18.71
CA GLY K 72 -40.87 20.48 -19.46
C GLY K 72 -40.10 19.25 -19.04
N ARG K 73 -39.96 19.05 -17.73
CA ARG K 73 -39.20 17.90 -17.24
C ARG K 73 -39.94 16.59 -17.49
N VAL K 74 -41.27 16.59 -17.34
CA VAL K 74 -42.05 15.39 -17.62
C VAL K 74 -41.98 15.03 -19.10
N ARG K 75 -42.09 16.04 -19.97
CA ARG K 75 -41.95 15.81 -21.41
C ARG K 75 -40.57 15.28 -21.77
N ARG K 76 -39.52 15.85 -21.17
CA ARG K 76 -38.16 15.43 -21.48
C ARG K 76 -37.92 14.00 -21.03
N ALA K 77 -38.45 13.63 -19.86
CA ALA K 77 -38.36 12.23 -19.44
C ALA K 77 -39.27 11.31 -20.24
N ALA K 78 -40.28 11.86 -20.91
CA ALA K 78 -41.20 11.06 -21.70
C ALA K 78 -40.63 10.64 -23.05
N TYR K 79 -39.35 10.89 -23.32
CA TYR K 79 -38.73 10.46 -24.56
C TYR K 79 -37.81 9.26 -24.36
N ARG K 80 -38.14 8.39 -23.42
CA ARG K 80 -37.43 7.14 -23.19
C ARG K 80 -38.45 6.02 -23.02
N ALA K 81 -37.98 4.78 -23.09
CA ALA K 81 -38.82 3.60 -23.07
C ALA K 81 -38.30 2.62 -22.02
N ASP K 82 -39.22 1.92 -21.33
CA ASP K 82 -40.66 2.07 -21.48
C ASP K 82 -41.31 2.88 -20.36
N THR K 83 -41.22 2.42 -19.12
CA THR K 83 -41.74 3.19 -17.98
C THR K 83 -40.77 3.29 -16.81
N LEU K 84 -39.96 2.26 -16.54
CA LEU K 84 -39.00 2.33 -15.46
C LEU K 84 -37.89 3.33 -15.76
N ASP K 85 -37.38 3.30 -16.99
CA ASP K 85 -36.39 4.27 -17.43
C ASP K 85 -36.95 5.69 -17.40
N ARG K 86 -38.23 5.84 -17.76
CA ARG K 86 -38.90 7.14 -17.68
C ARG K 86 -38.90 7.66 -16.25
N TRP K 87 -39.24 6.81 -15.28
CA TRP K 87 -39.35 7.32 -13.92
C TRP K 87 -37.98 7.58 -13.32
N TRP K 88 -36.97 6.78 -13.69
CA TRP K 88 -35.59 7.08 -13.30
C TRP K 88 -35.15 8.43 -13.84
N SER K 89 -35.41 8.69 -15.13
CA SER K 89 -35.01 9.96 -15.73
C SER K 89 -35.70 11.13 -15.04
N GLU K 90 -36.98 10.96 -14.70
CA GLU K 90 -37.70 12.03 -14.02
C GLU K 90 -37.16 12.25 -12.61
N VAL K 91 -36.99 11.16 -11.83
CA VAL K 91 -36.66 11.34 -10.42
C VAL K 91 -35.21 11.82 -10.28
N ALA K 92 -34.34 11.45 -11.21
CA ALA K 92 -33.01 12.03 -11.22
C ALA K 92 -33.05 13.47 -11.71
N GLY K 93 -34.00 13.79 -12.59
CA GLY K 93 -34.15 15.15 -13.06
C GLY K 93 -34.68 16.12 -12.02
N GLN K 94 -35.96 15.99 -11.67
CA GLN K 94 -36.65 17.04 -10.94
C GLN K 94 -36.16 17.27 -9.51
N LEU K 95 -36.49 16.38 -8.58
CA LEU K 95 -36.02 16.57 -7.21
C LEU K 95 -35.31 15.34 -6.66
N GLY K 96 -35.97 14.18 -6.71
CA GLY K 96 -35.43 12.96 -6.16
C GLY K 96 -35.96 12.59 -4.79
N ALA K 97 -36.98 11.72 -4.76
CA ALA K 97 -37.52 11.10 -3.56
C ALA K 97 -38.43 9.94 -3.96
N PRO K 98 -38.22 8.74 -3.40
CA PRO K 98 -39.05 7.60 -3.79
C PRO K 98 -40.52 7.73 -3.39
N ALA K 99 -40.76 7.87 -2.08
CA ALA K 99 -42.09 8.03 -1.47
C ALA K 99 -41.90 8.31 0.02
N PRO K 100 -42.80 9.05 0.66
CA PRO K 100 -42.69 9.23 2.12
C PRO K 100 -43.05 7.97 2.89
N ARG K 101 -43.04 8.04 4.22
CA ARG K 101 -43.36 6.88 5.04
C ARG K 101 -44.86 6.62 5.03
N HIS K 102 -45.37 6.19 3.88
CA HIS K 102 -46.75 5.74 3.72
C HIS K 102 -46.69 4.59 2.72
N ARG K 103 -46.68 3.35 3.24
CA ARG K 103 -46.45 2.19 2.39
C ARG K 103 -47.56 1.97 1.38
N ASP K 104 -48.75 2.51 1.62
CA ASP K 104 -49.82 2.41 0.63
C ASP K 104 -49.46 3.15 -0.66
N ARG K 105 -48.92 4.37 -0.53
CA ARG K 105 -48.48 5.13 -1.70
C ARG K 105 -47.38 4.41 -2.45
N ARG K 106 -46.41 3.86 -1.70
CA ARG K 106 -45.28 3.15 -2.30
C ARG K 106 -45.73 1.88 -3.03
N LEU K 107 -46.63 1.11 -2.42
CA LEU K 107 -47.09 -0.12 -3.07
C LEU K 107 -47.95 0.19 -4.29
N GLU K 108 -48.81 1.21 -4.20
CA GLU K 108 -49.61 1.62 -5.35
C GLU K 108 -48.73 2.10 -6.49
N LEU K 109 -47.70 2.88 -6.16
CA LEU K 109 -46.78 3.38 -7.18
C LEU K 109 -46.07 2.23 -7.87
N ALA K 110 -45.44 1.34 -7.09
CA ALA K 110 -44.67 0.26 -7.69
C ALA K 110 -45.56 -0.75 -8.40
N THR K 111 -46.84 -0.84 -8.02
CA THR K 111 -47.79 -1.57 -8.84
C THR K 111 -48.00 -0.87 -10.17
N LEU K 112 -48.00 0.47 -10.16
CA LEU K 112 -48.35 1.23 -11.35
C LEU K 112 -47.23 1.25 -12.39
N LEU K 113 -45.95 1.17 -11.99
CA LEU K 113 -44.83 1.40 -12.93
C LEU K 113 -44.78 0.46 -14.12
N ARG K 114 -45.63 -0.56 -14.18
CA ARG K 114 -45.70 -1.38 -15.38
C ARG K 114 -47.14 -1.68 -15.77
N GLU K 115 -47.35 -1.68 -17.08
CA GLU K 115 -48.68 -1.78 -17.68
C GLU K 115 -48.48 -2.26 -19.11
N PRO K 116 -49.48 -2.02 -19.97
CA PRO K 116 -49.24 -2.11 -21.40
C PRO K 116 -48.07 -1.23 -21.82
N ALA K 117 -47.99 -0.02 -21.27
CA ALA K 117 -46.79 0.83 -21.19
C ALA K 117 -46.36 1.41 -22.53
N LEU K 118 -46.96 0.96 -23.62
CA LEU K 118 -46.85 1.64 -24.90
C LEU K 118 -47.78 2.85 -25.01
N PRO K 119 -49.10 2.75 -24.78
CA PRO K 119 -49.93 3.94 -24.99
C PRO K 119 -49.80 5.00 -23.93
N VAL K 120 -49.20 4.69 -22.78
CA VAL K 120 -49.04 5.69 -21.72
C VAL K 120 -48.09 6.79 -22.17
N ILE K 121 -47.01 6.42 -22.86
CA ILE K 121 -46.08 7.42 -23.37
C ILE K 121 -46.76 8.27 -24.44
N THR K 122 -47.61 7.65 -25.25
CA THR K 122 -48.38 8.41 -26.23
C THR K 122 -49.33 9.38 -25.56
N VAL K 123 -49.91 8.99 -24.42
CA VAL K 123 -50.81 9.88 -23.70
C VAL K 123 -50.03 11.05 -23.09
N LEU K 124 -48.86 10.77 -22.51
CA LEU K 124 -48.01 11.85 -22.01
C LEU K 124 -47.54 12.79 -23.12
N ARG K 125 -47.46 12.31 -24.36
CA ARG K 125 -47.06 13.21 -25.43
C ARG K 125 -48.25 13.99 -26.00
N ASP K 126 -49.29 13.30 -26.46
CA ASP K 126 -50.32 13.96 -27.25
C ASP K 126 -51.36 14.70 -26.42
N SER K 127 -51.34 14.57 -25.09
CA SER K 127 -52.16 15.45 -24.26
C SER K 127 -51.44 15.61 -22.91
N LEU K 128 -50.58 16.61 -22.84
CA LEU K 128 -49.95 16.96 -21.56
C LEU K 128 -50.78 17.90 -20.68
N PRO K 129 -51.25 19.07 -21.14
CA PRO K 129 -51.70 20.07 -20.16
C PRO K 129 -53.07 19.79 -19.58
N ALA K 130 -53.89 18.96 -20.22
CA ALA K 130 -55.14 18.57 -19.60
C ALA K 130 -54.90 17.78 -18.33
N LEU K 131 -53.92 16.86 -18.37
CA LEU K 131 -53.52 16.14 -17.19
C LEU K 131 -52.94 17.07 -16.13
N LEU K 132 -52.21 18.10 -16.57
CA LEU K 132 -51.70 19.08 -15.61
C LEU K 132 -52.80 19.93 -15.00
N LEU K 133 -53.85 20.26 -15.76
CA LEU K 133 -55.01 20.92 -15.18
C LEU K 133 -55.66 20.06 -14.13
N ARG K 134 -55.79 18.76 -14.43
CA ARG K 134 -56.37 17.82 -13.47
C ARG K 134 -55.54 17.77 -12.19
N VAL K 135 -54.22 17.58 -12.34
CA VAL K 135 -53.36 17.42 -11.18
C VAL K 135 -53.29 18.71 -10.37
N ARG K 136 -53.28 19.86 -11.05
CA ARG K 136 -53.30 21.14 -10.37
C ARG K 136 -54.58 21.33 -9.57
N ILE K 137 -55.73 20.92 -10.14
CA ILE K 137 -56.99 21.09 -9.44
C ILE K 137 -57.08 20.19 -8.21
N ILE K 138 -56.72 18.91 -8.37
CA ILE K 138 -56.76 18.01 -7.22
C ILE K 138 -55.76 18.43 -6.14
N ALA K 139 -54.55 18.84 -6.53
CA ALA K 139 -53.56 19.28 -5.55
C ALA K 139 -54.03 20.53 -4.82
N GLU K 140 -54.60 21.50 -5.55
CA GLU K 140 -55.07 22.73 -4.93
C GLU K 140 -56.23 22.45 -3.99
N ALA K 141 -57.15 21.55 -4.37
CA ALA K 141 -58.31 21.27 -3.52
C ALA K 141 -57.91 20.51 -2.26
N VAL K 142 -57.03 19.52 -2.39
CA VAL K 142 -56.64 18.76 -1.22
C VAL K 142 -55.70 19.57 -0.34
N ALA K 143 -55.03 20.57 -0.90
CA ALA K 143 -54.33 21.53 -0.07
C ALA K 143 -55.31 22.46 0.64
N ALA K 144 -56.38 22.83 -0.06
CA ALA K 144 -57.37 23.74 0.52
C ALA K 144 -58.12 23.10 1.68
N GLN K 145 -58.32 21.80 1.65
CA GLN K 145 -58.93 21.15 2.81
C GLN K 145 -57.96 20.90 3.94
N ARG K 146 -56.71 21.34 3.84
CA ARG K 146 -55.83 21.32 4.99
C ARG K 146 -55.24 22.73 5.17
N GLY K 147 -56.11 23.73 5.13
CA GLY K 147 -55.71 25.10 5.40
C GLY K 147 -56.28 25.66 6.68
N THR L 2 -3.75 -37.42 -15.54
CA THR L 2 -3.05 -38.50 -14.83
C THR L 2 -3.08 -38.26 -13.32
N THR L 3 -2.43 -37.18 -12.89
CA THR L 3 -2.38 -36.86 -11.48
C THR L 3 -3.75 -36.38 -11.01
N PRO L 4 -4.12 -36.64 -9.75
CA PRO L 4 -5.33 -36.01 -9.20
C PRO L 4 -5.22 -34.51 -9.09
N THR L 5 -3.98 -33.95 -9.04
CA THR L 5 -3.67 -32.53 -8.99
C THR L 5 -4.41 -31.89 -7.81
N PRO L 6 -3.91 -32.08 -6.56
CA PRO L 6 -4.75 -31.91 -5.35
C PRO L 6 -5.53 -30.60 -5.20
N THR L 7 -5.26 -29.61 -6.05
CA THR L 7 -6.14 -28.45 -6.11
C THR L 7 -7.36 -28.70 -7.00
N GLN L 8 -7.41 -29.84 -7.71
CA GLN L 8 -8.58 -30.19 -8.49
C GLN L 8 -9.61 -30.93 -7.64
N VAL L 9 -9.14 -31.84 -6.77
CA VAL L 9 -10.04 -32.57 -5.90
C VAL L 9 -10.62 -31.68 -4.80
N TRP L 10 -10.01 -30.52 -4.54
CA TRP L 10 -10.69 -29.51 -3.74
C TRP L 10 -11.94 -29.02 -4.46
N ARG L 11 -11.77 -28.47 -5.66
CA ARG L 11 -12.87 -27.88 -6.40
C ARG L 11 -13.92 -28.89 -6.84
N ALA L 12 -13.57 -30.17 -6.85
CA ALA L 12 -14.53 -31.20 -7.25
C ALA L 12 -15.64 -31.43 -6.23
N THR L 13 -15.52 -30.91 -5.01
CA THR L 13 -16.54 -31.17 -3.99
C THR L 13 -17.75 -30.26 -4.10
N VAL L 14 -17.72 -29.24 -4.95
CA VAL L 14 -18.83 -28.30 -5.04
C VAL L 14 -19.27 -28.13 -6.49
N PRO L 15 -20.00 -29.11 -7.04
CA PRO L 15 -20.44 -29.00 -8.45
C PRO L 15 -21.54 -27.98 -8.67
N GLU L 16 -22.20 -27.49 -7.61
CA GLU L 16 -23.20 -26.44 -7.77
C GLU L 16 -22.58 -25.11 -8.19
N LEU L 17 -21.28 -24.94 -8.05
CA LEU L 17 -20.56 -23.81 -8.59
C LEU L 17 -19.80 -24.28 -9.83
N PRO L 18 -20.27 -23.99 -11.04
CA PRO L 18 -19.51 -24.37 -12.24
C PRO L 18 -18.22 -23.57 -12.35
N PRO L 19 -17.25 -24.06 -13.11
CA PRO L 19 -15.92 -23.41 -13.13
C PRO L 19 -15.94 -22.03 -13.77
N LEU L 20 -14.83 -21.31 -13.55
CA LEU L 20 -14.72 -19.92 -13.95
C LEU L 20 -14.09 -19.75 -15.32
N VAL L 21 -13.12 -20.59 -15.66
CA VAL L 21 -12.23 -20.32 -16.80
C VAL L 21 -12.97 -20.53 -18.11
N ASP L 22 -13.36 -21.77 -18.38
CA ASP L 22 -14.02 -22.14 -19.64
C ASP L 22 -14.55 -23.56 -19.48
N GLU L 23 -15.04 -24.13 -20.59
CA GLU L 23 -15.65 -25.45 -20.55
C GLU L 23 -14.60 -26.55 -20.34
N ALA L 24 -13.53 -26.52 -21.14
CA ALA L 24 -12.54 -27.59 -21.09
C ALA L 24 -11.09 -27.12 -21.22
N GLY L 25 -10.84 -25.82 -21.28
CA GLY L 25 -9.48 -25.33 -21.43
C GLY L 25 -9.41 -23.82 -21.52
N ASP L 26 -8.31 -23.24 -21.04
CA ASP L 26 -8.20 -21.79 -20.93
C ASP L 26 -8.05 -21.12 -22.30
N THR L 27 -9.18 -20.74 -22.90
CA THR L 27 -9.22 -20.12 -24.21
C THR L 27 -10.09 -18.88 -24.17
N GLY L 28 -9.66 -17.83 -24.87
CA GLY L 28 -10.48 -16.66 -25.10
C GLY L 28 -10.47 -15.61 -24.01
N SER L 29 -9.73 -15.82 -22.92
CA SER L 29 -9.67 -14.83 -21.85
C SER L 29 -8.33 -14.92 -21.16
N ALA L 30 -7.73 -13.77 -20.88
CA ALA L 30 -6.42 -13.71 -20.22
C ALA L 30 -6.50 -13.44 -18.74
N THR L 31 -7.45 -12.62 -18.29
CA THR L 31 -7.61 -12.35 -16.87
C THR L 31 -8.24 -13.52 -16.13
N ALA L 32 -8.94 -14.42 -16.84
CA ALA L 32 -9.50 -15.60 -16.20
C ALA L 32 -8.41 -16.55 -15.73
N ARG L 33 -7.33 -16.67 -16.51
CA ARG L 33 -6.19 -17.48 -16.08
C ARG L 33 -5.56 -16.93 -14.81
N ALA L 34 -5.39 -15.60 -14.74
CA ALA L 34 -4.85 -14.98 -13.54
C ALA L 34 -5.78 -15.16 -12.35
N ALA L 35 -7.09 -15.02 -12.57
CA ALA L 35 -8.05 -15.21 -11.49
C ALA L 35 -8.05 -16.65 -10.98
N ASP L 36 -7.97 -17.62 -11.88
CA ASP L 36 -7.92 -19.02 -11.49
C ASP L 36 -6.63 -19.34 -10.75
N THR L 37 -5.51 -18.79 -11.22
CA THR L 37 -4.24 -18.98 -10.53
C THR L 37 -4.28 -18.39 -9.13
N ALA L 38 -4.87 -17.19 -8.99
CA ALA L 38 -5.00 -16.56 -7.68
C ALA L 38 -5.89 -17.36 -6.75
N GLU L 39 -7.02 -17.86 -7.26
CA GLU L 39 -7.91 -18.66 -6.44
C GLU L 39 -7.25 -19.95 -5.99
N ARG L 40 -6.52 -20.63 -6.89
CA ARG L 40 -5.82 -21.84 -6.54
C ARG L 40 -4.72 -21.58 -5.51
N LEU L 41 -3.99 -20.47 -5.69
CA LEU L 41 -2.92 -20.12 -4.75
C LEU L 41 -3.48 -19.83 -3.37
N LEU L 42 -4.55 -19.04 -3.29
CA LEU L 42 -5.10 -18.70 -1.99
C LEU L 42 -5.85 -19.88 -1.38
N LEU L 43 -6.33 -20.81 -2.21
CA LEU L 43 -6.91 -22.05 -1.69
C LEU L 43 -5.84 -22.94 -1.09
N LEU L 44 -4.63 -22.95 -1.67
CA LEU L 44 -3.53 -23.66 -1.05
C LEU L 44 -2.83 -22.81 0.00
N LEU L 45 -3.61 -22.14 0.84
CA LEU L 45 -3.11 -21.38 1.97
C LEU L 45 -3.96 -21.55 3.21
N HIS L 46 -5.20 -22.02 3.09
CA HIS L 46 -6.09 -22.23 4.22
C HIS L 46 -5.98 -23.63 4.78
N TYR L 47 -5.69 -24.61 3.93
CA TYR L 47 -5.49 -25.98 4.36
C TYR L 47 -4.02 -26.31 4.56
N SER L 48 -3.14 -25.31 4.48
CA SER L 48 -1.72 -25.49 4.71
C SER L 48 -1.32 -25.21 6.16
N ILE L 49 -2.25 -24.72 6.98
CA ILE L 49 -1.97 -24.42 8.38
C ILE L 49 -2.85 -25.29 9.27
N ASP L 50 -2.76 -25.09 10.58
CA ASP L 50 -3.46 -25.96 11.54
C ASP L 50 -4.98 -25.86 11.37
N TRP L 51 -5.51 -24.67 11.14
CA TRP L 51 -6.94 -24.52 10.91
C TRP L 51 -7.21 -23.74 9.63
N SER L 54 -3.14 -23.19 15.42
CA SER L 54 -1.99 -22.74 16.17
C SER L 54 -2.07 -21.24 16.44
N TRP L 55 -3.14 -20.61 15.96
CA TRP L 55 -3.37 -19.20 16.18
C TRP L 55 -4.21 -19.03 17.45
N VAL L 56 -4.74 -17.82 17.67
CA VAL L 56 -5.53 -17.53 18.86
C VAL L 56 -6.84 -18.32 18.79
N ALA L 57 -7.24 -18.89 19.94
CA ALA L 57 -8.23 -19.95 19.98
C ALA L 57 -9.54 -19.47 20.58
N ASP L 58 -10.60 -19.53 19.78
CA ASP L 58 -11.97 -19.52 20.25
C ASP L 58 -12.74 -20.50 19.37
N PRO L 59 -13.97 -20.95 19.81
CA PRO L 59 -14.65 -22.04 19.07
C PRO L 59 -14.92 -21.85 17.58
N LYS L 60 -14.58 -20.69 17.01
CA LYS L 60 -14.57 -20.52 15.57
C LYS L 60 -13.20 -20.16 15.00
N HIS L 61 -12.19 -20.02 15.87
CA HIS L 61 -10.82 -19.60 15.51
C HIS L 61 -10.78 -18.25 14.81
N ARG L 62 -11.79 -17.40 15.08
CA ARG L 62 -11.85 -16.01 14.63
C ARG L 62 -11.76 -15.86 13.11
N LYS L 63 -12.42 -16.79 12.40
CA LYS L 63 -12.64 -16.75 10.96
C LYS L 63 -11.32 -16.64 10.18
N THR L 64 -10.48 -17.65 10.35
CA THR L 64 -9.18 -17.71 9.69
C THR L 64 -9.33 -18.26 8.27
N TRP L 66 -13.98 -16.62 4.71
CA TRP L 66 -13.68 -16.33 6.11
C TRP L 66 -13.12 -14.92 6.21
N ASP L 67 -13.87 -14.02 6.86
CA ASP L 67 -13.52 -12.60 6.79
C ASP L 67 -13.45 -12.04 8.22
N GLU L 68 -12.33 -12.25 8.88
CA GLU L 68 -12.00 -11.41 10.02
C GLU L 68 -10.57 -10.91 9.99
N LEU L 69 -9.62 -11.76 9.58
CA LEU L 69 -8.22 -11.33 9.46
C LEU L 69 -7.51 -11.88 8.24
N LEU L 70 -8.05 -12.91 7.57
CA LEU L 70 -7.40 -13.42 6.36
C LEU L 70 -7.35 -12.41 5.23
N PRO L 71 -8.44 -11.70 4.85
CA PRO L 71 -8.29 -10.69 3.78
C PRO L 71 -7.33 -9.57 4.12
N GLY L 72 -7.28 -9.16 5.39
CA GLY L 72 -6.35 -8.11 5.77
C GLY L 72 -4.90 -8.53 5.60
N ARG L 73 -4.57 -9.74 6.05
CA ARG L 73 -3.18 -10.22 5.95
C ARG L 73 -2.80 -10.51 4.51
N VAL L 74 -3.73 -11.08 3.72
CA VAL L 74 -3.45 -11.34 2.31
C VAL L 74 -3.27 -10.03 1.56
N ARG L 75 -4.10 -9.02 1.83
CA ARG L 75 -3.95 -7.71 1.21
C ARG L 75 -2.63 -7.07 1.60
N ARG L 76 -2.25 -7.15 2.88
CA ARG L 76 -1.01 -6.54 3.34
C ARG L 76 0.20 -7.20 2.69
N ALA L 77 0.17 -8.52 2.55
CA ALA L 77 1.25 -9.20 1.84
C ALA L 77 1.20 -8.95 0.34
N ALA L 78 0.05 -8.54 -0.19
CA ALA L 78 -0.09 -8.28 -1.62
C ALA L 78 0.51 -6.95 -2.06
N TYR L 79 1.21 -6.24 -1.19
CA TYR L 79 1.87 -4.99 -1.55
C TYR L 79 3.37 -5.16 -1.70
N ARG L 80 3.82 -6.33 -2.14
CA ARG L 80 5.22 -6.59 -2.45
C ARG L 80 5.30 -7.33 -3.78
N ALA L 81 6.51 -7.39 -4.33
CA ALA L 81 6.75 -7.96 -5.66
C ALA L 81 7.88 -8.97 -5.58
N ASP L 82 7.78 -10.05 -6.37
CA ASP L 82 6.65 -10.34 -7.24
C ASP L 82 5.68 -11.40 -6.67
N THR L 83 6.16 -12.62 -6.45
CA THR L 83 5.34 -13.65 -5.83
C THR L 83 6.03 -14.40 -4.70
N LEU L 84 7.34 -14.62 -4.78
CA LEU L 84 8.07 -15.31 -3.71
C LEU L 84 8.12 -14.45 -2.45
N ASP L 85 8.41 -13.15 -2.61
CA ASP L 85 8.38 -12.22 -1.49
C ASP L 85 6.99 -12.10 -0.89
N ARG L 86 5.96 -12.15 -1.74
CA ARG L 86 4.58 -12.14 -1.26
C ARG L 86 4.32 -13.34 -0.35
N TRP L 87 4.74 -14.53 -0.78
CA TRP L 87 4.40 -15.70 0.02
C TRP L 87 5.23 -15.76 1.29
N TRP L 88 6.48 -15.29 1.25
CA TRP L 88 7.27 -15.13 2.47
C TRP L 88 6.60 -14.19 3.45
N SER L 89 6.13 -13.04 2.97
CA SER L 89 5.47 -12.07 3.85
C SER L 89 4.22 -12.65 4.46
N GLU L 90 3.46 -13.41 3.67
CA GLU L 90 2.24 -14.02 4.20
C GLU L 90 2.56 -15.11 5.22
N VAL L 91 3.50 -16.01 4.90
CA VAL L 91 3.72 -17.16 5.76
C VAL L 91 4.41 -16.74 7.05
N ALA L 92 5.22 -15.68 7.00
CA ALA L 92 5.75 -15.12 8.24
C ALA L 92 4.67 -14.34 8.99
N GLY L 93 3.70 -13.77 8.27
CA GLY L 93 2.62 -13.08 8.91
C GLY L 93 1.63 -13.98 9.62
N GLN L 94 0.84 -14.74 8.86
CA GLN L 94 -0.33 -15.39 9.42
C GLN L 94 -0.05 -16.50 10.42
N LEU L 95 0.42 -17.67 9.96
CA LEU L 95 0.71 -18.74 10.92
C LEU L 95 2.11 -19.30 10.76
N GLY L 96 2.45 -19.72 9.54
CA GLY L 96 3.74 -20.33 9.27
C GLY L 96 3.72 -21.84 9.20
N ALA L 97 3.62 -22.39 7.99
CA ALA L 97 3.75 -23.81 7.70
C ALA L 97 3.91 -23.99 6.19
N PRO L 98 4.94 -24.70 5.73
CA PRO L 98 5.13 -24.88 4.28
C PRO L 98 4.03 -25.68 3.60
N ALA L 99 3.85 -26.94 4.03
CA ALA L 99 2.85 -27.87 3.54
C ALA L 99 2.90 -29.12 4.42
N PRO L 100 1.78 -29.83 4.59
CA PRO L 100 1.83 -31.10 5.34
C PRO L 100 2.53 -32.21 4.56
N ARG L 101 2.57 -33.41 5.13
CA ARG L 101 3.22 -34.53 4.46
C ARG L 101 2.35 -35.06 3.33
N HIS L 102 2.20 -34.26 2.27
CA HIS L 102 1.54 -34.66 1.03
C HIS L 102 2.31 -33.98 -0.08
N ARG L 103 3.23 -34.73 -0.70
CA ARG L 103 4.16 -34.14 -1.67
C ARG L 103 3.47 -33.61 -2.92
N ASP L 104 2.25 -34.08 -3.20
CA ASP L 104 1.50 -33.54 -4.33
C ASP L 104 1.14 -32.07 -4.10
N ARG L 105 0.67 -31.74 -2.89
CA ARG L 105 0.36 -30.36 -2.55
C ARG L 105 1.60 -29.48 -2.62
N ARG L 106 2.72 -29.97 -2.09
CA ARG L 106 3.97 -29.24 -2.09
C ARG L 106 4.50 -28.98 -3.50
N LEU L 107 4.45 -30.01 -4.36
CA LEU L 107 4.95 -29.83 -5.72
C LEU L 107 4.04 -28.92 -6.52
N GLU L 108 2.72 -29.04 -6.34
CA GLU L 108 1.78 -28.15 -7.02
C GLU L 108 1.97 -26.71 -6.58
N LEU L 109 2.18 -26.50 -5.27
CA LEU L 109 2.40 -25.16 -4.75
C LEU L 109 3.67 -24.56 -5.33
N ALA L 110 4.79 -25.28 -5.23
CA ALA L 110 6.06 -24.73 -5.71
C ALA L 110 6.09 -24.59 -7.23
N THR L 111 5.28 -25.37 -7.94
CA THR L 111 5.07 -25.08 -9.36
C THR L 111 4.33 -23.75 -9.51
N LEU L 112 3.39 -23.46 -8.62
CA LEU L 112 2.52 -22.30 -8.79
C LEU L 112 3.22 -20.99 -8.47
N LEU L 113 4.21 -20.97 -7.55
CA LEU L 113 4.76 -19.70 -7.05
C LEU L 113 5.39 -18.80 -8.11
N ARG L 114 5.50 -19.24 -9.35
CA ARG L 114 5.96 -18.34 -10.41
C ARG L 114 5.12 -18.51 -11.67
N GLU L 115 4.87 -17.38 -12.32
CA GLU L 115 3.96 -17.26 -13.45
C GLU L 115 4.34 -15.99 -14.19
N PRO L 116 3.41 -15.46 -14.99
CA PRO L 116 3.53 -14.09 -15.45
C PRO L 116 3.72 -13.14 -14.28
N ALA L 117 2.95 -13.34 -13.20
CA ALA L 117 3.20 -12.84 -11.85
C ALA L 117 3.01 -11.34 -11.69
N LEU L 118 2.82 -10.63 -12.79
CA LEU L 118 2.34 -9.26 -12.76
C LEU L 118 0.82 -9.17 -12.57
N PRO L 119 -0.03 -9.84 -13.38
CA PRO L 119 -1.48 -9.64 -13.20
C PRO L 119 -2.05 -10.34 -11.99
N VAL L 120 -1.32 -11.27 -11.38
CA VAL L 120 -1.84 -11.97 -10.20
C VAL L 120 -1.98 -11.01 -9.03
N ILE L 121 -1.00 -10.12 -8.86
CA ILE L 121 -1.09 -9.12 -7.80
C ILE L 121 -2.25 -8.16 -8.06
N THR L 122 -2.47 -7.82 -9.34
CA THR L 122 -3.61 -6.99 -9.69
C THR L 122 -4.92 -7.68 -9.38
N VAL L 123 -4.97 -9.01 -9.57
CA VAL L 123 -6.20 -9.76 -9.25
C VAL L 123 -6.42 -9.82 -7.75
N LEU L 124 -5.35 -10.03 -6.97
CA LEU L 124 -5.48 -9.99 -5.52
C LEU L 124 -5.89 -8.60 -5.01
N ARG L 125 -5.58 -7.55 -5.77
CA ARG L 125 -6.01 -6.23 -5.32
C ARG L 125 -7.44 -5.90 -5.76
N ASP L 126 -7.71 -5.97 -7.06
CA ASP L 126 -8.97 -5.42 -7.58
C ASP L 126 -10.16 -6.35 -7.41
N SER L 127 -9.96 -7.59 -6.98
CA SER L 127 -11.10 -8.42 -6.59
C SER L 127 -10.62 -9.39 -5.51
N LEU L 128 -10.70 -8.97 -4.26
CA LEU L 128 -10.41 -9.86 -3.14
C LEU L 128 -11.60 -10.72 -2.69
N PRO L 129 -12.79 -10.19 -2.38
CA PRO L 129 -13.74 -10.99 -1.62
C PRO L 129 -14.47 -12.03 -2.44
N ALA L 130 -14.52 -11.89 -3.77
CA ALA L 130 -15.08 -12.95 -4.58
C ALA L 130 -14.25 -14.23 -4.48
N LEU L 131 -12.93 -14.08 -4.50
CA LEU L 131 -12.05 -15.22 -4.28
C LEU L 131 -12.21 -15.78 -2.88
N LEU L 132 -12.47 -14.93 -1.89
CA LEU L 132 -12.72 -15.41 -0.54
C LEU L 132 -14.05 -16.14 -0.43
N LEU L 133 -15.08 -15.69 -1.16
CA LEU L 133 -16.33 -16.44 -1.23
C LEU L 133 -16.10 -17.82 -1.82
N ARG L 134 -15.31 -17.87 -2.89
CA ARG L 134 -14.98 -19.16 -3.52
C ARG L 134 -14.26 -20.07 -2.54
N VAL L 135 -13.22 -19.56 -1.88
CA VAL L 135 -12.41 -20.40 -1.00
C VAL L 135 -13.21 -20.83 0.21
N ARG L 136 -14.06 -19.94 0.74
CA ARG L 136 -14.94 -20.28 1.84
C ARG L 136 -15.92 -21.39 1.46
N ILE L 137 -16.48 -21.32 0.25
CA ILE L 137 -17.44 -22.32 -0.17
C ILE L 137 -16.78 -23.68 -0.35
N ILE L 138 -15.64 -23.73 -1.05
CA ILE L 138 -14.95 -25.00 -1.24
C ILE L 138 -14.48 -25.58 0.09
N ALA L 139 -13.93 -24.73 0.97
CA ALA L 139 -13.47 -25.23 2.27
C ALA L 139 -14.63 -25.76 3.10
N GLU L 140 -15.76 -25.05 3.11
CA GLU L 140 -16.92 -25.50 3.88
C GLU L 140 -17.48 -26.80 3.32
N ALA L 141 -17.52 -26.95 1.98
CA ALA L 141 -18.08 -28.15 1.39
C ALA L 141 -17.17 -29.36 1.61
N VAL L 142 -15.86 -29.18 1.45
CA VAL L 142 -14.97 -30.31 1.63
C VAL L 142 -14.81 -30.64 3.11
N ALA L 143 -15.08 -29.68 4.00
CA ALA L 143 -15.21 -30.01 5.42
C ALA L 143 -16.50 -30.76 5.68
N ALA L 144 -17.58 -30.39 4.99
CA ALA L 144 -18.88 -31.02 5.20
C ALA L 144 -18.88 -32.47 4.73
N GLN L 145 -18.09 -32.80 3.71
CA GLN L 145 -17.99 -34.21 3.34
C GLN L 145 -17.05 -35.01 4.22
N ARG L 146 -16.49 -34.40 5.27
CA ARG L 146 -15.76 -35.18 6.25
C ARG L 146 -16.33 -34.85 7.64
N GLY L 147 -17.65 -34.88 7.75
CA GLY L 147 -18.31 -34.68 9.03
C GLY L 147 -19.02 -35.92 9.53
#